data_8QPG
#
_entry.id   8QPG
#
_cell.length_a   1.00
_cell.length_b   1.00
_cell.length_c   1.00
_cell.angle_alpha   90.00
_cell.angle_beta   90.00
_cell.angle_gamma   90.00
#
_symmetry.space_group_name_H-M   'P 1'
#
loop_
_entity.id
_entity.type
_entity.pdbx_description
1 polymer 'Prokaryotic polysaccharide deacetylase'
2 polymer gp30
3 non-polymer 'ZINC ION'
4 non-polymer 'MAGNESIUM ION'
#
loop_
_entity_poly.entity_id
_entity_poly.type
_entity_poly.pdbx_seq_one_letter_code
_entity_poly.pdbx_strand_id
1 'polypeptide(L)'
;MTGLNPDGLGRTAAFSNTSAESVSAVDATIDRLYAQDRIEIPTDSRQLFSTRGTVLRNFEDLSGWTANIGSLSAETSDVY
VGSQSARLTASSSAVDIRYSFGTAQDFTGKGFSMALKRIDVSGSSDSTPIKIRLVDGNTNYRTFSARCRPGGGDEWGRRD
FGFESEDTGFDVTNVQTMTVTTNSRSSIDILVDDIRVVDSSGTGQVIVTIDDVHTGDKTAAEVFGRYGIPIGLAANAKFL
DQSSSKLTTQEFKDLLAKPHVYAVNHGYNHYDYGSYSIDEIEDDVIRGKYELQDLGVREPNINHYVYPSGNYAQESIDML
SNYHVMSWGTGAESFDALTPNQLTSPWHNLRCSFDSGTAEAEQAVNDAATYNQTAHIYFHSDNVTQSEMESVAQTINSAD
VTPITLMDFYNQQ
;
TC,TA,TB
2 'polypeptide(L)'
;MTDTIVNVQGSFFSASASGVADTESLLIDPQDAKFGAIEIHNIA(NEP)GGSVDVELLTSSDDTELVEDAAVTLDSFTGE
GISQGNQIEASDNTNTYIRITNTSGGAIDIIATGREVSQ
;
TD,TE,TF,TG,TH,TI
#
loop_
_chem_comp.id
_chem_comp.type
_chem_comp.name
_chem_comp.formula
MG non-polymer 'MAGNESIUM ION' 'Mg 2'
ZN non-polymer 'ZINC ION' 'Zn 2'
#
# COMPACT_ATOMS: atom_id res chain seq x y z
N THR A 2 -9.16 16.58 -16.32
CA THR A 2 -8.79 15.24 -16.88
C THR A 2 -7.37 15.30 -17.43
N GLY A 3 -7.07 16.36 -18.20
CA GLY A 3 -5.79 16.53 -18.87
C GLY A 3 -5.74 15.78 -20.21
N LEU A 4 -4.57 15.84 -20.85
CA LEU A 4 -4.34 15.12 -22.10
C LEU A 4 -3.78 13.73 -21.77
N ASN A 5 -3.80 12.84 -22.78
CA ASN A 5 -3.40 11.46 -22.59
C ASN A 5 -1.95 11.36 -22.12
N PRO A 6 -1.62 10.41 -21.21
CA PRO A 6 -0.22 10.21 -20.79
C PRO A 6 0.69 9.89 -21.97
N ASP A 7 1.97 10.23 -21.74
CA ASP A 7 3.10 9.87 -22.56
C ASP A 7 3.09 8.37 -22.86
N GLY A 8 3.15 8.01 -24.14
CA GLY A 8 3.56 6.68 -24.51
C GLY A 8 2.86 6.16 -25.75
N LEU A 9 3.46 5.13 -26.33
CA LEU A 9 2.78 4.32 -27.32
C LEU A 9 2.02 3.20 -26.62
N GLY A 10 1.29 2.40 -27.42
CA GLY A 10 0.20 1.59 -26.90
C GLY A 10 -0.99 2.46 -26.53
N ARG A 11 -2.05 1.81 -26.07
CA ARG A 11 -3.27 2.48 -25.65
C ARG A 11 -3.00 3.28 -24.37
N THR A 12 -2.83 4.61 -24.49
CA THR A 12 -2.76 5.48 -23.33
C THR A 12 -4.13 6.10 -23.15
N ALA A 13 -4.46 6.50 -21.91
CA ALA A 13 -5.77 7.08 -21.62
C ALA A 13 -5.72 7.98 -20.39
N ALA A 14 -6.32 9.17 -20.51
CA ALA A 14 -6.57 10.05 -19.38
C ALA A 14 -8.03 9.89 -18.96
N PHE A 15 -8.24 9.58 -17.68
CA PHE A 15 -9.56 9.38 -17.13
C PHE A 15 -9.83 10.36 -15.99
N SER A 16 -11.11 10.61 -15.76
CA SER A 16 -11.52 11.15 -14.48
C SER A 16 -11.65 9.98 -13.51
N ASN A 17 -12.81 9.32 -13.51
CA ASN A 17 -13.10 8.26 -12.56
C ASN A 17 -13.21 6.93 -13.29
N THR A 18 -12.44 5.94 -12.83
CA THR A 18 -12.56 4.58 -13.33
C THR A 18 -12.97 3.62 -12.22
N SER A 19 -13.72 2.60 -12.63
CA SER A 19 -14.05 1.49 -11.79
C SER A 19 -13.58 0.23 -12.49
N ALA A 20 -13.02 -0.72 -11.73
CA ALA A 20 -12.57 -1.98 -12.28
C ALA A 20 -12.83 -3.09 -11.27
N GLU A 21 -12.96 -4.32 -11.77
CA GLU A 21 -12.95 -5.47 -10.90
C GLU A 21 -11.49 -5.79 -10.55
N SER A 22 -10.66 -5.95 -11.58
CA SER A 22 -9.24 -6.26 -11.37
C SER A 22 -8.35 -5.30 -12.16
N VAL A 23 -7.34 -4.74 -11.48
CA VAL A 23 -6.35 -3.88 -12.09
C VAL A 23 -4.98 -4.57 -11.96
N SER A 24 -4.28 -4.71 -13.10
CA SER A 24 -2.87 -5.07 -13.11
C SER A 24 -2.05 -3.87 -13.56
N ALA A 25 -1.05 -3.51 -12.77
CA ALA A 25 -0.12 -2.45 -13.15
C ALA A 25 1.30 -2.90 -12.86
N VAL A 26 2.25 -2.48 -13.70
CA VAL A 26 3.64 -2.63 -13.31
C VAL A 26 3.96 -1.52 -12.31
N ASP A 27 3.87 -0.26 -12.75
CA ASP A 27 4.05 0.88 -11.86
C ASP A 27 2.69 1.49 -11.54
N ALA A 28 2.41 1.73 -10.25
CA ALA A 28 1.26 2.55 -9.89
C ALA A 28 1.69 3.69 -8.98
N THR A 29 1.49 4.93 -9.47
CA THR A 29 1.73 6.14 -8.69
C THR A 29 0.38 6.65 -8.19
N ILE A 30 0.19 6.60 -6.88
CA ILE A 30 -1.09 6.96 -6.28
C ILE A 30 -0.82 8.06 -5.25
N ASP A 31 -1.48 9.21 -5.42
CA ASP A 31 -1.28 10.37 -4.56
C ASP A 31 -1.95 10.20 -3.19
N ARG A 32 -3.08 9.48 -3.17
CA ARG A 32 -3.80 9.18 -1.93
C ARG A 32 -4.43 7.79 -2.00
N LEU A 33 -3.94 6.90 -1.13
CA LEU A 33 -4.26 5.48 -1.20
C LEU A 33 -5.31 5.10 -0.17
N TYR A 34 -6.39 4.47 -0.66
CA TYR A 34 -7.44 3.90 0.17
C TYR A 34 -7.41 2.39 -0.02
N ALA A 35 -6.48 1.73 0.69
CA ALA A 35 -6.24 0.31 0.51
C ALA A 35 -5.80 -0.34 1.83
N GLN A 36 -6.65 -0.22 2.85
CA GLN A 36 -6.34 -0.78 4.16
C GLN A 36 -6.27 -2.31 4.13
N ASP A 37 -7.00 -2.92 3.20
CA ASP A 37 -7.12 -4.37 3.09
C ASP A 37 -6.04 -4.95 2.17
N ARG A 38 -4.85 -5.20 2.75
CA ARG A 38 -3.77 -5.86 2.04
C ARG A 38 -4.01 -7.35 2.00
N ILE A 39 -3.80 -7.95 0.83
CA ILE A 39 -3.70 -9.39 0.74
C ILE A 39 -2.24 -9.77 0.87
N GLU A 40 -1.43 -9.14 0.02
CA GLU A 40 -0.03 -9.45 -0.12
C GLU A 40 0.74 -8.47 0.76
N ILE A 41 1.49 -8.99 1.73
CA ILE A 41 2.15 -8.16 2.72
C ILE A 41 3.59 -7.90 2.28
N PRO A 42 4.12 -6.68 2.49
CA PRO A 42 5.50 -6.37 2.11
C PRO A 42 6.55 -7.17 2.88
N THR A 43 6.27 -7.52 4.15
CA THR A 43 7.22 -8.17 5.06
C THR A 43 7.44 -9.66 4.75
N ASP A 44 8.70 -10.05 4.49
CA ASP A 44 9.08 -11.45 4.47
C ASP A 44 9.69 -11.83 5.83
N SER A 45 8.94 -12.59 6.63
CA SER A 45 9.37 -12.92 7.98
C SER A 45 10.27 -14.15 8.05
N ARG A 46 10.43 -14.90 6.95
CA ARG A 46 11.00 -16.25 6.96
C ARG A 46 12.39 -16.31 7.61
N GLN A 47 13.24 -15.29 7.36
CA GLN A 47 14.63 -15.33 7.78
C GLN A 47 15.03 -14.16 8.68
N LEU A 48 14.07 -13.32 9.10
CA LEU A 48 14.37 -12.16 9.94
C LEU A 48 14.91 -12.59 11.30
N PHE A 49 14.28 -13.62 11.87
CA PHE A 49 14.52 -14.02 13.26
C PHE A 49 15.61 -15.09 13.38
N SER A 50 16.05 -15.66 12.24
CA SER A 50 16.95 -16.80 12.18
C SER A 50 18.29 -16.53 12.88
N THR A 51 18.72 -15.26 12.90
CA THR A 51 20.01 -14.87 13.45
C THR A 51 19.87 -14.11 14.77
N ARG A 52 18.73 -14.30 15.46
CA ARG A 52 18.55 -13.71 16.78
C ARG A 52 19.46 -14.43 17.76
N GLY A 53 19.82 -13.75 18.86
CA GLY A 53 20.72 -14.30 19.87
C GLY A 53 22.10 -14.61 19.30
N THR A 54 22.81 -15.52 19.98
CA THR A 54 24.19 -15.85 19.65
C THR A 54 24.30 -17.35 19.40
N VAL A 55 25.21 -17.76 18.52
CA VAL A 55 25.49 -19.17 18.32
C VAL A 55 26.23 -19.71 19.54
N LEU A 56 25.63 -20.75 20.14
CA LEU A 56 26.31 -21.53 21.14
C LEU A 56 27.10 -22.64 20.44
N ARG A 57 26.39 -23.66 19.92
CA ARG A 57 27.04 -24.80 19.30
C ARG A 57 26.98 -24.67 17.78
N ASN A 58 28.14 -24.91 17.19
CA ASN A 58 28.49 -24.44 15.88
C ASN A 58 28.51 -25.58 14.86
N PHE A 59 28.91 -26.76 15.33
CA PHE A 59 29.11 -28.00 14.57
C PHE A 59 30.20 -27.91 13.50
N GLU A 60 30.99 -26.84 13.49
CA GLU A 60 32.09 -26.67 12.55
C GLU A 60 33.32 -27.52 12.94
N ASP A 61 33.32 -28.06 14.17
CA ASP A 61 34.32 -29.01 14.63
C ASP A 61 33.63 -30.02 15.55
N LEU A 62 33.49 -31.27 15.08
CA LEU A 62 32.75 -32.27 15.83
C LEU A 62 33.60 -32.98 16.88
N SER A 63 34.86 -32.54 17.08
CA SER A 63 35.77 -33.15 18.06
C SER A 63 35.27 -32.98 19.49
N GLY A 64 34.59 -31.85 19.76
CA GLY A 64 34.07 -31.53 21.09
C GLY A 64 32.86 -32.36 21.49
N TRP A 65 32.27 -33.10 20.52
CA TRP A 65 31.07 -33.90 20.71
C TRP A 65 31.41 -35.39 20.83
N THR A 66 30.79 -36.04 21.82
CA THR A 66 30.88 -37.48 22.02
C THR A 66 29.54 -38.12 21.66
N ALA A 67 29.54 -39.12 20.77
CA ALA A 67 28.34 -39.89 20.50
C ALA A 67 28.18 -40.97 21.58
N ASN A 68 27.27 -40.72 22.52
CA ASN A 68 26.99 -41.60 23.64
C ASN A 68 26.23 -42.84 23.16
N ILE A 69 25.17 -42.61 22.37
CA ILE A 69 24.48 -43.63 21.60
C ILE A 69 24.12 -43.07 20.23
N GLY A 70 23.92 -43.96 19.24
CA GLY A 70 23.88 -43.52 17.86
C GLY A 70 25.26 -43.10 17.36
N SER A 71 25.27 -42.32 16.27
CA SER A 71 26.50 -41.94 15.59
C SER A 71 26.40 -40.52 15.03
N LEU A 72 27.56 -39.87 14.91
CA LEU A 72 27.67 -38.48 14.54
C LEU A 72 28.73 -38.33 13.44
N SER A 73 28.38 -37.63 12.36
CA SER A 73 29.32 -37.37 11.29
C SER A 73 29.12 -35.97 10.70
N ALA A 74 30.18 -35.44 10.08
CA ALA A 74 30.12 -34.14 9.44
C ALA A 74 29.33 -34.23 8.13
N GLU A 75 28.41 -33.29 7.95
CA GLU A 75 27.77 -33.06 6.67
C GLU A 75 28.34 -31.76 6.10
N THR A 76 29.04 -31.87 4.96
CA THR A 76 29.75 -30.76 4.34
C THR A 76 29.10 -30.29 3.03
N SER A 77 28.10 -31.04 2.54
CA SER A 77 27.39 -30.74 1.30
C SER A 77 26.02 -30.13 1.58
N ASP A 78 25.32 -30.65 2.61
CA ASP A 78 23.99 -30.19 2.98
C ASP A 78 24.06 -29.39 4.28
N VAL A 79 24.48 -28.13 4.12
CA VAL A 79 24.90 -27.34 5.27
C VAL A 79 23.89 -26.20 5.46
N TYR A 80 23.43 -26.05 6.69
CA TYR A 80 22.62 -24.90 7.05
C TYR A 80 23.49 -23.63 7.08
N VAL A 81 24.51 -23.66 7.93
CA VAL A 81 25.29 -22.48 8.29
C VAL A 81 26.75 -22.89 8.46
N GLY A 82 27.65 -22.15 7.80
CA GLY A 82 29.08 -22.37 7.95
C GLY A 82 29.63 -23.34 6.92
N SER A 83 30.73 -24.03 7.30
CA SER A 83 31.37 -25.02 6.46
C SER A 83 30.69 -26.38 6.58
N GLN A 84 30.04 -26.65 7.74
CA GLN A 84 29.41 -27.93 7.96
C GLN A 84 28.27 -27.90 8.99
N SER A 85 27.50 -29.00 8.95
CA SER A 85 26.43 -29.33 9.85
C SER A 85 26.66 -30.76 10.34
N ALA A 86 25.85 -31.23 11.29
CA ALA A 86 26.05 -32.55 11.89
C ALA A 86 24.95 -33.50 11.43
N ARG A 87 25.34 -34.68 10.92
CA ARG A 87 24.41 -35.77 10.69
C ARG A 87 24.34 -36.65 11.94
N LEU A 88 23.13 -36.78 12.49
CA LEU A 88 22.84 -37.68 13.59
C LEU A 88 22.17 -38.93 13.02
N THR A 89 22.80 -40.08 13.23
CA THR A 89 22.35 -41.32 12.61
C THR A 89 22.28 -42.43 13.65
N ALA A 90 21.20 -43.21 13.61
CA ALA A 90 21.05 -44.34 14.51
C ALA A 90 20.27 -45.47 13.83
N SER A 91 20.62 -46.71 14.20
CA SER A 91 19.87 -47.91 13.84
C SER A 91 19.39 -48.59 15.11
N SER A 92 18.08 -48.81 15.21
CA SER A 92 17.40 -49.48 16.32
C SER A 92 17.87 -48.95 17.68
N SER A 93 18.01 -47.62 17.78
CA SER A 93 18.51 -46.93 18.96
C SER A 93 18.17 -45.44 18.89
N ALA A 94 18.30 -44.74 20.03
CA ALA A 94 18.29 -43.29 20.03
C ALA A 94 19.67 -42.75 19.66
N VAL A 95 19.73 -41.48 19.25
CA VAL A 95 21.01 -40.78 19.20
C VAL A 95 21.10 -39.82 20.38
N ASP A 96 22.27 -39.77 21.02
CA ASP A 96 22.59 -38.91 22.14
C ASP A 96 24.04 -38.47 21.93
N ILE A 97 24.22 -37.18 21.64
CA ILE A 97 25.55 -36.60 21.43
C ILE A 97 25.77 -35.55 22.52
N ARG A 98 27.00 -35.50 23.05
CA ARG A 98 27.29 -34.69 24.24
C ARG A 98 28.48 -33.78 24.02
N TYR A 99 28.29 -32.51 24.40
CA TYR A 99 29.36 -31.52 24.38
C TYR A 99 29.65 -31.09 25.82
N SER A 100 30.88 -31.33 26.29
CA SER A 100 31.28 -30.84 27.60
C SER A 100 31.91 -29.45 27.47
N PHE A 101 31.40 -28.52 28.28
CA PHE A 101 31.92 -27.16 28.29
C PHE A 101 33.25 -27.13 29.03
N GLY A 102 34.20 -26.32 28.53
CA GLY A 102 35.50 -26.11 29.14
C GLY A 102 35.41 -25.51 30.55
N THR A 103 34.31 -24.78 30.80
CA THR A 103 34.02 -24.13 32.07
C THR A 103 32.52 -24.15 32.31
N ALA A 104 32.09 -24.10 33.58
CA ALA A 104 30.67 -24.13 33.93
C ALA A 104 29.91 -22.96 33.29
N GLN A 105 28.81 -23.28 32.60
CA GLN A 105 27.97 -22.30 31.95
C GLN A 105 26.78 -21.91 32.83
N ASP A 106 26.40 -20.64 32.74
CA ASP A 106 25.18 -20.13 33.34
C ASP A 106 24.16 -19.88 32.24
N PHE A 107 23.05 -20.62 32.29
CA PHE A 107 21.98 -20.50 31.31
C PHE A 107 20.68 -20.00 31.93
N THR A 108 20.77 -19.24 33.05
CA THR A 108 19.61 -18.56 33.62
C THR A 108 18.93 -17.69 32.56
N GLY A 109 17.62 -17.94 32.35
CA GLY A 109 16.81 -17.16 31.44
C GLY A 109 17.26 -17.23 29.97
N LYS A 110 18.00 -18.28 29.59
CA LYS A 110 18.39 -18.50 28.21
C LYS A 110 17.42 -19.49 27.55
N GLY A 111 16.98 -19.16 26.33
CA GLY A 111 16.17 -20.05 25.52
C GLY A 111 16.99 -20.65 24.38
N PHE A 112 16.66 -21.90 24.00
CA PHE A 112 17.45 -22.68 23.06
C PHE A 112 16.72 -22.88 21.74
N SER A 113 17.49 -22.80 20.67
CA SER A 113 16.96 -22.98 19.32
C SER A 113 17.98 -23.75 18.49
N MET A 114 17.52 -24.55 17.53
CA MET A 114 18.45 -25.30 16.70
C MET A 114 17.91 -25.44 15.28
N ALA A 115 18.84 -25.48 14.31
CA ALA A 115 18.47 -25.76 12.93
C ALA A 115 18.39 -27.28 12.73
N LEU A 116 17.37 -27.70 11.98
CA LEU A 116 17.04 -29.11 11.87
C LEU A 116 16.60 -29.41 10.43
N LYS A 117 17.05 -30.57 9.89
CA LYS A 117 16.44 -31.18 8.72
C LYS A 117 16.27 -32.69 8.92
N ARG A 118 15.05 -33.21 8.68
CA ARG A 118 14.78 -34.63 8.76
C ARG A 118 15.06 -35.25 7.40
N ILE A 119 16.01 -36.19 7.36
CA ILE A 119 16.23 -36.97 6.14
C ILE A 119 15.32 -38.20 6.20
N ASP A 120 15.46 -38.98 7.28
CA ASP A 120 14.73 -40.23 7.43
C ASP A 120 14.54 -40.54 8.91
N VAL A 121 13.29 -40.78 9.32
CA VAL A 121 13.01 -41.42 10.60
C VAL A 121 11.98 -42.51 10.32
N SER A 122 12.20 -43.71 10.86
CA SER A 122 11.26 -44.80 10.68
C SER A 122 11.28 -45.78 11.86
N GLY A 123 10.18 -46.53 12.01
CA GLY A 123 9.98 -47.41 13.14
C GLY A 123 8.57 -47.23 13.69
N SER A 124 8.46 -46.99 15.00
CA SER A 124 7.21 -46.71 15.68
C SER A 124 6.49 -45.50 15.09
N SER A 125 7.29 -44.54 14.60
CA SER A 125 6.82 -43.30 14.00
C SER A 125 7.83 -42.80 12.98
N ASP A 126 7.35 -41.99 12.02
CA ASP A 126 8.20 -41.28 11.08
C ASP A 126 8.70 -39.94 11.64
N SER A 127 8.53 -39.76 12.96
CA SER A 127 8.88 -38.52 13.64
C SER A 127 9.49 -38.83 15.01
N THR A 128 10.24 -37.85 15.55
CA THR A 128 10.82 -37.99 16.88
C THR A 128 10.77 -36.66 17.62
N PRO A 129 10.59 -36.67 18.96
CA PRO A 129 11.06 -35.55 19.78
C PRO A 129 12.58 -35.46 19.62
N ILE A 130 13.05 -34.24 19.40
CA ILE A 130 14.46 -33.92 19.52
C ILE A 130 14.64 -33.02 20.74
N LYS A 131 15.62 -33.37 21.57
CA LYS A 131 15.77 -32.82 22.90
C LYS A 131 17.15 -32.16 23.00
N ILE A 132 17.18 -30.92 23.51
CA ILE A 132 18.40 -30.34 24.03
C ILE A 132 18.35 -30.52 25.55
N ARG A 133 19.31 -31.27 26.10
CA ARG A 133 19.42 -31.38 27.55
C ARG A 133 20.62 -30.59 28.02
N LEU A 134 20.44 -29.85 29.12
CA LEU A 134 21.56 -29.31 29.87
C LEU A 134 21.79 -30.21 31.07
N VAL A 135 23.05 -30.53 31.36
CA VAL A 135 23.37 -31.33 32.54
C VAL A 135 24.37 -30.59 33.44
N ASP A 136 24.05 -30.56 34.74
CA ASP A 136 24.82 -29.82 35.74
C ASP A 136 25.94 -30.68 36.35
N GLY A 137 26.68 -30.10 37.33
CA GLY A 137 27.75 -30.81 38.04
C GLY A 137 27.30 -32.08 38.76
N ASN A 138 26.02 -32.14 39.17
CA ASN A 138 25.46 -33.26 39.92
C ASN A 138 24.72 -34.26 39.02
N THR A 139 24.85 -34.10 37.69
CA THR A 139 24.22 -34.96 36.67
C THR A 139 22.70 -34.84 36.70
N ASN A 140 22.18 -33.67 37.10
CA ASN A 140 20.78 -33.36 36.91
C ASN A 140 20.56 -32.84 35.49
N TYR A 141 19.47 -33.25 34.84
CA TYR A 141 19.13 -32.77 33.52
C TYR A 141 18.00 -31.74 33.55
N ARG A 142 18.14 -30.70 32.71
CA ARG A 142 17.00 -29.93 32.24
C ARG A 142 16.83 -30.20 30.75
N THR A 143 15.63 -30.64 30.35
CA THR A 143 15.35 -30.98 28.97
C THR A 143 14.44 -29.93 28.33
N PHE A 144 14.87 -29.46 27.16
CA PHE A 144 14.01 -28.70 26.26
C PHE A 144 13.83 -29.53 24.99
N SER A 145 12.65 -29.46 24.36
CA SER A 145 12.42 -30.29 23.19
C SER A 145 11.54 -29.62 22.14
N ALA A 146 11.61 -30.22 20.95
CA ALA A 146 10.93 -29.81 19.74
C ALA A 146 10.69 -31.07 18.90
N ARG A 147 9.99 -30.93 17.79
CA ARG A 147 9.62 -32.12 17.03
C ARG A 147 10.25 -32.14 15.65
N CYS A 148 10.84 -33.30 15.34
CA CYS A 148 11.37 -33.59 14.03
C CYS A 148 10.34 -34.42 13.27
N ARG A 149 9.52 -33.75 12.44
CA ARG A 149 8.37 -34.35 11.79
C ARG A 149 8.54 -34.28 10.25
N PRO A 150 7.92 -35.20 9.47
CA PRO A 150 7.79 -35.01 8.03
C PRO A 150 7.00 -33.74 7.72
N GLY A 151 7.24 -33.18 6.52
CA GLY A 151 6.64 -31.91 6.13
C GLY A 151 7.46 -30.75 6.67
N GLY A 152 7.23 -30.40 7.94
CA GLY A 152 7.94 -29.29 8.57
C GLY A 152 9.45 -29.51 8.68
N GLY A 153 9.90 -30.77 8.66
CA GLY A 153 11.30 -31.12 8.73
C GLY A 153 11.94 -31.44 7.38
N ASP A 154 11.19 -31.35 6.27
CA ASP A 154 11.66 -31.76 4.95
C ASP A 154 12.82 -30.89 4.44
N GLU A 155 12.91 -29.66 4.96
CA GLU A 155 13.94 -28.70 4.60
C GLU A 155 14.48 -28.07 5.88
N TRP A 156 15.64 -27.41 5.77
CA TRP A 156 16.25 -26.79 6.93
C TRP A 156 15.34 -25.73 7.53
N GLY A 157 15.07 -25.86 8.83
CA GLY A 157 14.25 -24.89 9.55
C GLY A 157 14.62 -24.88 11.03
N ARG A 158 14.40 -23.73 11.67
CA ARG A 158 14.77 -23.60 13.08
C ARG A 158 13.60 -24.00 13.97
N ARG A 159 13.90 -24.76 15.02
CA ARG A 159 12.96 -25.05 16.09
C ARG A 159 13.39 -24.27 17.33
N ASP A 160 12.41 -23.69 18.01
CA ASP A 160 12.61 -22.99 19.26
C ASP A 160 12.10 -23.90 20.38
N PHE A 161 13.02 -24.35 21.25
CA PHE A 161 12.80 -25.51 22.09
C PHE A 161 12.02 -25.15 23.34
N GLY A 162 10.91 -25.87 23.55
CA GLY A 162 10.10 -25.66 24.74
C GLY A 162 10.64 -26.45 25.92
N PHE A 163 10.52 -25.90 27.12
CA PHE A 163 10.82 -26.65 28.32
C PHE A 163 9.99 -27.95 28.36
N GLU A 164 10.63 -29.07 28.74
CA GLU A 164 9.95 -30.34 28.86
C GLU A 164 9.97 -30.84 30.31
N SER A 165 11.18 -31.00 30.87
CA SER A 165 11.33 -31.62 32.18
C SER A 165 12.62 -31.18 32.85
N GLU A 166 12.66 -31.35 34.17
CA GLU A 166 13.81 -31.01 34.97
C GLU A 166 13.95 -32.01 36.12
N ASP A 167 15.19 -32.44 36.37
CA ASP A 167 15.55 -33.20 37.55
C ASP A 167 15.60 -32.26 38.77
N THR A 168 15.11 -32.74 39.91
CA THR A 168 15.10 -31.95 41.14
C THR A 168 16.51 -31.53 41.52
N GLY A 169 16.69 -30.23 41.79
CA GLY A 169 17.96 -29.70 42.24
C GLY A 169 18.90 -29.30 41.10
N PHE A 170 18.41 -29.31 39.86
CA PHE A 170 19.17 -28.84 38.70
C PHE A 170 19.67 -27.41 38.90
N ASP A 171 20.98 -27.20 38.74
CA ASP A 171 21.58 -25.88 38.86
C ASP A 171 21.92 -25.31 37.48
N VAL A 172 21.05 -24.42 36.98
CA VAL A 172 21.23 -23.78 35.68
C VAL A 172 22.42 -22.80 35.66
N THR A 173 23.01 -22.51 36.83
CA THR A 173 24.21 -21.68 36.90
C THR A 173 25.49 -22.50 36.76
N ASN A 174 25.37 -23.84 36.77
CA ASN A 174 26.48 -24.78 36.85
C ASN A 174 26.37 -25.86 35.78
N VAL A 175 26.09 -25.48 34.53
CA VAL A 175 25.93 -26.44 33.46
C VAL A 175 27.29 -26.86 32.92
N GLN A 176 27.55 -28.17 32.96
CA GLN A 176 28.84 -28.76 32.63
C GLN A 176 28.84 -29.37 31.22
N THR A 177 27.67 -29.83 30.77
CA THR A 177 27.55 -30.56 29.51
C THR A 177 26.19 -30.26 28.90
N MET A 178 26.12 -30.30 27.56
CA MET A 178 24.83 -30.29 26.90
C MET A 178 24.73 -31.49 25.96
N THR A 179 23.49 -31.98 25.80
CA THR A 179 23.19 -33.14 25.00
C THR A 179 22.19 -32.76 23.91
N VAL A 180 22.38 -33.30 22.69
CA VAL A 180 21.30 -33.38 21.73
C VAL A 180 20.88 -34.84 21.63
N THR A 181 19.59 -35.12 21.82
CA THR A 181 19.14 -36.50 21.84
C THR A 181 17.74 -36.68 21.25
N THR A 182 17.44 -37.91 20.78
CA THR A 182 16.14 -38.27 20.21
C THR A 182 15.54 -39.41 21.01
N ASN A 183 14.29 -39.78 20.68
CA ASN A 183 13.73 -41.06 21.09
C ASN A 183 14.37 -42.18 20.27
N SER A 184 14.20 -43.43 20.71
CA SER A 184 14.68 -44.60 19.98
C SER A 184 13.81 -44.87 18.75
N ARG A 185 14.43 -45.13 17.59
CA ARG A 185 13.73 -45.53 16.37
C ARG A 185 14.56 -46.54 15.59
N SER A 186 13.91 -47.29 14.69
CA SER A 186 14.57 -48.28 13.86
C SER A 186 15.60 -47.64 12.92
N SER A 187 15.26 -46.46 12.37
CA SER A 187 16.18 -45.65 11.58
C SER A 187 16.04 -44.19 11.99
N ILE A 188 17.17 -43.52 12.18
CA ILE A 188 17.24 -42.07 12.35
C ILE A 188 18.35 -41.56 11.44
N ASP A 189 18.01 -40.49 10.69
CA ASP A 189 18.93 -39.70 9.90
C ASP A 189 18.42 -38.26 9.91
N ILE A 190 19.01 -37.43 10.77
CA ILE A 190 18.60 -36.04 10.89
C ILE A 190 19.84 -35.16 10.92
N LEU A 191 19.75 -34.01 10.24
CA LEU A 191 20.83 -33.03 10.22
C LEU A 191 20.52 -31.93 11.23
N VAL A 192 21.55 -31.51 11.97
CA VAL A 192 21.46 -30.38 12.89
C VAL A 192 22.61 -29.41 12.64
N ASP A 193 22.35 -28.13 12.92
CA ASP A 193 23.36 -27.08 12.88
C ASP A 193 22.95 -26.01 13.87
N ASP A 194 23.87 -25.11 14.22
CA ASP A 194 23.52 -23.78 14.70
C ASP A 194 22.58 -23.77 15.92
N ILE A 195 23.05 -24.31 17.06
CA ILE A 195 22.33 -24.10 18.31
C ILE A 195 22.51 -22.66 18.75
N ARG A 196 21.39 -21.98 19.00
CA ARG A 196 21.40 -20.57 19.38
C ARG A 196 20.78 -20.37 20.77
N VAL A 197 21.37 -19.40 21.47
CA VAL A 197 20.93 -18.93 22.76
C VAL A 197 20.30 -17.55 22.57
N VAL A 198 19.08 -17.38 23.11
CA VAL A 198 18.37 -16.12 23.13
C VAL A 198 18.06 -15.73 24.58
N ASP A 199 17.94 -14.42 24.84
CA ASP A 199 17.47 -13.95 26.14
C ASP A 199 15.95 -14.15 26.25
N SER A 200 15.54 -14.92 27.27
CA SER A 200 14.15 -15.18 27.60
C SER A 200 13.90 -14.95 29.09
N SER A 201 14.52 -13.89 29.65
CA SER A 201 14.46 -13.57 31.07
C SER A 201 13.16 -12.85 31.47
N GLY A 202 12.38 -12.41 30.49
CA GLY A 202 11.11 -11.72 30.74
C GLY A 202 10.07 -12.63 31.42
N THR A 203 8.92 -12.07 31.76
CA THR A 203 7.82 -12.86 32.34
C THR A 203 7.35 -13.95 31.36
N GLY A 204 6.77 -15.03 31.91
CA GLY A 204 6.13 -16.06 31.11
C GLY A 204 4.89 -15.51 30.39
N GLN A 205 4.53 -16.11 29.24
CA GLN A 205 3.41 -15.61 28.45
C GLN A 205 2.52 -16.76 27.98
N VAL A 206 1.22 -16.49 27.80
CA VAL A 206 0.30 -17.48 27.26
C VAL A 206 -0.48 -16.89 26.09
N ILE A 207 -0.57 -17.67 25.01
CA ILE A 207 -1.43 -17.40 23.86
C ILE A 207 -2.47 -18.52 23.79
N VAL A 208 -3.75 -18.15 23.69
CA VAL A 208 -4.81 -19.13 23.50
C VAL A 208 -5.44 -18.93 22.12
N THR A 209 -5.49 -20.02 21.33
CA THR A 209 -6.23 -20.01 20.07
C THR A 209 -7.33 -21.08 20.06
N ILE A 210 -8.44 -20.75 19.39
CA ILE A 210 -9.53 -21.68 19.17
C ILE A 210 -9.70 -21.84 17.66
N ASP A 211 -9.73 -23.09 17.20
CA ASP A 211 -9.77 -23.38 15.78
C ASP A 211 -11.21 -23.66 15.29
N ASP A 212 -11.46 -23.33 14.02
CA ASP A 212 -12.50 -23.96 13.22
C ASP A 212 -13.93 -23.49 13.55
N VAL A 213 -14.06 -22.36 14.28
CA VAL A 213 -15.26 -21.53 14.42
C VAL A 213 -16.55 -22.28 14.81
N HIS A 214 -16.41 -23.19 15.76
CA HIS A 214 -17.54 -23.90 16.33
C HIS A 214 -18.40 -23.00 17.23
N THR A 215 -19.67 -23.36 17.42
CA THR A 215 -20.63 -22.62 18.24
C THR A 215 -20.11 -22.41 19.67
N GLY A 216 -19.36 -23.39 20.18
CA GLY A 216 -18.81 -23.34 21.53
C GLY A 216 -17.82 -22.20 21.78
N ASP A 217 -17.43 -21.47 20.73
CA ASP A 217 -16.56 -20.30 20.88
C ASP A 217 -17.24 -19.19 21.70
N LYS A 218 -18.58 -19.16 21.72
CA LYS A 218 -19.33 -18.21 22.53
C LYS A 218 -19.11 -18.46 24.03
N THR A 219 -19.21 -19.72 24.47
CA THR A 219 -18.97 -20.07 25.86
C THR A 219 -17.49 -19.87 26.22
N ALA A 220 -16.58 -20.19 25.30
CA ALA A 220 -15.16 -19.93 25.46
C ALA A 220 -14.88 -18.44 25.72
N ALA A 221 -15.49 -17.56 24.92
CA ALA A 221 -15.33 -16.12 25.06
C ALA A 221 -15.77 -15.64 26.45
N GLU A 222 -16.87 -16.18 26.99
CA GLU A 222 -17.28 -15.86 28.34
C GLU A 222 -16.24 -16.33 29.37
N VAL A 223 -15.83 -17.60 29.27
CA VAL A 223 -14.95 -18.24 30.25
C VAL A 223 -13.58 -17.58 30.30
N PHE A 224 -12.92 -17.41 29.15
CA PHE A 224 -11.61 -16.76 29.11
C PHE A 224 -11.72 -15.27 29.37
N GLY A 225 -12.88 -14.69 29.01
CA GLY A 225 -13.28 -13.35 29.38
C GLY A 225 -13.25 -13.12 30.89
N ARG A 226 -13.66 -14.10 31.71
CA ARG A 226 -13.68 -13.94 33.16
C ARG A 226 -12.34 -13.49 33.73
N TYR A 227 -11.23 -13.79 33.03
CA TYR A 227 -9.88 -13.49 33.50
C TYR A 227 -9.11 -12.62 32.50
N GLY A 228 -9.83 -12.05 31.53
CA GLY A 228 -9.30 -11.17 30.50
C GLY A 228 -8.19 -11.79 29.65
N ILE A 229 -8.29 -13.11 29.41
CA ILE A 229 -7.31 -13.86 28.62
C ILE A 229 -7.67 -13.69 27.14
N PRO A 230 -6.76 -13.19 26.27
CA PRO A 230 -7.05 -13.10 24.83
C PRO A 230 -7.23 -14.45 24.13
N ILE A 231 -8.30 -14.51 23.33
CA ILE A 231 -8.60 -15.62 22.46
C ILE A 231 -8.32 -15.20 21.01
N GLY A 232 -7.50 -15.99 20.30
CA GLY A 232 -7.46 -15.92 18.86
C GLY A 232 -8.37 -16.95 18.23
N LEU A 233 -9.32 -16.51 17.40
CA LEU A 233 -10.12 -17.42 16.60
C LEU A 233 -9.40 -17.66 15.28
N ALA A 234 -8.90 -18.89 15.09
CA ALA A 234 -8.38 -19.31 13.81
C ALA A 234 -9.58 -19.60 12.90
N ALA A 235 -9.92 -18.61 12.08
CA ALA A 235 -11.23 -18.53 11.44
C ALA A 235 -11.17 -19.00 9.98
N ASN A 236 -12.10 -19.89 9.64
CA ASN A 236 -12.39 -20.22 8.25
C ASN A 236 -13.72 -19.56 7.89
N ALA A 237 -13.69 -18.57 7.00
CA ALA A 237 -14.89 -17.78 6.75
C ALA A 237 -16.00 -18.56 6.04
N LYS A 238 -15.66 -19.65 5.30
CA LYS A 238 -16.68 -20.46 4.66
C LYS A 238 -17.56 -21.18 5.67
N PHE A 239 -16.99 -21.55 6.81
CA PHE A 239 -17.66 -22.31 7.85
C PHE A 239 -18.77 -21.49 8.53
N LEU A 240 -18.68 -20.15 8.49
CA LEU A 240 -19.71 -19.31 9.11
C LEU A 240 -21.05 -19.54 8.43
N ASP A 241 -22.11 -19.71 9.24
CA ASP A 241 -23.48 -19.97 8.80
C ASP A 241 -23.68 -21.34 8.10
N GLN A 242 -22.69 -22.25 8.10
CA GLN A 242 -22.87 -23.52 7.38
C GLN A 242 -23.90 -24.43 8.06
N SER A 243 -23.86 -24.44 9.41
CA SER A 243 -24.62 -25.39 10.22
C SER A 243 -24.73 -24.84 11.64
N SER A 244 -25.62 -25.42 12.45
CA SER A 244 -25.86 -25.02 13.83
C SER A 244 -24.62 -25.21 14.72
N SER A 245 -23.72 -26.11 14.30
CA SER A 245 -22.47 -26.43 14.98
C SER A 245 -21.38 -25.36 14.78
N LYS A 246 -21.62 -24.41 13.86
CA LYS A 246 -20.70 -23.32 13.53
C LYS A 246 -21.32 -21.97 13.91
N LEU A 247 -20.45 -20.99 14.19
CA LEU A 247 -20.90 -19.63 14.44
C LEU A 247 -21.66 -19.07 13.22
N THR A 248 -22.67 -18.24 13.49
CA THR A 248 -23.21 -17.40 12.42
C THR A 248 -22.25 -16.25 12.15
N THR A 249 -22.42 -15.59 11.00
CA THR A 249 -21.64 -14.40 10.67
C THR A 249 -21.81 -13.31 11.73
N GLN A 250 -23.04 -13.10 12.20
CA GLN A 250 -23.32 -12.09 13.20
C GLN A 250 -22.70 -12.45 14.56
N GLU A 251 -22.80 -13.73 14.95
CA GLU A 251 -22.18 -14.23 16.17
C GLU A 251 -20.65 -14.03 16.14
N PHE A 252 -20.03 -14.31 15.00
CA PHE A 252 -18.60 -14.13 14.81
C PHE A 252 -18.20 -12.66 14.95
N LYS A 253 -18.91 -11.77 14.26
CA LYS A 253 -18.70 -10.32 14.35
C LYS A 253 -18.89 -9.81 15.79
N ASP A 254 -19.91 -10.33 16.49
CA ASP A 254 -20.17 -10.03 17.90
C ASP A 254 -19.01 -10.50 18.79
N LEU A 255 -18.46 -11.70 18.53
CA LEU A 255 -17.29 -12.17 19.27
C LEU A 255 -16.09 -11.26 19.03
N LEU A 256 -15.79 -10.90 17.78
CA LEU A 256 -14.66 -10.03 17.46
C LEU A 256 -14.81 -8.62 18.04
N ALA A 257 -16.06 -8.18 18.30
CA ALA A 257 -16.32 -6.91 18.95
C ALA A 257 -15.93 -6.90 20.43
N LYS A 258 -15.68 -8.09 21.03
CA LYS A 258 -15.26 -8.20 22.42
C LYS A 258 -13.78 -7.87 22.52
N PRO A 259 -13.33 -7.16 23.58
CA PRO A 259 -11.96 -6.63 23.63
C PRO A 259 -10.85 -7.67 23.66
N HIS A 260 -11.19 -8.93 24.02
CA HIS A 260 -10.21 -9.98 24.22
C HIS A 260 -10.26 -11.04 23.11
N VAL A 261 -11.23 -10.96 22.19
CA VAL A 261 -11.33 -11.91 21.09
C VAL A 261 -10.84 -11.25 19.81
N TYR A 262 -9.95 -11.93 19.10
CA TYR A 262 -9.40 -11.47 17.84
C TYR A 262 -9.44 -12.65 16.86
N ALA A 263 -9.32 -12.36 15.56
CA ALA A 263 -9.30 -13.42 14.56
C ALA A 263 -7.96 -13.46 13.84
N VAL A 264 -7.56 -14.67 13.46
CA VAL A 264 -6.41 -14.93 12.60
C VAL A 264 -6.88 -15.85 11.48
N ASN A 265 -6.16 -15.86 10.37
CA ASN A 265 -6.58 -16.61 9.20
C ASN A 265 -6.33 -18.11 9.39
N HIS A 266 -7.28 -18.94 8.93
CA HIS A 266 -7.11 -20.39 8.92
C HIS A 266 -7.46 -20.94 7.54
N GLY A 267 -7.54 -20.07 6.52
CA GLY A 267 -7.94 -20.40 5.16
C GLY A 267 -9.46 -20.40 5.02
N TYR A 268 -9.98 -20.01 3.86
CA TYR A 268 -11.42 -19.87 3.68
C TYR A 268 -12.18 -21.15 4.02
N ASN A 269 -11.69 -22.28 3.51
CA ASN A 269 -12.34 -23.58 3.56
C ASN A 269 -11.41 -24.65 4.16
N HIS A 270 -10.44 -24.25 4.98
CA HIS A 270 -9.58 -25.15 5.75
C HIS A 270 -8.81 -26.12 4.82
N TYR A 271 -8.16 -25.59 3.77
CA TYR A 271 -7.36 -26.44 2.90
C TYR A 271 -5.97 -26.65 3.52
N ASP A 272 -5.67 -27.90 3.88
CA ASP A 272 -4.41 -28.28 4.51
C ASP A 272 -3.37 -28.75 3.48
N TYR A 273 -2.10 -28.59 3.86
CA TYR A 273 -0.96 -29.04 3.07
C TYR A 273 -0.96 -30.57 2.88
N GLY A 274 -0.68 -31.01 1.65
CA GLY A 274 -0.64 -32.44 1.36
C GLY A 274 -1.99 -33.00 0.89
N SER A 275 -3.09 -32.39 1.34
CA SER A 275 -4.44 -32.75 0.90
C SER A 275 -4.84 -32.00 -0.38
N TYR A 276 -4.22 -30.84 -0.62
CA TYR A 276 -4.50 -29.97 -1.76
C TYR A 276 -3.19 -29.48 -2.37
N SER A 277 -3.23 -28.96 -3.60
CA SER A 277 -2.05 -28.36 -4.22
C SER A 277 -1.70 -27.04 -3.53
N ILE A 278 -0.45 -26.59 -3.69
CA ILE A 278 -0.01 -25.30 -3.15
C ILE A 278 -0.86 -24.16 -3.72
N ASP A 279 -1.28 -24.27 -4.98
CA ASP A 279 -2.10 -23.27 -5.65
C ASP A 279 -3.50 -23.17 -5.04
N GLU A 280 -4.12 -24.32 -4.73
CA GLU A 280 -5.42 -24.36 -4.09
C GLU A 280 -5.35 -23.80 -2.67
N ILE A 281 -4.28 -24.13 -1.94
CA ILE A 281 -4.06 -23.62 -0.59
C ILE A 281 -3.83 -22.11 -0.64
N GLU A 282 -3.06 -21.63 -1.63
CA GLU A 282 -2.83 -20.21 -1.82
C GLU A 282 -4.15 -19.46 -2.03
N ASP A 283 -5.03 -20.01 -2.89
CA ASP A 283 -6.36 -19.46 -3.10
C ASP A 283 -7.18 -19.43 -1.81
N ASP A 284 -7.10 -20.50 -1.01
CA ASP A 284 -7.78 -20.62 0.27
C ASP A 284 -7.29 -19.55 1.26
N VAL A 285 -5.98 -19.35 1.29
CA VAL A 285 -5.31 -18.38 2.15
C VAL A 285 -5.74 -16.96 1.74
N ILE A 286 -5.67 -16.65 0.44
CA ILE A 286 -6.03 -15.35 -0.11
C ILE A 286 -7.50 -15.04 0.17
N ARG A 287 -8.38 -16.02 -0.10
CA ARG A 287 -9.80 -15.83 0.11
C ARG A 287 -10.13 -15.71 1.59
N GLY A 288 -9.51 -16.54 2.44
CA GLY A 288 -9.64 -16.42 3.88
C GLY A 288 -9.30 -15.02 4.37
N LYS A 289 -8.20 -14.47 3.86
CA LYS A 289 -7.73 -13.13 4.19
C LYS A 289 -8.79 -12.09 3.81
N TYR A 290 -9.25 -12.06 2.55
CA TYR A 290 -10.16 -11.01 2.12
C TYR A 290 -11.56 -11.11 2.73
N GLU A 291 -12.05 -12.34 2.92
CA GLU A 291 -13.34 -12.57 3.57
C GLU A 291 -13.32 -12.11 5.03
N LEU A 292 -12.24 -12.42 5.77
CA LEU A 292 -12.07 -11.94 7.14
C LEU A 292 -11.89 -10.42 7.19
N GLN A 293 -11.25 -9.83 6.18
CA GLN A 293 -11.12 -8.39 6.07
C GLN A 293 -12.47 -7.71 5.86
N ASP A 294 -13.36 -8.32 5.06
CA ASP A 294 -14.74 -7.86 4.90
C ASP A 294 -15.53 -7.93 6.21
N LEU A 295 -15.21 -8.91 7.06
CA LEU A 295 -15.80 -9.03 8.39
C LEU A 295 -15.16 -8.11 9.43
N GLY A 296 -14.14 -7.33 9.03
CA GLY A 296 -13.56 -6.27 9.86
C GLY A 296 -12.26 -6.67 10.56
N VAL A 297 -11.75 -7.88 10.31
CA VAL A 297 -10.44 -8.27 10.83
C VAL A 297 -9.42 -7.34 10.19
N ARG A 298 -8.44 -6.83 10.94
CA ARG A 298 -7.55 -5.81 10.38
C ARG A 298 -6.09 -6.24 10.38
N GLU A 299 -5.20 -5.32 10.00
CA GLU A 299 -3.79 -5.61 9.67
C GLU A 299 -3.07 -6.53 10.67
N PRO A 300 -2.74 -6.11 11.92
CA PRO A 300 -1.83 -6.90 12.74
C PRO A 300 -2.42 -8.29 12.99
N ASN A 301 -3.73 -8.36 13.21
CA ASN A 301 -4.47 -9.61 13.43
C ASN A 301 -4.41 -10.50 12.18
N ILE A 302 -4.76 -9.95 11.01
CA ILE A 302 -4.91 -10.72 9.77
C ILE A 302 -3.57 -11.05 9.12
N ASN A 303 -2.47 -10.60 9.71
CA ASN A 303 -1.13 -11.02 9.33
C ASN A 303 -0.72 -12.37 9.94
N HIS A 304 -1.56 -12.93 10.83
CA HIS A 304 -1.34 -14.25 11.41
C HIS A 304 -2.16 -15.32 10.72
N TYR A 305 -1.53 -16.49 10.55
CA TYR A 305 -2.20 -17.67 10.05
C TYR A 305 -1.97 -18.83 11.01
N VAL A 306 -2.88 -19.81 10.96
CA VAL A 306 -2.70 -21.04 11.69
C VAL A 306 -2.89 -22.15 10.66
N TYR A 307 -1.97 -23.11 10.61
CA TYR A 307 -2.02 -24.14 9.59
C TYR A 307 -3.25 -25.02 9.78
N PRO A 308 -4.11 -25.22 8.75
CA PRO A 308 -5.18 -26.22 8.79
C PRO A 308 -4.61 -27.61 9.08
N SER A 309 -5.21 -28.27 10.09
CA SER A 309 -4.79 -29.58 10.57
C SER A 309 -3.32 -29.64 11.01
N GLY A 310 -2.68 -28.47 11.21
CA GLY A 310 -1.26 -28.39 11.57
C GLY A 310 -0.29 -28.79 10.45
N ASN A 311 -0.78 -29.04 9.24
CA ASN A 311 0.06 -29.53 8.14
C ASN A 311 0.81 -28.39 7.47
N TYR A 312 2.14 -28.56 7.29
CA TYR A 312 2.97 -27.58 6.60
C TYR A 312 4.25 -28.22 6.08
N ALA A 313 4.94 -27.47 5.20
CA ALA A 313 6.30 -27.71 4.76
C ALA A 313 6.88 -26.39 4.27
N GLN A 314 8.16 -26.36 3.89
CA GLN A 314 8.79 -25.14 3.43
C GLN A 314 8.09 -24.58 2.19
N GLU A 315 7.55 -25.45 1.32
CA GLU A 315 6.73 -25.06 0.17
C GLU A 315 5.57 -24.15 0.57
N SER A 316 4.82 -24.57 1.61
CA SER A 316 3.69 -23.81 2.11
C SER A 316 4.15 -22.53 2.80
N ILE A 317 5.25 -22.59 3.57
CA ILE A 317 5.80 -21.43 4.25
C ILE A 317 6.18 -20.35 3.24
N ASP A 318 6.82 -20.75 2.13
CA ASP A 318 7.22 -19.85 1.06
C ASP A 318 6.00 -19.12 0.47
N MET A 319 4.94 -19.88 0.17
CA MET A 319 3.69 -19.32 -0.34
C MET A 319 3.04 -18.39 0.71
N LEU A 320 2.88 -18.87 1.95
CA LEU A 320 2.27 -18.14 3.06
C LEU A 320 3.00 -16.85 3.40
N SER A 321 4.33 -16.82 3.21
CA SER A 321 5.15 -15.66 3.54
C SER A 321 4.80 -14.44 2.69
N ASN A 322 4.07 -14.62 1.59
CA ASN A 322 3.58 -13.48 0.81
C ASN A 322 2.39 -12.80 1.49
N TYR A 323 1.69 -13.52 2.38
CA TYR A 323 0.37 -13.14 2.89
C TYR A 323 0.38 -12.95 4.41
N HIS A 324 1.24 -13.70 5.12
CA HIS A 324 1.27 -13.79 6.58
C HIS A 324 2.70 -13.68 7.08
N VAL A 325 2.84 -13.30 8.36
CA VAL A 325 4.15 -13.14 9.00
C VAL A 325 4.50 -14.34 9.89
N MET A 326 3.49 -15.10 10.32
CA MET A 326 3.70 -16.09 11.37
C MET A 326 2.64 -17.18 11.23
N SER A 327 3.03 -18.43 11.54
CA SER A 327 2.10 -19.54 11.58
C SER A 327 2.48 -20.59 12.60
N TRP A 328 1.47 -21.36 12.98
CA TRP A 328 1.54 -22.27 14.09
C TRP A 328 1.01 -23.64 13.68
N GLY A 329 1.76 -24.68 14.08
CA GLY A 329 1.36 -26.07 13.94
C GLY A 329 0.72 -26.64 15.21
N THR A 330 0.60 -27.97 15.26
CA THR A 330 -0.14 -28.64 16.33
C THR A 330 0.71 -29.70 17.02
N GLY A 331 0.49 -29.87 18.32
CA GLY A 331 1.09 -30.93 19.12
C GLY A 331 0.21 -31.25 20.34
N ALA A 332 0.56 -32.33 21.05
CA ALA A 332 -0.28 -32.85 22.11
C ALA A 332 0.42 -32.84 23.47
N GLU A 333 1.69 -32.39 23.53
CA GLU A 333 2.45 -32.44 24.78
C GLU A 333 2.90 -31.03 25.19
N SER A 334 3.19 -30.90 26.48
CA SER A 334 3.45 -29.63 27.13
C SER A 334 4.54 -28.81 26.40
N PHE A 335 5.63 -29.46 26.01
CA PHE A 335 6.74 -28.78 25.35
C PHE A 335 6.36 -28.25 23.97
N ASP A 336 5.34 -28.82 23.33
CA ASP A 336 4.83 -28.32 22.05
C ASP A 336 4.27 -26.89 22.18
N ALA A 337 3.64 -26.56 23.31
CA ALA A 337 3.17 -25.21 23.56
C ALA A 337 4.33 -24.21 23.65
N LEU A 338 5.49 -24.70 24.07
CA LEU A 338 6.45 -23.84 24.72
C LEU A 338 7.54 -23.39 23.75
N THR A 339 7.80 -22.08 23.76
CA THR A 339 8.94 -21.50 23.08
C THR A 339 9.59 -20.50 24.04
N PRO A 340 10.88 -20.15 23.84
CA PRO A 340 11.42 -18.93 24.45
C PRO A 340 10.60 -17.73 23.99
N ASN A 341 10.69 -16.64 24.74
CA ASN A 341 9.97 -15.41 24.45
C ASN A 341 10.47 -14.75 23.16
N GLN A 342 11.74 -15.00 22.81
CA GLN A 342 12.29 -14.64 21.51
C GLN A 342 12.31 -15.87 20.62
N LEU A 343 11.60 -15.80 19.49
CA LEU A 343 11.64 -16.84 18.48
C LEU A 343 12.85 -16.66 17.58
N THR A 344 13.22 -17.75 16.90
CA THR A 344 14.10 -17.68 15.76
C THR A 344 13.41 -18.15 14.48
N SER A 345 12.28 -18.87 14.58
CA SER A 345 11.41 -19.08 13.43
C SER A 345 9.98 -18.69 13.78
N PRO A 346 9.30 -17.81 13.02
CA PRO A 346 7.87 -17.57 13.21
C PRO A 346 6.98 -18.58 12.47
N TRP A 347 7.57 -19.65 11.90
CA TRP A 347 6.86 -20.57 11.02
C TRP A 347 6.82 -22.02 11.52
N HIS A 348 7.79 -22.44 12.34
CA HIS A 348 7.95 -23.85 12.67
C HIS A 348 7.44 -24.23 14.06
N ASN A 349 6.85 -23.29 14.80
CA ASN A 349 6.48 -23.51 16.19
C ASN A 349 5.08 -24.10 16.32
N LEU A 350 4.89 -24.90 17.38
CA LEU A 350 3.65 -25.65 17.58
C LEU A 350 2.79 -25.04 18.69
N ARG A 351 1.58 -25.59 18.84
CA ARG A 351 0.63 -25.26 19.88
C ARG A 351 0.20 -26.56 20.55
N CYS A 352 -0.15 -26.50 21.83
CA CYS A 352 -0.57 -27.70 22.54
C CYS A 352 -2.11 -27.77 22.64
N SER A 353 -2.66 -28.92 22.21
CA SER A 353 -4.09 -29.19 22.26
C SER A 353 -4.55 -29.51 23.68
N PHE A 354 -5.72 -28.96 24.08
CA PHE A 354 -6.45 -29.50 25.22
C PHE A 354 -7.80 -30.12 24.84
N ASP A 355 -7.94 -30.54 23.58
CA ASP A 355 -9.10 -31.28 23.09
C ASP A 355 -9.24 -32.64 23.78
N SER A 356 -8.10 -33.26 24.14
CA SER A 356 -8.06 -34.62 24.68
C SER A 356 -7.60 -34.64 26.14
N GLY A 357 -7.95 -33.58 26.90
CA GLY A 357 -7.60 -33.44 28.30
C GLY A 357 -6.69 -32.25 28.54
N THR A 358 -6.88 -31.58 29.68
CA THR A 358 -6.27 -30.29 29.91
C THR A 358 -4.86 -30.39 30.50
N ALA A 359 -4.45 -31.59 30.94
CA ALA A 359 -3.24 -31.81 31.75
C ALA A 359 -1.97 -31.23 31.12
N GLU A 360 -1.74 -31.51 29.83
CA GLU A 360 -0.52 -31.09 29.13
C GLU A 360 -0.49 -29.57 28.94
N ALA A 361 -1.66 -28.98 28.65
CA ALA A 361 -1.80 -27.54 28.45
C ALA A 361 -1.62 -26.80 29.79
N GLU A 362 -2.23 -27.32 30.86
CA GLU A 362 -2.07 -26.74 32.19
C GLU A 362 -0.61 -26.84 32.65
N GLN A 363 0.03 -28.00 32.42
CA GLN A 363 1.45 -28.21 32.65
C GLN A 363 2.28 -27.16 31.91
N ALA A 364 1.97 -26.92 30.63
CA ALA A 364 2.65 -25.92 29.82
C ALA A 364 2.53 -24.50 30.40
N VAL A 365 1.35 -24.14 30.90
CA VAL A 365 1.10 -22.83 31.48
C VAL A 365 1.93 -22.64 32.75
N ASN A 366 1.94 -23.65 33.63
CA ASN A 366 2.74 -23.66 34.84
C ASN A 366 4.25 -23.59 34.51
N ASP A 367 4.67 -24.29 33.46
CA ASP A 367 6.05 -24.31 33.01
C ASP A 367 6.47 -22.98 32.38
N ALA A 368 5.58 -22.34 31.60
CA ALA A 368 5.80 -21.01 31.06
C ALA A 368 6.06 -19.99 32.17
N ALA A 369 5.28 -20.08 33.25
CA ALA A 369 5.43 -19.23 34.43
C ALA A 369 6.79 -19.48 35.11
N THR A 370 7.13 -20.75 35.32
CA THR A 370 8.29 -21.15 36.10
C THR A 370 9.59 -20.85 35.34
N TYR A 371 9.62 -21.17 34.03
CA TYR A 371 10.85 -21.18 33.24
C TYR A 371 10.92 -20.03 32.22
N ASN A 372 10.02 -19.04 32.35
CA ASN A 372 10.06 -17.80 31.58
C ASN A 372 9.99 -18.06 30.07
N GLN A 373 8.90 -18.72 29.67
CA GLN A 373 8.67 -19.10 28.28
C GLN A 373 7.27 -18.66 27.86
N THR A 374 7.00 -18.78 26.55
CA THR A 374 5.68 -18.51 26.02
C THR A 374 5.03 -19.85 25.70
N ALA A 375 3.83 -20.07 26.26
CA ALA A 375 3.02 -21.24 25.95
C ALA A 375 1.91 -20.86 24.98
N HIS A 376 1.83 -21.55 23.85
CA HIS A 376 0.68 -21.42 22.95
C HIS A 376 -0.16 -22.68 23.10
N ILE A 377 -1.40 -22.50 23.58
CA ILE A 377 -2.33 -23.60 23.80
C ILE A 377 -3.55 -23.38 22.92
N TYR A 378 -4.20 -24.48 22.52
CA TYR A 378 -5.31 -24.38 21.58
C TYR A 378 -6.34 -25.48 21.82
N PHE A 379 -7.52 -25.27 21.25
CA PHE A 379 -8.56 -26.27 21.27
C PHE A 379 -9.59 -26.04 20.17
N HIS A 380 -10.41 -27.05 19.92
CA HIS A 380 -11.68 -26.87 19.26
C HIS A 380 -12.75 -26.89 20.35
N SER A 381 -13.63 -25.90 20.33
CA SER A 381 -14.59 -25.71 21.42
C SER A 381 -15.66 -26.78 21.46
N ASP A 382 -15.81 -27.59 20.40
CA ASP A 382 -16.71 -28.74 20.41
C ASP A 382 -16.12 -29.94 21.17
N ASN A 383 -14.78 -30.02 21.27
CA ASN A 383 -14.09 -31.09 21.97
C ASN A 383 -13.96 -30.82 23.47
N VAL A 384 -14.11 -29.57 23.91
CA VAL A 384 -13.80 -29.16 25.27
C VAL A 384 -15.09 -28.75 25.99
N THR A 385 -15.30 -29.27 27.20
CA THR A 385 -16.43 -28.91 28.03
C THR A 385 -16.17 -27.58 28.75
N GLN A 386 -17.23 -26.92 29.24
CA GLN A 386 -17.08 -25.63 29.90
C GLN A 386 -16.20 -25.72 31.15
N SER A 387 -16.36 -26.80 31.93
CA SER A 387 -15.56 -27.04 33.12
C SER A 387 -14.07 -27.23 32.80
N GLU A 388 -13.75 -27.80 31.64
CA GLU A 388 -12.37 -27.91 31.16
C GLU A 388 -11.80 -26.54 30.77
N MET A 389 -12.57 -25.74 30.03
CA MET A 389 -12.16 -24.37 29.68
C MET A 389 -11.89 -23.57 30.95
N GLU A 390 -12.77 -23.71 31.95
CA GLU A 390 -12.67 -23.04 33.23
C GLU A 390 -11.40 -23.47 33.98
N SER A 391 -11.08 -24.77 33.97
CA SER A 391 -9.86 -25.31 34.57
C SER A 391 -8.62 -24.65 33.98
N VAL A 392 -8.55 -24.57 32.64
CA VAL A 392 -7.46 -23.95 31.91
C VAL A 392 -7.39 -22.44 32.21
N ALA A 393 -8.52 -21.74 32.14
CA ALA A 393 -8.59 -20.31 32.37
C ALA A 393 -8.18 -19.94 33.79
N GLN A 394 -8.59 -20.73 34.78
CA GLN A 394 -8.18 -20.57 36.17
C GLN A 394 -6.68 -20.85 36.34
N THR A 395 -6.14 -21.85 35.62
CA THR A 395 -4.72 -22.14 35.61
C THR A 395 -3.91 -20.94 35.10
N ILE A 396 -4.37 -20.32 34.00
CA ILE A 396 -3.73 -19.15 33.42
C ILE A 396 -3.82 -17.94 34.36
N ASN A 397 -4.95 -17.75 35.03
CA ASN A 397 -5.16 -16.64 35.95
C ASN A 397 -4.25 -16.75 37.18
N SER A 398 -4.11 -17.97 37.73
CA SER A 398 -3.35 -18.21 38.95
C SER A 398 -1.84 -18.26 38.74
N ALA A 399 -1.38 -18.59 37.52
CA ALA A 399 0.03 -18.65 37.16
C ALA A 399 0.64 -17.26 36.95
N ASP A 400 1.97 -17.15 37.15
CA ASP A 400 2.72 -15.93 36.85
C ASP A 400 3.01 -15.81 35.35
N VAL A 401 1.94 -15.68 34.56
CA VAL A 401 2.04 -15.46 33.13
C VAL A 401 1.27 -14.21 32.75
N THR A 402 1.74 -13.54 31.69
CA THR A 402 0.94 -12.52 31.02
C THR A 402 0.20 -13.21 29.88
N PRO A 403 -1.15 -13.23 29.87
CA PRO A 403 -1.87 -13.69 28.68
C PRO A 403 -1.83 -12.59 27.61
N ILE A 404 -1.46 -12.97 26.37
CA ILE A 404 -1.16 -12.04 25.30
C ILE A 404 -1.86 -12.43 24.00
N THR A 405 -1.95 -11.47 23.06
CA THR A 405 -2.38 -11.76 21.70
C THR A 405 -1.19 -12.24 20.86
N LEU A 406 -1.48 -12.88 19.72
CA LEU A 406 -0.47 -13.21 18.71
C LEU A 406 0.19 -11.95 18.16
N MET A 407 -0.60 -10.88 18.01
CA MET A 407 -0.10 -9.59 17.54
C MET A 407 0.98 -9.06 18.47
N ASP A 408 0.71 -9.06 19.79
CA ASP A 408 1.65 -8.65 20.82
C ASP A 408 2.91 -9.50 20.70
N PHE A 409 2.75 -10.82 20.64
CA PHE A 409 3.87 -11.75 20.58
C PHE A 409 4.76 -11.51 19.37
N TYR A 410 4.18 -11.26 18.19
CA TYR A 410 4.97 -11.00 16.99
C TYR A 410 5.65 -9.64 17.05
N ASN A 411 4.99 -8.62 17.61
CA ASN A 411 5.55 -7.30 17.77
C ASN A 411 6.72 -7.26 18.77
N GLN A 412 6.83 -8.28 19.63
CA GLN A 412 7.94 -8.42 20.58
C GLN A 412 9.23 -8.94 19.91
N GLN A 413 9.12 -9.61 18.76
CA GLN A 413 10.23 -10.35 18.14
C GLN A 413 11.32 -9.44 17.53
N THR B 2 -19.18 18.84 -50.27
CA THR B 2 -19.27 17.36 -50.08
C THR B 2 -20.64 16.98 -49.53
N ASP B 3 -21.07 15.74 -49.79
CA ASP B 3 -22.32 15.18 -49.32
C ASP B 3 -22.31 15.03 -47.80
N THR B 4 -23.41 15.44 -47.13
CA THR B 4 -23.60 15.15 -45.72
C THR B 4 -24.66 14.07 -45.53
N ILE B 5 -24.34 13.05 -44.73
CA ILE B 5 -25.27 11.98 -44.40
C ILE B 5 -25.33 11.84 -42.87
N VAL B 6 -26.54 11.54 -42.37
CA VAL B 6 -26.74 11.25 -40.96
C VAL B 6 -26.68 9.74 -40.77
N ASN B 7 -25.76 9.30 -39.91
CA ASN B 7 -25.55 7.88 -39.64
C ASN B 7 -26.31 7.46 -38.39
N VAL B 8 -27.36 6.66 -38.56
CA VAL B 8 -28.01 6.01 -37.43
C VAL B 8 -27.42 4.61 -37.27
N GLN B 9 -27.23 4.19 -36.02
CA GLN B 9 -26.52 2.95 -35.75
C GLN B 9 -27.38 1.72 -36.01
N GLY B 10 -26.71 0.64 -36.43
CA GLY B 10 -27.30 -0.59 -36.94
C GLY B 10 -28.16 -1.36 -35.93
N SER B 11 -28.85 -2.37 -36.46
CA SER B 11 -30.02 -2.95 -35.81
C SER B 11 -29.73 -3.43 -34.39
N PHE B 12 -30.55 -2.92 -33.47
CA PHE B 12 -30.60 -3.38 -32.10
C PHE B 12 -30.92 -4.88 -32.05
N PHE B 13 -30.24 -5.60 -31.15
CA PHE B 13 -30.53 -7.00 -30.89
C PHE B 13 -30.70 -7.22 -29.39
N SER B 14 -31.72 -8.00 -28.99
CA SER B 14 -31.76 -8.49 -27.62
C SER B 14 -32.34 -9.90 -27.51
N ALA B 15 -31.88 -10.59 -26.46
CA ALA B 15 -32.44 -11.85 -26.00
C ALA B 15 -32.75 -11.70 -24.53
N SER B 16 -33.89 -12.24 -24.09
CA SER B 16 -34.25 -12.16 -22.68
C SER B 16 -35.04 -13.37 -22.23
N ALA B 17 -34.95 -13.64 -20.92
CA ALA B 17 -35.74 -14.66 -20.27
C ALA B 17 -35.98 -14.25 -18.82
N SER B 18 -37.25 -14.30 -18.41
CA SER B 18 -37.61 -14.17 -17.01
C SER B 18 -37.62 -15.53 -16.34
N GLY B 19 -37.31 -15.56 -15.04
CA GLY B 19 -37.49 -16.74 -14.22
C GLY B 19 -36.77 -17.99 -14.76
N VAL B 20 -35.55 -17.82 -15.28
CA VAL B 20 -34.70 -18.93 -15.69
C VAL B 20 -34.37 -19.74 -14.44
N ALA B 21 -34.70 -21.03 -14.43
CA ALA B 21 -34.51 -21.87 -13.26
C ALA B 21 -33.02 -22.13 -12.99
N ASP B 22 -32.71 -22.74 -11.84
CA ASP B 22 -31.38 -22.75 -11.22
C ASP B 22 -30.24 -23.06 -12.19
N THR B 23 -30.34 -24.17 -12.96
CA THR B 23 -29.27 -24.57 -13.86
C THR B 23 -29.66 -24.43 -15.34
N GLU B 24 -30.75 -23.72 -15.62
CA GLU B 24 -31.21 -23.50 -16.99
C GLU B 24 -30.46 -22.31 -17.61
N SER B 25 -30.72 -22.08 -18.90
CA SER B 25 -29.94 -21.11 -19.64
C SER B 25 -30.77 -20.34 -20.67
N LEU B 26 -30.34 -19.10 -20.93
CA LEU B 26 -30.75 -18.36 -22.10
C LEU B 26 -29.79 -18.71 -23.23
N LEU B 27 -30.32 -19.32 -24.30
CA LEU B 27 -29.53 -19.54 -25.50
C LEU B 27 -29.73 -18.38 -26.46
N ILE B 28 -28.69 -17.58 -26.61
CA ILE B 28 -28.66 -16.50 -27.56
C ILE B 28 -28.22 -17.07 -28.90
N ASP B 29 -29.16 -17.01 -29.85
CA ASP B 29 -29.00 -17.64 -31.13
C ASP B 29 -28.96 -16.57 -32.20
N PRO B 30 -27.85 -16.41 -32.97
CA PRO B 30 -27.78 -15.40 -34.03
C PRO B 30 -28.72 -15.69 -35.20
N GLN B 31 -29.37 -16.87 -35.23
CA GLN B 31 -30.41 -17.16 -36.21
C GLN B 31 -31.62 -16.23 -36.06
N ASP B 32 -31.78 -15.63 -34.88
CA ASP B 32 -32.88 -14.72 -34.56
C ASP B 32 -32.62 -13.30 -35.07
N ALA B 33 -31.37 -13.00 -35.44
CA ALA B 33 -30.98 -11.73 -36.04
C ALA B 33 -31.38 -11.70 -37.53
N LYS B 34 -31.81 -10.53 -38.02
CA LYS B 34 -32.09 -10.32 -39.43
C LYS B 34 -30.83 -10.54 -40.29
N PHE B 35 -29.68 -10.04 -39.82
CA PHE B 35 -28.42 -10.16 -40.53
C PHE B 35 -27.67 -11.46 -40.24
N GLY B 36 -28.16 -12.25 -39.27
CA GLY B 36 -27.62 -13.56 -38.96
C GLY B 36 -26.31 -13.54 -38.18
N ALA B 37 -25.88 -12.35 -37.72
CA ALA B 37 -24.78 -12.26 -36.76
C ALA B 37 -25.07 -11.18 -35.73
N ILE B 38 -24.50 -11.36 -34.53
CA ILE B 38 -24.75 -10.50 -33.39
C ILE B 38 -23.44 -10.21 -32.67
N GLU B 39 -23.46 -9.07 -31.99
CA GLU B 39 -22.42 -8.67 -31.07
C GLU B 39 -23.13 -8.23 -29.80
N ILE B 40 -23.00 -9.03 -28.74
CA ILE B 40 -23.61 -8.70 -27.46
C ILE B 40 -22.70 -7.74 -26.71
N HIS B 41 -23.28 -6.61 -26.30
CA HIS B 41 -22.61 -5.55 -25.59
C HIS B 41 -22.91 -5.64 -24.10
N ASN B 42 -24.17 -5.91 -23.76
CA ASN B 42 -24.64 -5.91 -22.39
C ASN B 42 -25.18 -7.28 -22.01
N ILE B 43 -24.80 -7.74 -20.81
CA ILE B 43 -25.51 -8.83 -20.15
C ILE B 43 -25.98 -8.30 -18.80
N ALA B 44 -27.29 -8.07 -18.68
CA ALA B 44 -27.91 -7.77 -17.40
C ALA B 44 -28.32 -9.09 -16.74
N NEP B 45 -27.74 -9.35 -15.58
CA NEP B 45 -27.84 -10.62 -14.92
C NEP B 45 -28.53 -10.41 -13.56
O NEP B 45 -28.01 -9.68 -12.72
CB NEP B 45 -26.44 -11.26 -14.86
CG NEP B 45 -25.31 -10.50 -14.23
ND1 NEP B 45 -25.00 -10.67 -12.90
CD2 NEP B 45 -24.33 -9.70 -14.78
CE1 NEP B 45 -23.92 -9.95 -12.65
NE2 NEP B 45 -23.45 -9.32 -13.76
P NEP B 45 -22.01 -8.32 -13.77
O1P NEP B 45 -21.10 -8.85 -12.69
O2P NEP B 45 -22.37 -6.90 -13.49
O3P NEP B 45 -21.27 -8.43 -15.08
N GLY B 46 -29.74 -10.97 -13.40
CA GLY B 46 -30.51 -10.84 -12.16
C GLY B 46 -29.93 -11.63 -10.98
N GLY B 47 -28.92 -12.45 -11.27
CA GLY B 47 -28.16 -13.24 -10.29
C GLY B 47 -26.95 -13.83 -11.00
N SER B 48 -26.26 -14.76 -10.34
CA SER B 48 -25.03 -15.35 -10.86
C SER B 48 -25.27 -16.14 -12.15
N VAL B 49 -24.35 -15.95 -13.12
CA VAL B 49 -24.42 -16.66 -14.40
C VAL B 49 -23.02 -17.04 -14.88
N ASP B 50 -22.95 -18.15 -15.63
CA ASP B 50 -21.81 -18.47 -16.47
C ASP B 50 -22.15 -18.17 -17.93
N VAL B 51 -21.23 -17.49 -18.61
CA VAL B 51 -21.38 -17.19 -20.03
C VAL B 51 -20.48 -18.14 -20.82
N GLU B 52 -21.04 -18.69 -21.89
CA GLU B 52 -20.39 -19.77 -22.62
C GLU B 52 -20.56 -19.56 -24.12
N LEU B 53 -19.48 -19.77 -24.88
CA LEU B 53 -19.50 -19.61 -26.32
C LEU B 53 -19.37 -21.00 -26.95
N LEU B 54 -20.31 -21.33 -27.84
CA LEU B 54 -20.41 -22.68 -28.36
C LEU B 54 -20.43 -22.64 -29.88
N THR B 55 -19.74 -23.60 -30.52
CA THR B 55 -19.91 -23.88 -31.93
C THR B 55 -20.76 -25.14 -32.05
N SER B 56 -21.72 -25.13 -32.97
CA SER B 56 -22.52 -26.32 -33.27
C SER B 56 -21.95 -27.08 -34.47
N SER B 57 -22.11 -28.41 -34.45
CA SER B 57 -21.92 -29.25 -35.64
C SER B 57 -23.03 -29.08 -36.68
N ASP B 58 -24.23 -28.67 -36.22
CA ASP B 58 -25.40 -28.55 -37.07
C ASP B 58 -25.66 -27.10 -37.46
N ASP B 59 -26.11 -26.88 -38.70
CA ASP B 59 -26.27 -25.53 -39.25
C ASP B 59 -27.37 -24.72 -38.56
N THR B 60 -28.30 -25.40 -37.87
CA THR B 60 -29.58 -24.83 -37.48
C THR B 60 -29.93 -25.12 -36.01
N GLU B 61 -29.36 -26.20 -35.44
CA GLU B 61 -29.60 -26.60 -34.06
C GLU B 61 -28.27 -26.62 -33.30
N LEU B 62 -28.32 -26.47 -31.97
CA LEU B 62 -27.10 -26.58 -31.19
C LEU B 62 -26.79 -28.03 -30.82
N VAL B 63 -25.74 -28.58 -31.47
CA VAL B 63 -25.09 -29.82 -31.09
C VAL B 63 -23.63 -29.46 -30.82
N GLU B 64 -23.22 -29.49 -29.54
CA GLU B 64 -21.96 -28.89 -29.11
C GLU B 64 -20.74 -29.53 -29.80
N ASP B 65 -19.95 -28.66 -30.43
CA ASP B 65 -18.63 -28.98 -30.94
C ASP B 65 -17.60 -28.36 -29.99
N ALA B 66 -17.12 -27.15 -30.31
CA ALA B 66 -16.31 -26.35 -29.41
C ALA B 66 -17.18 -25.67 -28.37
N ALA B 67 -16.77 -25.69 -27.08
CA ALA B 67 -17.42 -24.89 -26.06
C ALA B 67 -16.36 -24.30 -25.12
N VAL B 68 -16.43 -22.98 -24.89
CA VAL B 68 -15.53 -22.30 -23.96
C VAL B 68 -16.38 -21.51 -22.97
N THR B 69 -16.15 -21.74 -21.67
CA THR B 69 -16.79 -20.90 -20.67
C THR B 69 -16.02 -19.60 -20.57
N LEU B 70 -16.65 -18.50 -20.99
CA LEU B 70 -15.99 -17.23 -21.17
C LEU B 70 -15.67 -16.59 -19.82
N ASP B 71 -16.69 -16.50 -18.96
CA ASP B 71 -16.59 -15.80 -17.69
C ASP B 71 -17.78 -16.15 -16.78
N SER B 72 -17.60 -15.91 -15.48
CA SER B 72 -18.63 -16.06 -14.47
C SER B 72 -18.94 -14.70 -13.86
N PHE B 73 -20.24 -14.38 -13.79
CA PHE B 73 -20.70 -13.17 -13.14
C PHE B 73 -21.39 -13.56 -11.84
N THR B 74 -21.10 -12.83 -10.76
CA THR B 74 -21.66 -13.11 -9.44
C THR B 74 -22.65 -12.02 -9.03
N GLY B 75 -23.79 -12.44 -8.46
CA GLY B 75 -24.80 -11.52 -7.97
C GLY B 75 -25.55 -10.83 -9.11
N GLU B 76 -26.16 -9.68 -8.79
CA GLU B 76 -26.95 -8.93 -9.76
C GLU B 76 -26.15 -7.77 -10.33
N GLY B 77 -26.29 -7.52 -11.64
CA GLY B 77 -25.69 -6.34 -12.25
C GLY B 77 -25.70 -6.36 -13.76
N ILE B 78 -24.82 -5.53 -14.36
CA ILE B 78 -24.65 -5.48 -15.80
C ILE B 78 -23.18 -5.62 -16.21
N SER B 79 -22.94 -6.59 -17.09
CA SER B 79 -21.70 -6.67 -17.84
C SER B 79 -21.82 -5.78 -19.06
N GLN B 80 -21.44 -4.51 -18.89
CA GLN B 80 -21.44 -3.56 -19.99
C GLN B 80 -20.11 -3.63 -20.76
N GLY B 81 -20.14 -3.31 -22.07
CA GLY B 81 -18.95 -3.07 -22.86
C GLY B 81 -18.34 -4.33 -23.48
N ASN B 82 -19.15 -5.39 -23.59
CA ASN B 82 -18.75 -6.61 -24.27
C ASN B 82 -18.71 -6.43 -25.78
N GLN B 83 -18.02 -7.37 -26.44
CA GLN B 83 -18.15 -7.61 -27.86
C GLN B 83 -18.13 -9.12 -28.08
N ILE B 84 -19.00 -9.87 -27.39
CA ILE B 84 -19.04 -11.30 -27.70
C ILE B 84 -19.85 -11.48 -28.98
N GLU B 85 -19.29 -12.23 -29.93
CA GLU B 85 -19.84 -12.25 -31.28
C GLU B 85 -20.25 -13.67 -31.67
N ALA B 86 -21.36 -13.75 -32.41
CA ALA B 86 -21.86 -15.04 -32.88
C ALA B 86 -22.53 -14.86 -34.23
N SER B 87 -22.43 -15.89 -35.09
CA SER B 87 -23.16 -15.88 -36.36
C SER B 87 -23.82 -17.23 -36.61
N ASP B 88 -24.88 -17.20 -37.41
CA ASP B 88 -25.55 -18.39 -37.85
C ASP B 88 -24.64 -19.23 -38.75
N ASN B 89 -24.01 -18.63 -39.75
CA ASN B 89 -23.26 -19.41 -40.72
C ASN B 89 -22.05 -20.11 -40.09
N THR B 90 -21.42 -19.46 -39.10
CA THR B 90 -20.35 -20.10 -38.35
C THR B 90 -20.87 -20.88 -37.14
N ASN B 91 -22.21 -21.03 -37.05
CA ASN B 91 -22.89 -21.88 -36.09
C ASN B 91 -22.48 -21.60 -34.64
N THR B 92 -22.36 -20.32 -34.30
CA THR B 92 -21.89 -19.90 -32.99
C THR B 92 -23.09 -19.50 -32.13
N TYR B 93 -23.14 -19.98 -30.89
CA TYR B 93 -24.19 -19.68 -29.94
C TYR B 93 -23.57 -19.14 -28.66
N ILE B 94 -24.28 -18.24 -27.98
CA ILE B 94 -23.88 -17.81 -26.65
C ILE B 94 -24.91 -18.36 -25.66
N ARG B 95 -24.44 -19.10 -24.65
CA ARG B 95 -25.32 -19.62 -23.61
C ARG B 95 -25.01 -18.89 -22.31
N ILE B 96 -26.06 -18.30 -21.70
CA ILE B 96 -25.92 -17.72 -20.39
C ILE B 96 -26.67 -18.63 -19.42
N THR B 97 -25.92 -19.26 -18.51
CA THR B 97 -26.44 -20.31 -17.66
C THR B 97 -26.57 -19.76 -16.25
N ASN B 98 -27.75 -19.94 -15.65
CA ASN B 98 -27.98 -19.56 -14.27
C ASN B 98 -27.13 -20.42 -13.34
N THR B 99 -26.57 -19.81 -12.28
CA THR B 99 -25.80 -20.52 -11.27
C THR B 99 -26.17 -20.03 -9.85
N SER B 100 -27.29 -19.30 -9.73
CA SER B 100 -27.67 -18.52 -8.55
C SER B 100 -28.19 -19.37 -7.38
N GLY B 101 -28.66 -20.59 -7.66
CA GLY B 101 -29.38 -21.37 -6.65
C GLY B 101 -30.87 -21.03 -6.58
N GLY B 102 -31.37 -20.26 -7.55
CA GLY B 102 -32.76 -19.81 -7.62
C GLY B 102 -33.06 -19.11 -8.95
N ALA B 103 -34.34 -18.77 -9.19
CA ALA B 103 -34.77 -18.26 -10.48
C ALA B 103 -34.31 -16.81 -10.71
N ILE B 104 -33.84 -16.51 -11.94
CA ILE B 104 -33.34 -15.18 -12.27
C ILE B 104 -33.85 -14.67 -13.63
N ASP B 105 -33.75 -13.36 -13.80
CA ASP B 105 -34.04 -12.70 -15.06
C ASP B 105 -32.72 -12.40 -15.78
N ILE B 106 -32.63 -12.73 -17.07
CA ILE B 106 -31.45 -12.45 -17.88
C ILE B 106 -31.87 -11.61 -19.08
N ILE B 107 -31.20 -10.47 -19.29
CA ILE B 107 -31.42 -9.66 -20.48
C ILE B 107 -30.07 -9.40 -21.15
N ALA B 108 -29.91 -9.84 -22.40
CA ALA B 108 -28.70 -9.56 -23.16
C ALA B 108 -29.04 -8.62 -24.32
N THR B 109 -28.28 -7.52 -24.46
CA THR B 109 -28.50 -6.58 -25.56
C THR B 109 -27.21 -6.34 -26.33
N GLY B 110 -27.39 -5.92 -27.57
CA GLY B 110 -26.26 -5.67 -28.45
C GLY B 110 -26.76 -5.23 -29.81
N ARG B 111 -25.97 -5.60 -30.83
CA ARG B 111 -26.20 -5.11 -32.17
C ARG B 111 -26.09 -6.26 -33.15
N GLU B 112 -26.92 -6.20 -34.20
CA GLU B 112 -26.76 -7.10 -35.33
C GLU B 112 -25.59 -6.63 -36.19
N VAL B 113 -24.85 -7.61 -36.69
CA VAL B 113 -23.68 -7.40 -37.54
C VAL B 113 -23.95 -8.14 -38.85
N SER B 114 -23.41 -7.66 -39.96
CA SER B 114 -23.50 -8.39 -41.21
C SER B 114 -22.64 -9.66 -41.12
N GLN B 115 -23.12 -10.74 -41.74
CA GLN B 115 -22.22 -11.83 -42.07
C GLN B 115 -21.37 -11.43 -43.29
N THR C 2 -31.38 16.46 -44.68
CA THR C 2 -30.21 15.58 -45.03
C THR C 2 -30.64 14.13 -45.06
N ASP C 3 -29.89 13.31 -45.83
CA ASP C 3 -30.13 11.88 -45.97
C ASP C 3 -29.86 11.15 -44.65
N THR C 4 -30.76 10.24 -44.26
CA THR C 4 -30.53 9.34 -43.14
C THR C 4 -30.25 7.93 -43.66
N ILE C 5 -29.17 7.32 -43.15
CA ILE C 5 -28.81 5.95 -43.48
C ILE C 5 -28.60 5.18 -42.19
N VAL C 6 -29.01 3.91 -42.18
CA VAL C 6 -28.76 3.00 -41.08
C VAL C 6 -27.49 2.21 -41.39
N ASN C 7 -26.51 2.31 -40.49
CA ASN C 7 -25.22 1.63 -40.65
C ASN C 7 -25.22 0.32 -39.89
N VAL C 8 -25.22 -0.81 -40.61
CA VAL C 8 -24.99 -2.09 -39.99
C VAL C 8 -23.52 -2.43 -40.14
N GLN C 9 -22.94 -3.05 -39.10
CA GLN C 9 -21.50 -3.25 -39.05
C GLN C 9 -21.05 -4.41 -39.93
N GLY C 10 -19.83 -4.26 -40.46
CA GLY C 10 -19.23 -5.09 -41.50
C GLY C 10 -19.03 -6.55 -41.10
N SER C 11 -18.67 -7.35 -42.11
CA SER C 11 -18.82 -8.80 -42.06
C SER C 11 -18.15 -9.44 -40.86
N PHE C 12 -18.95 -10.21 -40.13
CA PHE C 12 -18.49 -11.08 -39.06
C PHE C 12 -17.47 -12.08 -39.60
N PHE C 13 -16.41 -12.32 -38.82
CA PHE C 13 -15.43 -13.35 -39.13
C PHE C 13 -15.21 -14.24 -37.91
N SER C 14 -15.14 -15.56 -38.12
CA SER C 14 -14.65 -16.44 -37.06
C SER C 14 -13.83 -17.61 -37.58
N ALA C 15 -12.92 -18.07 -36.72
CA ALA C 15 -12.20 -19.32 -36.88
C ALA C 15 -12.37 -20.13 -35.61
N SER C 16 -12.54 -21.44 -35.74
CA SER C 16 -12.70 -22.27 -34.56
C SER C 16 -12.14 -23.67 -34.79
N ALA C 17 -11.75 -24.29 -33.68
CA ALA C 17 -11.32 -25.68 -33.66
C ALA C 17 -11.67 -26.29 -32.31
N SER C 18 -12.33 -27.45 -32.34
CA SER C 18 -12.53 -28.27 -31.16
C SER C 18 -11.36 -29.24 -31.01
N GLY C 19 -11.05 -29.59 -29.75
CA GLY C 19 -10.10 -30.66 -29.45
C GLY C 19 -8.73 -30.50 -30.11
N VAL C 20 -8.21 -29.26 -30.15
CA VAL C 20 -6.86 -28.99 -30.60
C VAL C 20 -5.90 -29.68 -29.64
N ALA C 21 -5.04 -30.58 -30.16
CA ALA C 21 -4.14 -31.36 -29.32
C ALA C 21 -3.05 -30.48 -28.69
N ASP C 22 -2.27 -31.06 -27.77
CA ASP C 22 -1.44 -30.34 -26.80
C ASP C 22 -0.60 -29.20 -27.41
N THR C 23 0.16 -29.49 -28.48
CA THR C 23 1.03 -28.48 -29.09
C THR C 23 0.56 -28.05 -30.49
N GLU C 24 -0.68 -28.42 -30.85
CA GLU C 24 -1.25 -28.04 -32.14
C GLU C 24 -1.83 -26.64 -32.09
N SER C 25 -2.28 -26.14 -33.25
CA SER C 25 -2.68 -24.75 -33.37
C SER C 25 -3.88 -24.55 -34.30
N LEU C 26 -4.65 -23.50 -34.00
CA LEU C 26 -5.59 -22.93 -34.93
C LEU C 26 -4.85 -21.90 -35.76
N LEU C 27 -4.76 -22.13 -37.09
CA LEU C 27 -4.23 -21.12 -37.97
C LEU C 27 -5.37 -20.29 -38.53
N ILE C 28 -5.42 -19.03 -38.09
CA ILE C 28 -6.37 -18.07 -38.60
C ILE C 28 -5.76 -17.44 -39.84
N ASP C 29 -6.44 -17.70 -40.96
CA ASP C 29 -5.94 -17.33 -42.27
C ASP C 29 -6.89 -16.29 -42.86
N PRO C 30 -6.44 -15.05 -43.15
CA PRO C 30 -7.31 -14.05 -43.76
C PRO C 30 -7.72 -14.38 -45.19
N GLN C 31 -7.15 -15.43 -45.80
CA GLN C 31 -7.60 -15.93 -47.09
C GLN C 31 -9.05 -16.45 -47.04
N ASP C 32 -9.52 -16.80 -45.84
CA ASP C 32 -10.87 -17.31 -45.61
C ASP C 32 -11.90 -16.19 -45.53
N ALA C 33 -11.46 -14.94 -45.37
CA ALA C 33 -12.31 -13.77 -45.39
C ALA C 33 -12.70 -13.39 -46.83
N LYS C 34 -13.94 -12.93 -47.02
CA LYS C 34 -14.40 -12.42 -48.31
C LYS C 34 -13.56 -11.21 -48.76
N PHE C 35 -13.26 -10.30 -47.82
CA PHE C 35 -12.49 -9.10 -48.11
C PHE C 35 -10.97 -9.32 -48.04
N GLY C 36 -10.54 -10.49 -47.56
CA GLY C 36 -9.13 -10.87 -47.56
C GLY C 36 -8.32 -10.22 -46.43
N ALA C 37 -8.98 -9.51 -45.51
CA ALA C 37 -8.33 -9.05 -44.29
C ALA C 37 -9.29 -9.19 -43.11
N ILE C 38 -8.70 -9.36 -41.92
CA ILE C 38 -9.44 -9.62 -40.70
C ILE C 38 -8.85 -8.82 -39.55
N GLU C 39 -9.72 -8.56 -38.58
CA GLU C 39 -9.36 -7.98 -37.31
C GLU C 39 -10.01 -8.86 -36.24
N ILE C 40 -9.19 -9.61 -35.51
CA ILE C 40 -9.71 -10.47 -34.45
C ILE C 40 -9.89 -9.64 -33.19
N HIS C 41 -11.11 -9.71 -32.65
CA HIS C 41 -11.53 -8.99 -31.47
C HIS C 41 -11.50 -9.91 -30.25
N ASN C 42 -11.97 -11.15 -30.44
CA ASN C 42 -12.12 -12.10 -29.35
C ASN C 42 -11.28 -13.33 -29.60
N ILE C 43 -10.59 -13.80 -28.57
CA ILE C 43 -10.06 -15.15 -28.54
C ILE C 43 -10.64 -15.84 -27.30
N ALA C 44 -11.57 -16.77 -27.52
CA ALA C 44 -12.06 -17.64 -26.48
C ALA C 44 -11.18 -18.88 -26.44
N NEP C 45 -10.53 -19.07 -25.30
CA NEP C 45 -9.50 -20.08 -25.14
C NEP C 45 -9.95 -21.08 -24.08
O NEP C 45 -10.16 -20.70 -22.93
CB NEP C 45 -8.17 -19.35 -24.86
CG NEP C 45 -8.08 -18.40 -23.70
ND1 NEP C 45 -7.63 -18.84 -22.47
CD2 NEP C 45 -8.21 -17.04 -23.64
CE1 NEP C 45 -7.57 -17.78 -21.69
NE2 NEP C 45 -7.90 -16.62 -22.33
P NEP C 45 -7.88 -15.05 -21.59
O1P NEP C 45 -6.83 -15.11 -20.49
O2P NEP C 45 -9.20 -14.74 -21.01
O3P NEP C 45 -7.49 -13.98 -22.55
N GLY C 46 -10.19 -22.34 -24.48
CA GLY C 46 -10.64 -23.39 -23.56
C GLY C 46 -9.57 -23.87 -22.58
N GLY C 47 -8.33 -23.39 -22.78
CA GLY C 47 -7.17 -23.62 -21.93
C GLY C 47 -6.06 -22.70 -22.38
N SER C 48 -4.84 -22.92 -21.87
CA SER C 48 -3.70 -22.05 -22.15
C SER C 48 -3.31 -22.05 -23.62
N VAL C 49 -3.01 -20.86 -24.15
CA VAL C 49 -2.60 -20.68 -25.53
C VAL C 49 -1.51 -19.62 -25.66
N ASP C 50 -0.65 -19.79 -26.67
CA ASP C 50 0.20 -18.72 -27.18
C ASP C 50 -0.38 -18.19 -28.48
N VAL C 51 -0.46 -16.86 -28.59
CA VAL C 51 -0.91 -16.20 -29.81
C VAL C 51 0.31 -15.66 -30.54
N GLU C 52 0.34 -15.88 -31.86
CA GLU C 52 1.53 -15.61 -32.64
C GLU C 52 1.12 -14.98 -33.98
N LEU C 53 1.85 -13.94 -34.38
CA LEU C 53 1.59 -13.25 -35.65
C LEU C 53 2.73 -13.55 -36.61
N LEU C 54 2.37 -14.05 -37.79
CA LEU C 54 3.35 -14.57 -38.74
C LEU C 54 3.18 -13.90 -40.09
N THR C 55 4.31 -13.59 -40.75
CA THR C 55 4.31 -13.23 -42.16
C THR C 55 4.82 -14.45 -42.92
N SER C 56 4.17 -14.77 -44.05
CA SER C 56 4.65 -15.82 -44.94
C SER C 56 5.49 -15.26 -46.08
N SER C 57 6.48 -16.04 -46.55
CA SER C 57 7.17 -15.80 -47.81
C SER C 57 6.29 -16.11 -49.03
N ASP C 58 5.30 -16.99 -48.86
CA ASP C 58 4.45 -17.45 -49.94
C ASP C 58 3.09 -16.74 -49.92
N ASP C 59 2.54 -16.43 -51.09
CA ASP C 59 1.32 -15.66 -51.21
C ASP C 59 0.08 -16.38 -50.68
N THR C 60 0.15 -17.71 -50.55
CA THR C 60 -1.03 -18.56 -50.42
C THR C 60 -0.87 -19.60 -49.31
N GLU C 61 0.37 -19.96 -48.97
CA GLU C 61 0.68 -20.94 -47.93
C GLU C 61 1.54 -20.29 -46.84
N LEU C 62 1.50 -20.83 -45.62
CA LEU C 62 2.38 -20.31 -44.57
C LEU C 62 3.76 -20.95 -44.62
N VAL C 63 4.75 -20.15 -45.04
CA VAL C 63 6.16 -20.44 -44.90
C VAL C 63 6.75 -19.29 -44.08
N GLU C 64 7.12 -19.55 -42.82
CA GLU C 64 7.42 -18.49 -41.85
C GLU C 64 8.57 -17.59 -42.30
N ASP C 65 8.28 -16.28 -42.35
CA ASP C 65 9.27 -15.24 -42.50
C ASP C 65 9.45 -14.57 -41.14
N ALA C 66 8.72 -13.47 -40.89
CA ALA C 66 8.63 -12.86 -39.57
C ALA C 66 7.65 -13.63 -38.68
N ALA C 67 8.03 -13.89 -37.42
CA ALA C 67 7.08 -14.41 -36.44
C ALA C 67 7.31 -13.74 -35.09
N VAL C 68 6.23 -13.24 -34.49
CA VAL C 68 6.28 -12.62 -33.17
C VAL C 68 5.23 -13.31 -32.28
N THR C 69 5.65 -13.80 -31.12
CA THR C 69 4.70 -14.30 -30.15
C THR C 69 4.10 -13.11 -29.41
N LEU C 70 2.81 -12.87 -29.63
CA LEU C 70 2.15 -11.66 -29.18
C LEU C 70 1.92 -11.70 -27.67
N ASP C 71 1.33 -12.80 -27.19
CA ASP C 71 0.94 -12.93 -25.79
C ASP C 71 0.63 -14.40 -25.47
N SER C 72 0.66 -14.70 -24.17
CA SER C 72 0.28 -15.99 -23.63
C SER C 72 -0.95 -15.84 -22.73
N PHE C 73 -1.95 -16.68 -22.96
CA PHE C 73 -3.14 -16.73 -22.15
C PHE C 73 -3.11 -18.01 -21.32
N THR C 74 -3.44 -17.90 -20.02
CA THR C 74 -3.42 -19.03 -19.11
C THR C 74 -4.85 -19.42 -18.70
N GLY C 75 -5.11 -20.74 -18.68
CA GLY C 75 -6.40 -21.26 -18.26
C GLY C 75 -7.50 -20.98 -19.29
N GLU C 76 -8.76 -21.02 -18.83
CA GLU C 76 -9.90 -20.82 -19.70
C GLU C 76 -10.42 -19.39 -19.60
N GLY C 77 -10.82 -18.80 -20.73
CA GLY C 77 -11.48 -17.51 -20.71
C GLY C 77 -11.60 -16.86 -22.09
N ILE C 78 -11.82 -15.54 -22.09
CA ILE C 78 -11.89 -14.75 -23.31
C ILE C 78 -10.96 -13.54 -23.28
N SER C 79 -10.11 -13.44 -24.29
CA SER C 79 -9.40 -12.22 -24.60
C SER C 79 -10.30 -11.34 -25.46
N GLN C 80 -11.09 -10.51 -24.80
CA GLN C 80 -11.99 -9.59 -25.48
C GLN C 80 -11.29 -8.26 -25.79
N GLY C 81 -11.68 -7.57 -26.86
CA GLY C 81 -11.30 -6.19 -27.16
C GLY C 81 -9.97 -6.06 -27.90
N ASN C 82 -9.53 -7.14 -28.56
CA ASN C 82 -8.36 -7.13 -29.41
C ASN C 82 -8.59 -6.37 -30.72
N GLN C 83 -7.49 -6.03 -31.37
CA GLN C 83 -7.48 -5.62 -32.77
C GLN C 83 -6.26 -6.27 -33.44
N ILE C 84 -6.08 -7.59 -33.34
CA ILE C 84 -4.98 -8.19 -34.07
C ILE C 84 -5.41 -8.33 -35.52
N GLU C 85 -4.57 -7.85 -36.45
CA GLU C 85 -4.98 -7.70 -37.84
C GLU C 85 -4.12 -8.54 -38.77
N ALA C 86 -4.75 -9.09 -39.81
CA ALA C 86 -4.05 -9.90 -40.78
C ALA C 86 -4.69 -9.73 -42.16
N SER C 87 -3.89 -9.80 -43.23
CA SER C 87 -4.43 -9.80 -44.59
C SER C 87 -3.75 -10.86 -45.45
N ASP C 88 -4.47 -11.29 -46.49
CA ASP C 88 -3.93 -12.19 -47.48
C ASP C 88 -2.80 -11.52 -48.26
N ASN C 89 -3.00 -10.31 -48.77
CA ASN C 89 -2.01 -9.73 -49.66
C ASN C 89 -0.70 -9.44 -48.93
N THR C 90 -0.76 -9.07 -47.64
CA THR C 90 0.44 -8.91 -46.84
C THR C 90 0.87 -10.21 -46.17
N ASN C 91 0.23 -11.32 -46.56
CA ASN C 91 0.59 -12.69 -46.17
C ASN C 91 0.73 -12.86 -44.65
N THR C 92 -0.20 -12.28 -43.90
CA THR C 92 -0.15 -12.29 -42.45
C THR C 92 -1.10 -13.36 -41.93
N TYR C 93 -0.63 -14.17 -40.98
CA TYR C 93 -1.40 -15.24 -40.36
C TYR C 93 -1.37 -15.06 -38.85
N ILE C 94 -2.45 -15.45 -38.16
CA ILE C 94 -2.45 -15.51 -36.72
C ILE C 94 -2.51 -16.99 -36.32
N ARG C 95 -1.56 -17.44 -35.51
CA ARG C 95 -1.56 -18.80 -35.01
C ARG C 95 -1.86 -18.79 -33.53
N ILE C 96 -2.88 -19.55 -33.11
CA ILE C 96 -3.16 -19.73 -31.70
C ILE C 96 -2.76 -21.17 -31.37
N THR C 97 -1.73 -21.30 -30.53
CA THR C 97 -1.11 -22.59 -30.25
C THR C 97 -1.50 -23.04 -28.85
N ASN C 98 -1.99 -24.27 -28.74
CA ASN C 98 -2.32 -24.86 -27.45
C ASN C 98 -1.03 -25.06 -26.63
N THR C 99 -1.11 -24.79 -25.32
CA THR C 99 0.00 -25.01 -24.40
C THR C 99 -0.48 -25.66 -23.10
N SER C 100 -1.72 -26.19 -23.10
CA SER C 100 -2.46 -26.62 -21.90
C SER C 100 -1.97 -27.94 -21.30
N GLY C 101 -1.29 -28.78 -22.08
CA GLY C 101 -0.98 -30.13 -21.65
C GLY C 101 -2.12 -31.12 -21.93
N GLY C 102 -3.12 -30.69 -22.72
CA GLY C 102 -4.29 -31.49 -23.07
C GLY C 102 -5.15 -30.79 -24.12
N ALA C 103 -6.18 -31.47 -24.63
CA ALA C 103 -6.97 -30.99 -25.76
C ALA C 103 -7.90 -29.83 -25.36
N ILE C 104 -7.98 -28.79 -26.21
CA ILE C 104 -8.79 -27.61 -25.92
C ILE C 104 -9.61 -27.15 -27.12
N ASP C 105 -10.64 -26.36 -26.84
CA ASP C 105 -11.45 -25.69 -27.84
C ASP C 105 -10.99 -24.25 -27.98
N ILE C 106 -10.78 -23.78 -29.23
CA ILE C 106 -10.39 -22.40 -29.49
C ILE C 106 -11.43 -21.78 -30.43
N ILE C 107 -11.97 -20.62 -30.04
CA ILE C 107 -12.86 -19.87 -30.92
C ILE C 107 -12.34 -18.43 -31.02
N ALA C 108 -12.02 -17.99 -32.23
CA ALA C 108 -11.61 -16.61 -32.46
C ALA C 108 -12.66 -15.89 -33.30
N THR C 109 -13.11 -14.72 -32.84
CA THR C 109 -14.09 -13.96 -33.59
C THR C 109 -13.61 -12.52 -33.81
N GLY C 110 -14.15 -11.90 -34.84
CA GLY C 110 -13.78 -10.55 -35.19
C GLY C 110 -14.54 -10.10 -36.43
N ARG C 111 -13.89 -9.25 -37.20
CA ARG C 111 -14.54 -8.58 -38.31
C ARG C 111 -13.63 -8.65 -39.54
N GLU C 112 -14.25 -8.78 -40.71
CA GLU C 112 -13.53 -8.61 -41.97
C GLU C 112 -13.30 -7.12 -42.22
N VAL C 113 -12.12 -6.82 -42.77
CA VAL C 113 -11.69 -5.49 -43.09
C VAL C 113 -11.36 -5.48 -44.58
N SER C 114 -11.54 -4.35 -45.25
CA SER C 114 -11.10 -4.24 -46.63
C SER C 114 -9.58 -4.26 -46.71
N GLN C 115 -9.04 -4.89 -47.76
CA GLN C 115 -7.67 -4.60 -48.14
C GLN C 115 -7.60 -3.24 -48.83
N THR D 2 -35.89 4.20 -44.10
CA THR D 2 -34.53 4.75 -44.35
C THR D 2 -33.64 3.68 -44.98
N ASP D 3 -32.61 4.13 -45.72
CA ASP D 3 -31.63 3.27 -46.37
C ASP D 3 -30.78 2.54 -45.32
N THR D 4 -30.56 1.22 -45.52
CA THR D 4 -29.60 0.47 -44.72
C THR D 4 -28.36 0.15 -45.55
N ILE D 5 -27.18 0.44 -44.98
CA ILE D 5 -25.90 0.13 -45.62
C ILE D 5 -25.05 -0.65 -44.64
N VAL D 6 -24.27 -1.62 -45.17
CA VAL D 6 -23.31 -2.37 -44.39
C VAL D 6 -21.95 -1.70 -44.54
N ASN D 7 -21.37 -1.31 -43.40
CA ASN D 7 -20.09 -0.62 -43.39
C ASN D 7 -18.96 -1.62 -43.12
N VAL D 8 -18.12 -1.86 -44.13
CA VAL D 8 -16.89 -2.62 -43.92
C VAL D 8 -15.75 -1.62 -43.71
N GLN D 9 -14.84 -1.94 -42.80
CA GLN D 9 -13.81 -0.99 -42.40
C GLN D 9 -12.70 -0.88 -43.44
N GLY D 10 -12.13 0.33 -43.51
CA GLY D 10 -11.20 0.79 -44.53
C GLY D 10 -9.89 0.02 -44.59
N SER D 11 -9.12 0.30 -45.65
CA SER D 11 -8.06 -0.58 -46.11
C SER D 11 -7.05 -0.90 -45.03
N PHE D 12 -6.84 -2.21 -44.83
CA PHE D 12 -5.78 -2.75 -44.00
C PHE D 12 -4.41 -2.28 -44.52
N PHE D 13 -3.52 -1.93 -43.59
CA PHE D 13 -2.15 -1.60 -43.91
C PHE D 13 -1.20 -2.42 -43.02
N SER D 14 -0.12 -2.96 -43.60
CA SER D 14 0.96 -3.47 -42.78
C SER D 14 2.34 -3.26 -43.40
N ALA D 15 3.32 -3.17 -42.51
CA ALA D 15 4.73 -3.21 -42.85
C ALA D 15 5.39 -4.28 -41.99
N SER D 16 6.31 -5.04 -42.57
CA SER D 16 6.98 -6.09 -41.81
C SER D 16 8.41 -6.30 -42.30
N ALA D 17 9.23 -6.80 -41.37
CA ALA D 17 10.60 -7.20 -41.68
C ALA D 17 10.99 -8.34 -40.75
N SER D 18 11.51 -9.42 -41.33
CA SER D 18 12.15 -10.48 -40.57
C SER D 18 13.64 -10.18 -40.41
N GLY D 19 14.22 -10.65 -39.30
CA GLY D 19 15.66 -10.62 -39.08
C GLY D 19 16.30 -9.25 -39.26
N VAL D 20 15.63 -8.20 -38.76
CA VAL D 20 16.18 -6.85 -38.70
C VAL D 20 17.40 -6.90 -37.77
N ALA D 21 18.58 -6.51 -38.29
CA ALA D 21 19.82 -6.59 -37.52
C ALA D 21 19.84 -5.57 -36.38
N ASP D 22 20.84 -5.67 -35.50
CA ASP D 22 20.85 -5.08 -34.16
C ASP D 22 20.40 -3.61 -34.13
N THR D 23 20.99 -2.74 -34.96
CA THR D 23 20.66 -1.32 -34.97
C THR D 23 19.92 -0.88 -36.24
N GLU D 24 19.43 -1.83 -37.03
CA GLU D 24 18.68 -1.53 -38.24
C GLU D 24 17.21 -1.26 -37.91
N SER D 25 16.45 -0.86 -38.94
CA SER D 25 15.09 -0.39 -38.72
C SER D 25 14.14 -0.79 -39.83
N LEU D 26 12.87 -0.95 -39.45
CA LEU D 26 11.76 -0.97 -40.39
C LEU D 26 11.31 0.48 -40.60
N LEU D 27 11.43 0.96 -41.84
CA LEU D 27 10.88 2.26 -42.19
C LEU D 27 9.47 2.07 -42.75
N ILE D 28 8.49 2.50 -41.96
CA ILE D 28 7.10 2.49 -42.39
C ILE D 28 6.86 3.78 -43.15
N ASP D 29 6.57 3.61 -44.44
CA ASP D 29 6.45 4.71 -45.38
C ASP D 29 5.00 4.78 -45.85
N PRO D 30 4.26 5.88 -45.59
CA PRO D 30 2.89 6.00 -46.08
C PRO D 30 2.77 6.11 -47.60
N GLN D 31 3.90 6.25 -48.31
CA GLN D 31 3.90 6.17 -49.78
C GLN D 31 3.46 4.80 -50.28
N ASP D 32 3.56 3.77 -49.43
CA ASP D 32 3.17 2.40 -49.77
C ASP D 32 1.67 2.17 -49.64
N ALA D 33 0.96 3.09 -48.98
CA ALA D 33 -0.50 3.08 -48.86
C ALA D 33 -1.15 3.57 -50.15
N LYS D 34 -2.28 2.96 -50.53
CA LYS D 34 -3.08 3.41 -51.67
C LYS D 34 -3.57 4.85 -51.46
N PHE D 35 -4.03 5.17 -50.24
CA PHE D 35 -4.55 6.50 -49.91
C PHE D 35 -3.46 7.49 -49.48
N GLY D 36 -2.22 7.00 -49.31
CA GLY D 36 -1.08 7.86 -49.02
C GLY D 36 -1.01 8.35 -47.57
N ALA D 37 -1.88 7.83 -46.70
CA ALA D 37 -1.75 8.06 -45.27
C ALA D 37 -2.11 6.78 -44.50
N ILE D 38 -1.51 6.64 -43.31
CA ILE D 38 -1.64 5.45 -42.50
C ILE D 38 -1.83 5.84 -41.04
N GLU D 39 -2.47 4.92 -40.32
CA GLU D 39 -2.59 4.97 -38.88
C GLU D 39 -2.20 3.59 -38.38
N ILE D 40 -1.04 3.50 -37.72
CA ILE D 40 -0.58 2.23 -37.18
C ILE D 40 -1.23 2.02 -35.82
N HIS D 41 -1.87 0.86 -35.68
CA HIS D 41 -2.58 0.43 -34.49
C HIS D 41 -1.72 -0.53 -33.66
N ASN D 42 -1.05 -1.46 -34.35
CA ASN D 42 -0.30 -2.51 -33.70
C ASN D 42 1.17 -2.43 -34.10
N ILE D 43 2.05 -2.58 -33.11
CA ILE D 43 3.44 -2.90 -33.37
C ILE D 43 3.75 -4.20 -32.63
N ALA D 44 3.90 -5.29 -33.38
CA ALA D 44 4.40 -6.55 -32.84
C ALA D 44 5.92 -6.56 -32.97
N NEP D 45 6.57 -6.64 -31.80
CA NEP D 45 7.99 -6.45 -31.68
C NEP D 45 8.61 -7.75 -31.17
O NEP D 45 8.28 -8.17 -30.06
CB NEP D 45 8.24 -5.19 -30.83
CG NEP D 45 7.65 -5.10 -29.45
ND1 NEP D 45 8.39 -5.50 -28.35
CD2 NEP D 45 6.49 -4.52 -29.00
CE1 NEP D 45 7.64 -5.23 -27.29
NE2 NEP D 45 6.47 -4.61 -27.60
P NEP D 45 5.30 -4.08 -26.42
O1P NEP D 45 6.08 -3.77 -25.15
O2P NEP D 45 4.32 -5.16 -26.15
O3P NEP D 45 4.61 -2.82 -26.86
N GLY D 46 9.44 -8.41 -31.99
CA GLY D 46 10.08 -9.67 -31.61
C GLY D 46 11.19 -9.52 -30.57
N GLY D 47 11.53 -8.26 -30.26
CA GLY D 47 12.49 -7.87 -29.24
C GLY D 47 12.40 -6.36 -29.05
N SER D 48 13.36 -5.78 -28.31
CA SER D 48 13.33 -4.36 -27.96
C SER D 48 13.43 -3.47 -29.21
N VAL D 49 12.62 -2.40 -29.22
CA VAL D 49 12.61 -1.44 -30.32
C VAL D 49 12.40 -0.02 -29.79
N ASP D 50 12.97 0.96 -30.52
CA ASP D 50 12.60 2.36 -30.39
C ASP D 50 11.72 2.75 -31.58
N VAL D 51 10.60 3.43 -31.29
CA VAL D 51 9.70 3.93 -32.31
C VAL D 51 9.94 5.43 -32.46
N GLU D 52 10.02 5.87 -33.72
CA GLU D 52 10.44 7.23 -34.01
C GLU D 52 9.58 7.81 -35.14
N LEU D 53 9.16 9.07 -34.98
CA LEU D 53 8.34 9.74 -35.97
C LEU D 53 9.18 10.83 -36.62
N LEU D 54 9.25 10.79 -37.95
CA LEU D 54 10.16 11.66 -38.69
C LEU D 54 9.40 12.44 -39.76
N THR D 55 9.77 13.71 -39.94
CA THR D 55 9.37 14.47 -41.11
C THR D 55 10.57 14.54 -42.05
N SER D 56 10.33 14.36 -43.34
CA SER D 56 11.37 14.52 -44.35
C SER D 56 11.32 15.92 -44.97
N SER D 57 12.49 16.45 -45.36
CA SER D 57 12.61 17.61 -46.23
C SER D 57 12.21 17.29 -47.68
N ASP D 58 12.33 16.02 -48.08
CA ASP D 58 12.08 15.59 -49.45
C ASP D 58 10.71 14.93 -49.59
N ASP D 59 10.03 15.17 -50.71
CA ASP D 59 8.67 14.70 -50.92
C ASP D 59 8.55 13.18 -51.01
N THR D 60 9.66 12.49 -51.30
CA THR D 60 9.64 11.11 -51.78
C THR D 60 10.66 10.22 -51.04
N GLU D 61 11.72 10.83 -50.50
CA GLU D 61 12.78 10.12 -49.78
C GLU D 61 12.87 10.66 -48.35
N LEU D 62 13.40 9.85 -47.42
CA LEU D 62 13.60 10.35 -46.06
C LEU D 62 14.94 11.06 -45.92
N VAL D 63 14.85 12.40 -45.77
CA VAL D 63 15.95 13.25 -45.34
C VAL D 63 15.46 13.95 -44.08
N GLU D 64 16.00 13.58 -42.91
CA GLU D 64 15.43 13.94 -41.62
C GLU D 64 15.37 15.46 -41.42
N ASP D 65 14.15 15.94 -41.13
CA ASP D 65 13.89 17.29 -40.66
C ASP D 65 13.60 17.21 -39.16
N ALA D 66 12.31 17.13 -38.79
CA ALA D 66 11.89 16.84 -37.42
C ALA D 66 11.99 15.34 -37.14
N ALA D 67 12.54 14.97 -35.98
CA ALA D 67 12.49 13.59 -35.52
C ALA D 67 12.21 13.55 -34.01
N VAL D 68 11.22 12.75 -33.61
CA VAL D 68 10.88 12.56 -32.21
C VAL D 68 10.87 11.05 -31.91
N THR D 69 11.64 10.64 -30.91
CA THR D 69 11.55 9.25 -30.45
C THR D 69 10.31 9.12 -29.57
N LEU D 70 9.32 8.38 -30.06
CA LEU D 70 8.00 8.32 -29.45
C LEU D 70 8.04 7.52 -28.15
N ASP D 71 8.60 6.31 -28.22
CA ASP D 71 8.60 5.37 -27.11
C ASP D 71 9.58 4.23 -27.37
N SER D 72 9.97 3.55 -26.28
CA SER D 72 10.81 2.37 -26.30
C SER D 72 10.01 1.18 -25.78
N PHE D 73 10.05 0.08 -26.55
CA PHE D 73 9.44 -1.18 -26.15
C PHE D 73 10.56 -2.16 -25.79
N THR D 74 10.38 -2.87 -24.67
CA THR D 74 11.37 -3.83 -24.20
C THR D 74 10.86 -5.26 -24.35
N GLY D 75 11.75 -6.16 -24.80
CA GLY D 75 11.42 -7.57 -24.95
C GLY D 75 10.44 -7.82 -26.10
N GLU D 76 9.75 -8.97 -26.05
CA GLU D 76 8.84 -9.37 -27.10
C GLU D 76 7.40 -9.06 -26.70
N GLY D 77 6.58 -8.58 -27.65
CA GLY D 77 5.16 -8.41 -27.42
C GLY D 77 4.45 -7.60 -28.49
N ILE D 78 3.27 -7.08 -28.13
CA ILE D 78 2.50 -6.21 -29.01
C ILE D 78 2.10 -4.90 -28.33
N SER D 79 2.45 -3.80 -28.99
CA SER D 79 1.88 -2.50 -28.68
C SER D 79 0.56 -2.36 -29.44
N GLN D 80 -0.51 -2.79 -28.79
CA GLN D 80 -1.84 -2.66 -29.34
C GLN D 80 -2.45 -1.30 -28.99
N GLY D 81 -3.35 -0.78 -29.86
CA GLY D 81 -4.19 0.36 -29.55
C GLY D 81 -3.54 1.72 -29.85
N ASN D 82 -2.52 1.72 -30.70
CA ASN D 82 -1.90 2.94 -31.18
C ASN D 82 -2.79 3.69 -32.17
N GLN D 83 -2.45 4.97 -32.37
CA GLN D 83 -2.90 5.74 -33.51
C GLN D 83 -1.72 6.60 -33.98
N ILE D 84 -0.56 6.00 -34.25
CA ILE D 84 0.51 6.81 -34.81
C ILE D 84 0.23 7.00 -36.29
N GLU D 85 0.29 8.26 -36.74
CA GLU D 85 -0.21 8.60 -38.06
C GLU D 85 0.89 9.20 -38.93
N ALA D 86 0.85 8.87 -40.21
CA ALA D 86 1.83 9.37 -41.17
C ALA D 86 1.17 9.55 -42.53
N SER D 87 1.61 10.55 -43.29
CA SER D 87 1.17 10.71 -44.68
C SER D 87 2.34 11.02 -45.60
N ASP D 88 2.15 10.70 -46.88
CA ASP D 88 3.11 11.04 -47.91
C ASP D 88 3.18 12.55 -48.10
N ASN D 89 2.05 13.24 -48.23
CA ASN D 89 2.10 14.64 -48.57
C ASN D 89 2.72 15.49 -47.46
N THR D 90 2.51 15.10 -46.20
CA THR D 90 3.17 15.75 -45.07
C THR D 90 4.53 15.12 -44.76
N ASN D 91 5.00 14.22 -45.64
CA ASN D 91 6.33 13.62 -45.62
C ASN D 91 6.70 13.01 -44.26
N THR D 92 5.74 12.31 -43.66
CA THR D 92 5.91 11.74 -42.33
C THR D 92 6.24 10.26 -42.46
N TYR D 93 7.25 9.80 -41.72
CA TYR D 93 7.69 8.41 -41.71
C TYR D 93 7.71 7.91 -40.27
N ILE D 94 7.43 6.61 -40.09
CA ILE D 94 7.61 5.99 -38.78
C ILE D 94 8.78 5.01 -38.91
N ARG D 95 9.78 5.15 -38.05
CA ARG D 95 10.91 4.24 -38.03
C ARG D 95 10.85 3.41 -36.75
N ILE D 96 10.87 2.08 -36.91
CA ILE D 96 10.98 1.19 -35.76
C ILE D 96 12.38 0.60 -35.79
N THR D 97 13.19 0.95 -34.79
CA THR D 97 14.60 0.63 -34.77
C THR D 97 14.84 -0.47 -33.75
N ASN D 98 15.54 -1.53 -34.17
CA ASN D 98 15.93 -2.61 -33.28
C ASN D 98 16.92 -2.08 -32.24
N THR D 99 16.78 -2.55 -30.98
CA THR D 99 17.70 -2.21 -29.91
C THR D 99 18.05 -3.45 -29.06
N SER D 100 17.73 -4.65 -29.58
CA SER D 100 17.73 -5.92 -28.84
C SER D 100 19.12 -6.49 -28.57
N GLY D 101 20.12 -6.08 -29.34
CA GLY D 101 21.42 -6.75 -29.30
C GLY D 101 21.49 -8.00 -30.18
N GLY D 102 20.49 -8.20 -31.04
CA GLY D 102 20.37 -9.35 -31.93
C GLY D 102 19.21 -9.19 -32.91
N ALA D 103 19.08 -10.11 -33.87
CA ALA D 103 18.13 -9.98 -34.96
C ALA D 103 16.69 -10.23 -34.50
N ILE D 104 15.74 -9.40 -34.97
CA ILE D 104 14.34 -9.51 -34.57
C ILE D 104 13.37 -9.39 -35.75
N ASP D 105 12.15 -9.87 -35.52
CA ASP D 105 11.04 -9.71 -36.46
C ASP D 105 10.16 -8.55 -35.99
N ILE D 106 9.81 -7.64 -36.91
CA ILE D 106 8.92 -6.53 -36.61
C ILE D 106 7.72 -6.60 -37.55
N ILE D 107 6.50 -6.56 -36.99
CA ILE D 107 5.30 -6.46 -37.81
C ILE D 107 4.46 -5.29 -37.29
N ALA D 108 4.19 -4.31 -38.16
CA ALA D 108 3.33 -3.20 -37.80
C ALA D 108 2.05 -3.27 -38.64
N THR D 109 0.88 -3.19 -37.98
CA THR D 109 -0.38 -3.22 -38.70
C THR D 109 -1.25 -2.02 -38.30
N GLY D 110 -2.16 -1.68 -39.20
CA GLY D 110 -3.05 -0.55 -39.00
C GLY D 110 -3.97 -0.38 -40.20
N ARG D 111 -4.31 0.88 -40.45
CA ARG D 111 -5.32 1.20 -41.44
C ARG D 111 -4.83 2.34 -42.31
N GLU D 112 -5.20 2.29 -43.59
CA GLU D 112 -5.02 3.43 -44.47
C GLU D 112 -6.09 4.48 -44.17
N VAL D 113 -5.65 5.75 -44.24
CA VAL D 113 -6.50 6.90 -44.00
C VAL D 113 -6.43 7.76 -45.26
N SER D 114 -7.50 8.50 -45.56
CA SER D 114 -7.45 9.45 -46.66
C SER D 114 -6.52 10.61 -46.30
N GLN D 115 -5.79 11.11 -47.30
CA GLN D 115 -5.23 12.45 -47.17
C GLN D 115 -6.34 13.51 -47.34
N THR E 2 -28.51 -6.14 -49.01
CA THR E 2 -28.19 -4.72 -48.63
C THR E 2 -26.88 -4.29 -49.28
N ASP E 3 -26.72 -2.97 -49.48
CA ASP E 3 -25.52 -2.37 -50.05
C ASP E 3 -24.33 -2.55 -49.10
N THR E 4 -23.16 -2.94 -49.65
CA THR E 4 -21.91 -2.93 -48.90
C THR E 4 -21.02 -1.79 -49.37
N ILE E 5 -20.51 -1.01 -48.42
CA ILE E 5 -19.57 0.08 -48.71
C ILE E 5 -18.35 -0.09 -47.81
N VAL E 6 -17.17 0.22 -48.39
CA VAL E 6 -15.93 0.24 -47.63
C VAL E 6 -15.68 1.68 -47.17
N ASN E 7 -15.55 1.84 -45.85
CA ASN E 7 -15.34 3.14 -45.23
C ASN E 7 -13.86 3.38 -44.98
N VAL E 8 -13.26 4.30 -45.73
CA VAL E 8 -11.91 4.75 -45.42
C VAL E 8 -12.00 6.03 -44.60
N GLN E 9 -11.10 6.17 -43.62
CA GLN E 9 -11.24 7.24 -42.65
C GLN E 9 -10.77 8.58 -43.21
N GLY E 10 -11.42 9.65 -42.72
CA GLY E 10 -11.34 11.01 -43.21
C GLY E 10 -9.95 11.64 -43.12
N SER E 11 -9.83 12.82 -43.75
CA SER E 11 -8.54 13.37 -44.15
C SER E 11 -7.57 13.51 -42.99
N PHE E 12 -6.39 12.93 -43.18
CA PHE E 12 -5.24 13.10 -42.31
C PHE E 12 -4.88 14.58 -42.22
N PHE E 13 -4.53 15.03 -40.99
CA PHE E 13 -4.02 16.37 -40.77
C PHE E 13 -2.72 16.30 -39.97
N SER E 14 -1.72 17.10 -40.35
CA SER E 14 -0.58 17.30 -39.47
C SER E 14 0.00 18.70 -39.54
N ALA E 15 0.60 19.11 -38.41
CA ALA E 15 1.42 20.30 -38.31
C ALA E 15 2.75 19.90 -37.71
N SER E 16 3.84 20.47 -38.20
CA SER E 16 5.15 20.13 -37.66
C SER E 16 6.11 21.31 -37.75
N ALA E 17 7.09 21.30 -36.85
CA ALA E 17 8.18 22.25 -36.85
C ALA E 17 9.42 21.59 -36.27
N SER E 18 10.54 21.69 -37.00
CA SER E 18 11.84 21.32 -36.48
C SER E 18 12.49 22.52 -35.80
N GLY E 19 13.32 22.25 -34.78
CA GLY E 19 14.17 23.26 -34.15
C GLY E 19 13.41 24.50 -33.66
N VAL E 20 12.23 24.28 -33.06
CA VAL E 20 11.47 25.34 -32.39
C VAL E 20 12.32 25.84 -31.21
N ALA E 21 12.65 27.13 -31.20
CA ALA E 21 13.52 27.69 -30.16
C ALA E 21 12.82 27.71 -28.80
N ASP E 22 13.59 28.03 -27.74
CA ASP E 22 13.25 27.76 -26.35
C ASP E 22 11.82 28.12 -25.97
N THR E 23 11.38 29.36 -26.25
CA THR E 23 10.04 29.81 -25.87
C THR E 23 9.11 30.02 -27.07
N GLU E 24 9.51 29.53 -28.25
CA GLU E 24 8.71 29.63 -29.45
C GLU E 24 7.66 28.52 -29.50
N SER E 25 6.79 28.58 -30.52
CA SER E 25 5.64 27.69 -30.56
C SER E 25 5.29 27.25 -31.98
N LEU E 26 4.71 26.06 -32.07
CA LEU E 26 3.98 25.61 -33.25
C LEU E 26 2.54 26.08 -33.08
N LEU E 27 2.09 26.95 -34.01
CA LEU E 27 0.68 27.31 -34.04
C LEU E 27 -0.04 26.42 -35.04
N ILE E 28 -0.88 25.54 -34.48
CA ILE E 28 -1.74 24.68 -35.27
C ILE E 28 -3.00 25.46 -35.59
N ASP E 29 -3.17 25.71 -36.89
CA ASP E 29 -4.21 26.57 -37.39
C ASP E 29 -5.17 25.73 -38.22
N PRO E 30 -6.46 25.60 -37.84
CA PRO E 30 -7.43 24.84 -38.64
C PRO E 30 -7.73 25.48 -40.00
N GLN E 31 -7.26 26.70 -40.26
CA GLN E 31 -7.35 27.30 -41.59
C GLN E 31 -6.57 26.51 -42.64
N ASP E 32 -5.59 25.71 -42.20
CA ASP E 32 -4.75 24.89 -43.07
C ASP E 32 -5.43 23.59 -43.48
N ALA E 33 -6.52 23.22 -42.79
CA ALA E 33 -7.34 22.06 -43.13
C ALA E 33 -8.26 22.39 -44.31
N LYS E 34 -8.48 21.40 -45.19
CA LYS E 34 -9.43 21.52 -46.29
C LYS E 34 -10.85 21.75 -45.78
N PHE E 35 -11.25 21.03 -44.71
CA PHE E 35 -12.57 21.16 -44.12
C PHE E 35 -12.69 22.28 -43.09
N GLY E 36 -11.56 22.89 -42.72
CA GLY E 36 -11.54 24.06 -41.84
C GLY E 36 -11.74 23.72 -40.36
N ALA E 37 -11.75 22.43 -40.02
CA ALA E 37 -11.70 22.01 -38.62
C ALA E 37 -10.81 20.78 -38.47
N ILE E 38 -10.22 20.64 -37.28
CA ILE E 38 -9.25 19.61 -36.99
C ILE E 38 -9.52 19.02 -35.60
N GLU E 39 -9.08 17.78 -35.46
CA GLU E 39 -9.04 17.08 -34.20
C GLU E 39 -7.64 16.48 -34.09
N ILE E 40 -6.83 17.02 -33.18
CA ILE E 40 -5.48 16.51 -32.98
C ILE E 40 -5.54 15.31 -32.05
N HIS E 41 -4.96 14.21 -32.51
CA HIS E 41 -4.91 12.94 -31.80
C HIS E 41 -3.54 12.76 -31.14
N ASN E 42 -2.48 13.13 -31.86
CA ASN E 42 -1.13 12.90 -31.41
C ASN E 42 -0.38 14.21 -31.28
N ILE E 43 0.37 14.36 -30.18
CA ILE E 43 1.40 15.37 -30.11
C ILE E 43 2.71 14.65 -29.78
N ALA E 44 3.60 14.55 -30.77
CA ALA E 44 4.95 14.07 -30.57
C ALA E 44 5.83 15.26 -30.22
N NEP E 45 6.40 15.21 -29.02
CA NEP E 45 7.10 16.32 -28.42
C NEP E 45 8.56 15.92 -28.20
O NEP E 45 8.83 14.98 -27.46
CB NEP E 45 6.33 16.76 -27.16
CG NEP E 45 6.05 15.76 -26.08
ND1 NEP E 45 6.92 15.62 -25.01
CD2 NEP E 45 4.95 14.98 -25.83
CE1 NEP E 45 6.38 14.75 -24.19
NE2 NEP E 45 5.16 14.30 -24.61
P NEP E 45 4.17 13.17 -23.73
O1P NEP E 45 4.52 13.35 -22.27
O2P NEP E 45 4.47 11.79 -24.16
O3P NEP E 45 2.72 13.44 -23.91
N GLY E 46 9.49 16.57 -28.93
CA GLY E 46 10.92 16.28 -28.82
C GLY E 46 11.56 16.73 -27.50
N GLY E 47 10.79 17.47 -26.70
CA GLY E 47 11.14 17.94 -25.38
C GLY E 47 9.89 18.53 -24.72
N SER E 48 10.06 19.22 -23.58
CA SER E 48 8.94 19.74 -22.82
C SER E 48 8.15 20.79 -23.58
N VAL E 49 6.81 20.71 -23.48
CA VAL E 49 5.91 21.66 -24.14
C VAL E 49 4.70 21.97 -23.26
N ASP E 50 4.17 23.18 -23.40
CA ASP E 50 2.84 23.53 -22.95
C ASP E 50 1.89 23.57 -24.15
N VAL E 51 0.73 22.93 -23.99
CA VAL E 51 -0.32 22.95 -25.00
C VAL E 51 -1.40 23.93 -24.56
N GLU E 52 -1.84 24.75 -25.52
CA GLU E 52 -2.71 25.87 -25.20
C GLU E 52 -3.80 26.00 -26.27
N LEU E 53 -5.04 26.23 -25.83
CA LEU E 53 -6.17 26.38 -26.73
C LEU E 53 -6.62 27.83 -26.70
N LEU E 54 -6.68 28.45 -27.88
CA LEU E 54 -6.91 29.88 -27.99
C LEU E 54 -8.09 30.15 -28.90
N THR E 55 -8.92 31.14 -28.53
CA THR E 55 -9.89 31.73 -29.44
C THR E 55 -9.34 33.07 -29.90
N SER E 56 -9.47 33.37 -31.20
CA SER E 56 -9.09 34.67 -31.72
C SER E 56 -10.31 35.60 -31.82
N SER E 57 -10.09 36.92 -31.66
CA SER E 57 -11.04 37.95 -32.01
C SER E 57 -11.18 38.12 -33.53
N ASP E 58 -10.13 37.77 -34.28
CA ASP E 58 -10.06 37.97 -35.72
C ASP E 58 -10.35 36.66 -36.47
N ASP E 59 -11.07 36.76 -37.60
CA ASP E 59 -11.51 35.59 -38.34
C ASP E 59 -10.37 34.78 -38.98
N THR E 60 -9.20 35.41 -39.13
CA THR E 60 -8.15 34.92 -40.02
C THR E 60 -6.76 34.94 -39.36
N GLU E 61 -6.57 35.81 -38.36
CA GLU E 61 -5.31 35.94 -37.63
C GLU E 61 -5.53 35.65 -36.15
N LEU E 62 -4.48 35.24 -35.43
CA LEU E 62 -4.62 35.03 -33.99
C LEU E 62 -4.39 36.34 -33.22
N VAL E 63 -5.49 36.87 -32.66
CA VAL E 63 -5.48 37.93 -31.67
C VAL E 63 -6.21 37.35 -30.46
N GLU E 64 -5.47 37.07 -29.37
CA GLU E 64 -5.96 36.25 -28.27
C GLU E 64 -7.19 36.86 -27.59
N ASP E 65 -8.26 36.07 -27.54
CA ASP E 65 -9.45 36.33 -26.75
C ASP E 65 -9.40 35.41 -25.52
N ALA E 66 -10.05 34.24 -25.60
CA ALA E 66 -9.92 33.20 -24.61
C ALA E 66 -8.63 32.42 -24.83
N ALA E 67 -7.89 32.13 -23.75
CA ALA E 67 -6.77 31.20 -23.82
C ALA E 67 -6.74 30.32 -22.57
N VAL E 68 -6.64 29.00 -22.78
CA VAL E 68 -6.55 28.04 -21.67
C VAL E 68 -5.31 27.16 -21.93
N THR E 69 -4.43 27.08 -20.92
CA THR E 69 -3.32 26.14 -21.01
C THR E 69 -3.85 24.76 -20.63
N LEU E 70 -3.87 23.86 -21.62
CA LEU E 70 -4.54 22.57 -21.49
C LEU E 70 -3.74 21.64 -20.59
N ASP E 71 -2.44 21.50 -20.90
CA ASP E 71 -1.58 20.54 -20.22
C ASP E 71 -0.11 20.86 -20.52
N SER E 72 0.76 20.34 -19.66
CA SER E 72 2.21 20.41 -19.82
C SER E 72 2.77 18.99 -20.00
N PHE E 73 3.60 18.83 -21.02
CA PHE E 73 4.29 17.58 -21.27
C PHE E 73 5.77 17.77 -20.96
N THR E 74 6.36 16.80 -20.24
CA THR E 74 7.77 16.88 -19.85
C THR E 74 8.61 15.85 -20.61
N GLY E 75 9.79 16.28 -21.06
CA GLY E 75 10.72 15.41 -21.76
C GLY E 75 10.23 15.06 -23.16
N GLU E 76 10.75 13.95 -23.71
CA GLU E 76 10.42 13.52 -25.05
C GLU E 76 9.37 12.41 -25.03
N GLY E 77 8.41 12.45 -25.96
CA GLY E 77 7.46 11.36 -26.11
C GLY E 77 6.28 11.70 -27.02
N ILE E 78 5.21 10.90 -26.87
CA ILE E 78 3.97 11.13 -27.61
C ILE E 78 2.75 11.18 -26.69
N SER E 79 2.00 12.27 -26.80
CA SER E 79 0.65 12.34 -26.26
C SER E 79 -0.31 11.75 -27.28
N GLN E 80 -0.52 10.44 -27.18
CA GLN E 80 -1.43 9.73 -28.06
C GLN E 80 -2.86 9.76 -27.50
N GLY E 81 -3.88 9.71 -28.38
CA GLY E 81 -5.27 9.48 -28.04
C GLY E 81 -6.04 10.74 -27.62
N ASN E 82 -5.53 11.91 -28.01
CA ASN E 82 -6.21 13.18 -27.81
C ASN E 82 -7.42 13.35 -28.71
N GLN E 83 -8.27 14.30 -28.34
CA GLN E 83 -9.29 14.86 -29.23
C GLN E 83 -9.32 16.37 -29.01
N ILE E 84 -8.18 17.07 -29.10
CA ILE E 84 -8.28 18.52 -29.00
C ILE E 84 -8.76 19.06 -30.34
N GLU E 85 -9.79 19.91 -30.31
CA GLU E 85 -10.49 20.28 -31.52
C GLU E 85 -10.41 21.78 -31.77
N ALA E 86 -10.30 22.16 -33.05
CA ALA E 86 -10.23 23.55 -33.44
C ALA E 86 -10.90 23.75 -34.80
N SER E 87 -11.52 24.91 -35.02
CA SER E 87 -12.06 25.25 -36.33
C SER E 87 -11.72 26.69 -36.70
N ASP E 88 -11.70 26.95 -38.01
CA ASP E 88 -11.53 28.28 -38.53
C ASP E 88 -12.71 29.17 -38.17
N ASN E 89 -13.94 28.71 -38.40
CA ASN E 89 -15.08 29.60 -38.21
C ASN E 89 -15.27 30.00 -36.75
N THR E 90 -14.95 29.09 -35.82
CA THR E 90 -14.96 29.43 -34.40
C THR E 90 -13.64 30.00 -33.93
N ASN E 91 -12.73 30.29 -34.88
CA ASN E 91 -11.47 30.99 -34.66
C ASN E 91 -10.62 30.37 -33.54
N THR E 92 -10.55 29.04 -33.52
CA THR E 92 -9.86 28.31 -32.47
C THR E 92 -8.49 27.88 -32.99
N TYR E 93 -7.44 28.09 -32.18
CA TYR E 93 -6.08 27.73 -32.51
C TYR E 93 -5.52 26.87 -31.38
N ILE E 94 -4.62 25.94 -31.74
CA ILE E 94 -3.87 25.20 -30.73
C ILE E 94 -2.41 25.65 -30.82
N ARG E 95 -1.85 26.11 -29.70
CA ARG E 95 -0.45 26.51 -29.65
C ARG E 95 0.30 25.49 -28.81
N ILE E 96 1.38 24.93 -29.38
CA ILE E 96 2.27 24.08 -28.62
C ILE E 96 3.56 24.86 -28.43
N THR E 97 3.86 25.20 -27.18
CA THR E 97 4.94 26.10 -26.84
C THR E 97 6.08 25.30 -26.23
N ASN E 98 7.30 25.49 -26.75
CA ASN E 98 8.49 24.86 -26.20
C ASN E 98 8.76 25.43 -24.79
N THR E 99 9.18 24.55 -23.87
CA THR E 99 9.56 24.94 -22.52
C THR E 99 10.85 24.23 -22.08
N SER E 100 11.57 23.62 -23.03
CA SER E 100 12.67 22.68 -22.80
C SER E 100 13.97 23.32 -22.33
N GLY E 101 14.15 24.62 -22.60
CA GLY E 101 15.46 25.25 -22.38
C GLY E 101 16.41 25.07 -23.57
N GLY E 102 15.88 24.58 -24.71
CA GLY E 102 16.65 24.33 -25.92
C GLY E 102 15.74 23.96 -27.10
N ALA E 103 16.31 23.84 -28.30
CA ALA E 103 15.52 23.65 -29.51
C ALA E 103 14.93 22.23 -29.61
N ILE E 104 13.66 22.13 -30.04
CA ILE E 104 12.97 20.84 -30.13
C ILE E 104 12.18 20.70 -31.44
N ASP E 105 11.88 19.44 -31.76
CA ASP E 105 11.01 19.09 -32.87
C ASP E 105 9.61 18.79 -32.33
N ILE E 106 8.57 19.37 -32.96
CA ILE E 106 7.19 19.12 -32.58
C ILE E 106 6.44 18.59 -33.81
N ILE E 107 5.76 17.44 -33.65
CA ILE E 107 4.89 16.94 -34.71
C ILE E 107 3.52 16.66 -34.11
N ALA E 108 2.48 17.32 -34.65
CA ALA E 108 1.11 17.07 -34.22
C ALA E 108 0.33 16.43 -35.37
N THR E 109 -0.35 15.31 -35.10
CA THR E 109 -1.14 14.66 -36.13
C THR E 109 -2.57 14.43 -35.64
N GLY E 110 -3.47 14.30 -36.59
CA GLY E 110 -4.88 14.09 -36.29
C GLY E 110 -5.67 14.00 -37.58
N ARG E 111 -6.92 14.46 -37.49
CA ARG E 111 -7.87 14.28 -38.56
C ARG E 111 -8.60 15.60 -38.82
N GLU E 112 -8.91 15.85 -40.09
CA GLU E 112 -9.82 16.93 -40.44
C GLU E 112 -11.26 16.52 -40.13
N VAL E 113 -12.03 17.49 -39.64
CA VAL E 113 -13.43 17.31 -39.28
C VAL E 113 -14.21 18.34 -40.10
N SER E 114 -15.46 18.02 -40.44
CA SER E 114 -16.30 19.01 -41.09
C SER E 114 -16.66 20.12 -40.11
N GLN E 115 -16.74 21.35 -40.61
CA GLN E 115 -17.46 22.38 -39.88
C GLN E 115 -18.98 22.14 -40.02
N THR F 2 -16.83 -3.71 -54.34
CA THR F 2 -17.72 -2.88 -53.48
C THR F 2 -17.30 -1.41 -53.53
N ASP F 3 -18.26 -0.51 -53.27
CA ASP F 3 -18.05 0.93 -53.24
C ASP F 3 -17.11 1.32 -52.08
N THR F 4 -16.14 2.20 -52.36
CA THR F 4 -15.33 2.81 -51.31
C THR F 4 -15.73 4.27 -51.13
N ILE F 5 -15.96 4.65 -49.86
CA ILE F 5 -16.28 6.03 -49.51
C ILE F 5 -15.33 6.49 -48.40
N VAL F 6 -14.94 7.77 -48.47
CA VAL F 6 -14.14 8.39 -47.43
C VAL F 6 -15.08 9.10 -46.46
N ASN F 7 -15.00 8.71 -45.19
CA ASN F 7 -15.85 9.28 -44.15
C ASN F 7 -15.12 10.40 -43.41
N VAL F 8 -15.58 11.64 -43.60
CA VAL F 8 -15.10 12.74 -42.78
C VAL F 8 -16.10 12.96 -41.65
N GLN F 9 -15.60 13.26 -40.46
CA GLN F 9 -16.43 13.31 -39.27
C GLN F 9 -17.28 14.58 -39.22
N GLY F 10 -18.47 14.43 -38.62
CA GLY F 10 -19.54 15.42 -38.60
C GLY F 10 -19.21 16.73 -37.90
N SER F 11 -20.12 17.69 -38.07
CA SER F 11 -19.83 19.11 -37.86
C SER F 11 -19.26 19.40 -36.48
N PHE F 12 -18.11 20.06 -36.49
CA PHE F 12 -17.47 20.62 -35.31
C PHE F 12 -18.42 21.63 -34.64
N PHE F 13 -18.47 21.59 -33.30
CA PHE F 13 -19.20 22.57 -32.52
C PHE F 13 -18.30 23.14 -31.44
N SER F 14 -18.35 24.47 -31.23
CA SER F 14 -17.75 25.03 -30.02
C SER F 14 -18.53 26.22 -29.48
N ALA F 15 -18.40 26.40 -28.16
CA ALA F 15 -18.84 27.58 -27.45
C ALA F 15 -17.66 28.10 -26.64
N SER F 16 -17.50 29.42 -26.59
CA SER F 16 -16.39 29.98 -25.82
C SER F 16 -16.76 31.34 -25.24
N ALA F 17 -16.08 31.68 -24.14
CA ALA F 17 -16.18 32.98 -23.52
C ALA F 17 -14.85 33.31 -22.85
N SER F 18 -14.32 34.50 -23.14
CA SER F 18 -13.19 35.04 -22.40
C SER F 18 -13.71 35.86 -21.22
N GLY F 19 -12.90 35.90 -20.15
CA GLY F 19 -13.13 36.79 -19.02
C GLY F 19 -14.53 36.66 -18.39
N VAL F 20 -15.04 35.43 -18.27
CA VAL F 20 -16.27 35.14 -17.56
C VAL F 20 -16.05 35.52 -16.10
N ALA F 21 -16.89 36.44 -15.57
CA ALA F 21 -16.72 36.93 -14.20
C ALA F 21 -17.05 35.84 -13.17
N ASP F 22 -16.76 36.12 -11.90
CA ASP F 22 -16.63 35.15 -10.82
C ASP F 22 -17.75 34.11 -10.78
N THR F 23 -19.02 34.55 -10.78
CA THR F 23 -20.17 33.64 -10.69
C THR F 23 -20.98 33.57 -11.98
N GLU F 24 -20.45 34.11 -13.08
CA GLU F 24 -21.11 34.08 -14.37
C GLU F 24 -20.87 32.75 -15.07
N SER F 25 -21.54 32.58 -16.23
CA SER F 25 -21.53 31.28 -16.89
C SER F 25 -21.52 31.39 -18.42
N LEU F 26 -20.92 30.38 -19.04
CA LEU F 26 -21.11 30.12 -20.46
C LEU F 26 -22.34 29.22 -20.60
N LEU F 27 -23.37 29.74 -21.28
CA LEU F 27 -24.51 28.91 -21.61
C LEU F 27 -24.32 28.31 -23.00
N ILE F 28 -24.09 27.01 -23.04
CA ILE F 28 -23.99 26.26 -24.27
C ILE F 28 -25.40 25.87 -24.69
N ASP F 29 -25.80 26.44 -25.82
CA ASP F 29 -27.16 26.32 -26.32
C ASP F 29 -27.13 25.53 -27.62
N PRO F 30 -27.78 24.35 -27.70
CA PRO F 30 -27.81 23.58 -28.94
C PRO F 30 -28.61 24.26 -30.07
N GLN F 31 -29.32 25.35 -29.77
CA GLN F 31 -29.96 26.17 -30.81
C GLN F 31 -28.93 26.79 -31.76
N ASP F 32 -27.67 26.90 -31.33
CA ASP F 32 -26.58 27.46 -32.13
C ASP F 32 -25.99 26.45 -33.11
N ALA F 33 -26.30 25.16 -32.93
CA ALA F 33 -25.92 24.09 -33.84
C ALA F 33 -26.81 24.09 -35.08
N LYS F 34 -26.23 23.79 -36.25
CA LYS F 34 -26.99 23.62 -37.49
C LYS F 34 -27.99 22.47 -37.36
N PHE F 35 -27.58 21.35 -36.75
CA PHE F 35 -28.42 20.18 -36.58
C PHE F 35 -29.31 20.24 -35.33
N GLY F 36 -29.09 21.24 -34.46
CA GLY F 36 -29.92 21.48 -33.29
C GLY F 36 -29.66 20.52 -32.13
N ALA F 37 -28.62 19.69 -32.23
CA ALA F 37 -28.14 18.93 -31.09
C ALA F 37 -26.62 18.88 -31.08
N ILE F 38 -26.07 18.74 -29.87
CA ILE F 38 -24.63 18.78 -29.65
C ILE F 38 -24.22 17.70 -28.67
N GLU F 39 -22.96 17.32 -28.80
CA GLU F 39 -22.28 16.43 -27.87
C GLU F 39 -20.95 17.10 -27.55
N ILE F 40 -20.81 17.60 -26.33
CA ILE F 40 -19.58 18.25 -25.91
C ILE F 40 -18.59 17.18 -25.45
N HIS F 41 -17.40 17.22 -26.05
CA HIS F 41 -16.31 16.29 -25.79
C HIS F 41 -15.30 16.92 -24.84
N ASN F 42 -14.99 18.19 -25.06
CA ASN F 42 -13.95 18.89 -24.33
C ASN F 42 -14.53 20.08 -23.59
N ILE F 43 -14.12 20.25 -22.33
CA ILE F 43 -14.27 21.51 -21.63
C ILE F 43 -12.88 21.95 -21.19
N ALA F 44 -12.35 22.99 -21.85
CA ALA F 44 -11.13 23.65 -21.42
C ALA F 44 -11.52 24.78 -20.46
N NEP F 45 -11.04 24.65 -19.23
CA NEP F 45 -11.45 25.50 -18.13
C NEP F 45 -10.23 26.28 -17.64
O NEP F 45 -9.27 25.67 -17.18
CB NEP F 45 -12.17 24.63 -17.10
CG NEP F 45 -11.45 23.43 -16.51
ND1 NEP F 45 -10.74 23.55 -15.33
CD2 NEP F 45 -11.48 22.10 -16.85
CE1 NEP F 45 -10.31 22.34 -15.03
NE2 NEP F 45 -10.72 21.39 -15.92
P NEP F 45 -10.35 19.69 -15.76
O1P NEP F 45 -10.17 19.42 -14.29
O2P NEP F 45 -9.09 19.38 -16.49
O3P NEP F 45 -11.48 18.83 -16.26
N GLY F 46 -10.24 27.61 -17.80
CA GLY F 46 -9.14 28.47 -17.37
C GLY F 46 -9.01 28.62 -15.86
N GLY F 47 -10.01 28.10 -15.13
CA GLY F 47 -10.07 28.03 -13.68
C GLY F 47 -11.23 27.14 -13.27
N SER F 48 -11.57 27.14 -11.98
CA SER F 48 -12.61 26.26 -11.45
C SER F 48 -13.99 26.56 -12.04
N VAL F 49 -14.72 25.49 -12.38
CA VAL F 49 -16.07 25.59 -12.94
C VAL F 49 -16.97 24.49 -12.40
N ASP F 50 -18.27 24.80 -12.31
CA ASP F 50 -19.32 23.81 -12.17
C ASP F 50 -20.03 23.63 -13.52
N VAL F 51 -20.22 22.37 -13.91
CA VAL F 51 -20.94 22.04 -15.14
C VAL F 51 -22.35 21.57 -14.76
N GLU F 52 -23.34 22.08 -15.47
CA GLU F 52 -24.73 21.88 -15.10
C GLU F 52 -25.57 21.59 -16.35
N LEU F 53 -26.46 20.61 -16.25
CA LEU F 53 -27.34 20.25 -17.35
C LEU F 53 -28.76 20.65 -17.00
N LEU F 54 -29.39 21.42 -17.88
CA LEU F 54 -30.67 22.04 -17.60
C LEU F 54 -31.67 21.71 -18.69
N THR F 55 -32.92 21.45 -18.28
CA THR F 55 -34.04 21.41 -19.21
C THR F 55 -34.82 22.71 -19.04
N SER F 56 -35.23 23.33 -20.14
CA SER F 56 -36.08 24.51 -20.10
C SER F 56 -37.55 24.12 -20.26
N SER F 57 -38.45 24.91 -19.62
CA SER F 57 -39.88 24.89 -19.91
C SER F 57 -40.22 25.53 -21.26
N ASP F 58 -39.36 26.44 -21.73
CA ASP F 58 -39.60 27.20 -22.95
C ASP F 58 -38.80 26.62 -24.13
N ASP F 59 -39.39 26.63 -25.32
CA ASP F 59 -38.79 26.01 -26.50
C ASP F 59 -37.51 26.70 -26.98
N THR F 60 -37.31 27.97 -26.57
CA THR F 60 -36.36 28.87 -27.22
C THR F 60 -35.49 29.62 -26.21
N GLU F 61 -35.97 29.79 -24.97
CA GLU F 61 -35.26 30.48 -23.91
C GLU F 61 -35.05 29.53 -22.72
N LEU F 62 -34.02 29.79 -21.90
CA LEU F 62 -33.84 28.97 -20.71
C LEU F 62 -34.69 29.50 -19.54
N VAL F 63 -35.73 28.72 -19.19
CA VAL F 63 -36.48 28.85 -17.96
C VAL F 63 -36.36 27.50 -17.25
N GLU F 64 -35.60 27.44 -16.15
CA GLU F 64 -35.18 26.17 -15.56
C GLU F 64 -36.34 25.29 -15.12
N ASP F 65 -36.35 24.07 -15.65
CA ASP F 65 -37.22 22.99 -15.20
C ASP F 65 -36.36 22.03 -14.37
N ALA F 66 -35.84 20.97 -15.00
CA ALA F 66 -34.84 20.09 -14.40
C ALA F 66 -33.46 20.74 -14.46
N ALA F 67 -32.70 20.67 -13.36
CA ALA F 67 -31.30 21.05 -13.37
C ALA F 67 -30.48 20.08 -12.52
N VAL F 68 -29.39 19.56 -13.09
CA VAL F 68 -28.48 18.67 -12.38
C VAL F 68 -27.07 19.24 -12.51
N THR F 69 -26.39 19.43 -11.37
CA THR F 69 -24.99 19.79 -11.42
C THR F 69 -24.17 18.53 -11.67
N LEU F 70 -23.55 18.44 -12.85
CA LEU F 70 -22.93 17.23 -13.34
C LEU F 70 -21.64 16.95 -12.57
N ASP F 71 -20.76 17.97 -12.50
CA ASP F 71 -19.43 17.82 -11.94
C ASP F 71 -18.80 19.20 -11.70
N SER F 72 -17.79 19.21 -10.83
CA SER F 72 -16.98 20.38 -10.53
C SER F 72 -15.54 20.12 -10.96
N PHE F 73 -14.99 21.08 -11.71
CA PHE F 73 -13.60 21.05 -12.12
C PHE F 73 -12.83 22.11 -11.34
N THR F 74 -11.65 21.74 -10.82
CA THR F 74 -10.82 22.64 -10.02
C THR F 74 -9.57 23.05 -10.80
N GLY F 75 -9.22 24.34 -10.71
CA GLY F 75 -8.02 24.87 -11.34
C GLY F 75 -8.14 24.91 -12.87
N GLU F 76 -6.99 24.95 -13.55
CA GLU F 76 -6.96 25.06 -15.00
C GLU F 76 -6.71 23.69 -15.63
N GLY F 77 -7.40 23.40 -16.75
CA GLY F 77 -7.11 22.20 -17.51
C GLY F 77 -8.16 21.88 -18.56
N ILE F 78 -8.18 20.62 -19.00
CA ILE F 78 -9.16 20.13 -19.95
C ILE F 78 -9.87 18.86 -19.46
N SER F 79 -11.19 18.92 -19.44
CA SER F 79 -12.03 17.75 -19.32
C SER F 79 -12.22 17.15 -20.72
N GLN F 80 -11.30 16.26 -21.09
CA GLN F 80 -11.39 15.57 -22.36
C GLN F 80 -12.25 14.30 -22.24
N GLY F 81 -12.90 13.89 -23.33
CA GLY F 81 -13.54 12.58 -23.44
C GLY F 81 -14.97 12.54 -22.92
N ASN F 82 -15.62 13.71 -22.81
CA ASN F 82 -17.02 13.80 -22.46
C ASN F 82 -17.94 13.36 -23.59
N GLN F 83 -19.19 13.08 -23.21
CA GLN F 83 -20.29 13.00 -24.16
C GLN F 83 -21.50 13.67 -23.50
N ILE F 84 -21.37 14.91 -23.03
CA ILE F 84 -22.56 15.56 -22.50
C ILE F 84 -23.38 16.05 -23.68
N GLU F 85 -24.68 15.73 -23.69
CA GLU F 85 -25.50 15.92 -24.88
C GLU F 85 -26.66 16.86 -24.60
N ALA F 86 -26.98 17.67 -25.62
CA ALA F 86 -28.08 18.62 -25.50
C ALA F 86 -28.74 18.80 -26.86
N SER F 87 -30.06 19.04 -26.88
CA SER F 87 -30.76 19.38 -28.11
C SER F 87 -31.73 20.54 -27.89
N ASP F 88 -32.02 21.24 -28.99
CA ASP F 88 -33.01 22.29 -28.98
C ASP F 88 -34.41 21.71 -28.73
N ASN F 89 -34.81 20.66 -29.44
CA ASN F 89 -36.18 20.19 -29.34
C ASN F 89 -36.49 19.64 -27.94
N THR F 90 -35.50 19.00 -27.30
CA THR F 90 -35.66 18.57 -25.91
C THR F 90 -35.28 19.66 -24.91
N ASN F 91 -35.04 20.88 -25.41
CA ASN F 91 -34.82 22.08 -24.61
C ASN F 91 -33.73 21.92 -23.54
N THR F 92 -32.63 21.27 -23.94
CA THR F 92 -31.55 20.96 -23.01
C THR F 92 -30.42 21.97 -23.20
N TYR F 93 -29.91 22.50 -22.10
CA TYR F 93 -28.82 23.48 -22.09
C TYR F 93 -27.70 22.96 -21.19
N ILE F 94 -26.46 23.29 -21.53
CA ILE F 94 -25.33 23.03 -20.64
C ILE F 94 -24.82 24.38 -20.15
N ARG F 95 -24.75 24.56 -18.83
CA ARG F 95 -24.22 25.78 -18.25
C ARG F 95 -22.88 25.45 -17.58
N ILE F 96 -21.84 26.19 -17.96
CA ILE F 96 -20.56 26.08 -17.28
C ILE F 96 -20.38 27.36 -16.49
N THR F 97 -20.36 27.23 -15.16
CA THR F 97 -20.39 28.36 -14.25
C THR F 97 -19.02 28.52 -13.62
N ASN F 98 -18.47 29.73 -13.67
CA ASN F 98 -17.22 30.06 -13.01
C ASN F 98 -17.38 29.94 -11.49
N THR F 99 -16.37 29.40 -10.81
CA THR F 99 -16.33 29.31 -9.36
C THR F 99 -14.95 29.71 -8.81
N SER F 100 -14.11 30.32 -9.65
CA SER F 100 -12.67 30.54 -9.41
C SER F 100 -12.36 31.64 -8.40
N GLY F 101 -13.30 32.57 -8.17
CA GLY F 101 -13.00 33.77 -7.40
C GLY F 101 -12.37 34.88 -8.24
N GLY F 102 -12.40 34.73 -9.58
CA GLY F 102 -11.81 35.68 -10.52
C GLY F 102 -12.17 35.31 -11.96
N ALA F 103 -11.82 36.18 -12.92
CA ALA F 103 -12.25 36.02 -14.31
C ALA F 103 -11.50 34.89 -15.01
N ILE F 104 -12.22 34.07 -15.81
CA ILE F 104 -11.62 32.93 -16.50
C ILE F 104 -12.09 32.83 -17.96
N ASP F 105 -11.30 32.08 -18.74
CA ASP F 105 -11.64 31.73 -20.11
C ASP F 105 -12.20 30.30 -20.13
N ILE F 106 -13.35 30.12 -20.81
CA ILE F 106 -13.95 28.80 -20.97
C ILE F 106 -14.08 28.49 -22.46
N ILE F 107 -13.58 27.33 -22.89
CA ILE F 107 -13.78 26.86 -24.26
C ILE F 107 -14.35 25.44 -24.21
N ALA F 108 -15.55 25.25 -24.78
CA ALA F 108 -16.13 23.93 -24.88
C ALA F 108 -16.18 23.50 -26.35
N THR F 109 -15.68 22.31 -26.66
CA THR F 109 -15.73 21.81 -28.03
C THR F 109 -16.36 20.42 -28.09
N GLY F 110 -16.89 20.09 -29.26
CA GLY F 110 -17.55 18.82 -29.47
C GLY F 110 -18.06 18.74 -30.89
N ARG F 111 -19.18 18.02 -31.03
CA ARG F 111 -19.70 17.69 -32.34
C ARG F 111 -21.20 17.94 -32.37
N GLU F 112 -21.69 18.39 -33.52
CA GLU F 112 -23.12 18.44 -33.77
C GLU F 112 -23.65 17.03 -34.05
N VAL F 113 -24.84 16.76 -33.54
CA VAL F 113 -25.52 15.49 -33.69
C VAL F 113 -26.87 15.79 -34.33
N SER F 114 -27.40 14.85 -35.11
CA SER F 114 -28.75 15.01 -35.64
C SER F 114 -29.77 14.91 -34.50
N GLN F 115 -30.84 15.70 -34.60
CA GLN F 115 -32.02 15.39 -33.83
C GLN F 115 -32.76 14.20 -34.47
N THR G 2 -12.00 8.98 -55.01
CA THR G 2 -13.09 8.33 -54.22
C THR G 2 -14.05 9.40 -53.69
N ASP G 3 -15.30 8.98 -53.43
CA ASP G 3 -16.35 9.83 -52.89
C ASP G 3 -16.01 10.25 -51.45
N THR G 4 -16.19 11.54 -51.13
CA THR G 4 -16.11 12.01 -49.76
C THR G 4 -17.51 12.34 -49.23
N ILE G 5 -17.83 11.82 -48.04
CA ILE G 5 -19.10 12.11 -47.37
C ILE G 5 -18.80 12.58 -45.95
N VAL G 6 -19.59 13.55 -45.48
CA VAL G 6 -19.53 14.01 -44.11
C VAL G 6 -20.58 13.25 -43.30
N ASN G 7 -20.11 12.56 -42.25
CA ASN G 7 -20.98 11.75 -41.40
C ASN G 7 -21.37 12.55 -40.16
N VAL G 8 -22.65 12.93 -40.07
CA VAL G 8 -23.18 13.49 -38.84
C VAL G 8 -23.85 12.37 -38.05
N GLN G 9 -23.70 12.42 -36.73
CA GLN G 9 -24.12 11.30 -35.89
C GLN G 9 -25.63 11.27 -35.68
N GLY G 10 -26.15 10.04 -35.54
CA GLY G 10 -27.57 9.71 -35.54
C GLY G 10 -28.36 10.34 -34.39
N SER G 11 -29.69 10.19 -34.50
CA SER G 11 -30.63 11.02 -33.77
C SER G 11 -30.40 11.03 -32.27
N PHE G 12 -30.27 12.23 -31.73
CA PHE G 12 -30.25 12.49 -30.30
C PHE G 12 -31.54 11.99 -29.66
N PHE G 13 -31.42 11.37 -28.48
CA PHE G 13 -32.56 10.97 -27.68
C PHE G 13 -32.40 11.48 -26.25
N SER G 14 -33.48 12.01 -25.66
CA SER G 14 -33.48 12.23 -24.22
C SER G 14 -34.84 11.99 -23.58
N ALA G 15 -34.77 11.63 -22.29
CA ALA G 15 -35.92 11.57 -21.41
C ALA G 15 -35.58 12.38 -20.16
N SER G 16 -36.55 13.13 -19.64
CA SER G 16 -36.29 13.92 -18.45
C SER G 16 -37.54 14.07 -17.60
N ALA G 17 -37.30 14.29 -16.30
CA ALA G 17 -38.36 14.60 -15.35
C ALA G 17 -37.79 15.48 -14.25
N SER G 18 -38.48 16.59 -13.97
CA SER G 18 -38.19 17.41 -12.81
C SER G 18 -39.03 16.92 -11.63
N GLY G 19 -38.49 17.08 -10.41
CA GLY G 19 -39.24 16.87 -9.18
C GLY G 19 -39.88 15.49 -9.08
N VAL G 20 -39.16 14.44 -9.51
CA VAL G 20 -39.58 13.05 -9.32
C VAL G 20 -39.62 12.79 -7.82
N ALA G 21 -40.78 12.38 -7.30
CA ALA G 21 -40.96 12.17 -5.87
C ALA G 21 -40.16 10.96 -5.37
N ASP G 22 -40.10 10.77 -4.05
CA ASP G 22 -39.13 9.94 -3.35
C ASP G 22 -38.94 8.55 -3.98
N THR G 23 -40.03 7.80 -4.21
CA THR G 23 -39.94 6.44 -4.76
C THR G 23 -40.48 6.34 -6.19
N GLU G 24 -40.71 7.48 -6.84
CA GLU G 24 -41.20 7.50 -8.21
C GLU G 24 -40.05 7.32 -9.21
N SER G 25 -40.40 7.23 -10.49
CA SER G 25 -39.42 6.87 -11.50
C SER G 25 -39.65 7.59 -12.83
N LEU G 26 -38.54 7.81 -13.54
CA LEU G 26 -38.57 8.13 -14.96
C LEU G 26 -38.58 6.82 -15.73
N LEU G 27 -39.65 6.57 -16.49
CA LEU G 27 -39.67 5.44 -17.38
C LEU G 27 -39.22 5.89 -18.77
N ILE G 28 -38.03 5.42 -19.14
CA ILE G 28 -37.49 5.65 -20.47
C ILE G 28 -38.04 4.57 -21.39
N ASP G 29 -38.83 5.03 -22.35
CA ASP G 29 -39.57 4.14 -23.22
C ASP G 29 -39.04 4.32 -24.64
N PRO G 30 -38.46 3.27 -25.28
CA PRO G 30 -38.00 3.39 -26.66
C PRO G 30 -39.11 3.59 -27.68
N GLN G 31 -40.38 3.48 -27.28
CA GLN G 31 -41.51 3.83 -28.15
C GLN G 31 -41.52 5.31 -28.50
N ASP G 32 -40.84 6.14 -27.71
CA ASP G 32 -40.74 7.58 -27.93
C ASP G 32 -39.69 7.95 -28.97
N ALA G 33 -38.80 7.01 -29.31
CA ALA G 33 -37.80 7.16 -30.35
C ALA G 33 -38.44 7.00 -31.73
N LYS G 34 -37.97 7.78 -32.72
CA LYS G 34 -38.39 7.65 -34.10
C LYS G 34 -38.04 6.26 -34.65
N PHE G 35 -36.83 5.77 -34.34
CA PHE G 35 -36.35 4.47 -34.81
C PHE G 35 -36.79 3.31 -33.92
N GLY G 36 -37.39 3.60 -32.76
CA GLY G 36 -37.95 2.59 -31.87
C GLY G 36 -36.92 1.83 -31.05
N ALA G 37 -35.64 2.25 -31.10
CA ALA G 37 -34.63 1.75 -30.17
C ALA G 37 -33.72 2.89 -29.73
N ILE G 38 -33.16 2.73 -28.52
CA ILE G 38 -32.35 3.75 -27.89
C ILE G 38 -31.14 3.11 -27.24
N GLU G 39 -30.11 3.94 -27.10
CA GLU G 39 -28.91 3.63 -26.34
C GLU G 39 -28.66 4.83 -25.46
N ILE G 40 -28.86 4.67 -24.14
CA ILE G 40 -28.64 5.74 -23.19
C ILE G 40 -27.15 5.78 -22.84
N HIS G 41 -26.56 6.96 -23.02
CA HIS G 41 -25.16 7.23 -22.77
C HIS G 41 -24.99 7.91 -21.41
N ASN G 42 -25.87 8.87 -21.11
CA ASN G 42 -25.76 9.69 -19.92
C ASN G 42 -26.99 9.51 -19.04
N ILE G 43 -26.75 9.37 -17.74
CA ILE G 43 -27.79 9.58 -16.75
C ILE G 43 -27.31 10.66 -15.79
N ALA G 44 -27.90 11.86 -15.90
CA ALA G 44 -27.69 12.93 -14.94
C ALA G 44 -28.73 12.78 -13.83
N NEP G 45 -28.23 12.57 -12.63
CA NEP G 45 -29.05 12.22 -11.49
C NEP G 45 -28.92 13.31 -10.43
O NEP G 45 -27.83 13.55 -9.94
CB NEP G 45 -28.66 10.80 -11.04
CG NEP G 45 -27.22 10.51 -10.69
ND1 NEP G 45 -26.78 10.61 -9.38
CD2 NEP G 45 -26.20 9.98 -11.43
CE1 NEP G 45 -25.52 10.22 -9.37
NE2 NEP G 45 -25.08 9.81 -10.59
P NEP G 45 -23.47 9.18 -10.89
O1P NEP G 45 -23.00 8.57 -9.59
O2P NEP G 45 -22.58 10.29 -11.28
O3P NEP G 45 -23.47 8.13 -11.95
N GLY G 46 -30.03 14.03 -10.16
CA GLY G 46 -30.04 15.11 -9.17
C GLY G 46 -29.94 14.65 -7.72
N GLY G 47 -30.02 13.33 -7.53
CA GLY G 47 -29.85 12.64 -6.25
C GLY G 47 -29.77 11.14 -6.51
N SER G 48 -29.83 10.33 -5.46
CA SER G 48 -29.67 8.88 -5.57
C SER G 48 -30.77 8.23 -6.41
N VAL G 49 -30.35 7.29 -7.28
CA VAL G 49 -31.27 6.55 -8.14
C VAL G 49 -30.85 5.09 -8.27
N ASP G 50 -31.84 4.22 -8.48
CA ASP G 50 -31.62 2.87 -8.99
C ASP G 50 -32.02 2.83 -10.46
N VAL G 51 -31.15 2.23 -11.29
CA VAL G 51 -31.41 2.03 -12.70
C VAL G 51 -31.81 0.58 -12.92
N GLU G 52 -32.86 0.38 -13.70
CA GLU G 52 -33.46 -0.94 -13.83
C GLU G 52 -33.84 -1.19 -15.28
N LEU G 53 -33.56 -2.39 -15.78
CA LEU G 53 -33.87 -2.78 -17.14
C LEU G 53 -35.00 -3.81 -17.11
N LEU G 54 -36.07 -3.52 -17.84
CA LEU G 54 -37.29 -4.32 -17.76
C LEU G 54 -37.71 -4.79 -19.15
N THR G 55 -38.19 -6.03 -19.23
CA THR G 55 -38.90 -6.52 -20.40
C THR G 55 -40.39 -6.52 -20.05
N SER G 56 -41.23 -6.08 -20.98
CA SER G 56 -42.67 -6.16 -20.81
C SER G 56 -43.24 -7.41 -21.51
N SER G 57 -44.33 -7.96 -20.95
CA SER G 57 -45.16 -8.94 -21.62
C SER G 57 -46.01 -8.31 -22.74
N ASP G 58 -46.30 -7.01 -22.62
CA ASP G 58 -47.17 -6.30 -23.55
C ASP G 58 -46.36 -5.47 -24.55
N ASP G 59 -46.83 -5.42 -25.81
CA ASP G 59 -46.09 -4.78 -26.88
C ASP G 59 -45.96 -3.26 -26.73
N THR G 60 -46.83 -2.66 -25.90
CA THR G 60 -47.07 -1.22 -25.92
C THR G 60 -47.06 -0.61 -24.51
N GLU G 61 -47.36 -1.41 -23.48
CA GLU G 61 -47.41 -0.98 -22.10
C GLU G 61 -46.40 -1.79 -21.27
N LEU G 62 -45.93 -1.23 -20.14
CA LEU G 62 -45.05 -2.00 -19.28
C LEU G 62 -45.84 -2.88 -18.30
N VAL G 63 -45.79 -4.19 -18.55
CA VAL G 63 -46.21 -5.22 -17.60
C VAL G 63 -44.98 -6.09 -17.37
N GLU G 64 -44.37 -6.01 -16.18
CA GLU G 64 -43.05 -6.56 -15.92
C GLU G 64 -42.97 -8.06 -16.15
N ASP G 65 -42.04 -8.46 -17.01
CA ASP G 65 -41.62 -9.84 -17.21
C ASP G 65 -40.26 -10.01 -16.52
N ALA G 66 -39.17 -9.87 -17.27
CA ALA G 66 -37.83 -9.81 -16.72
C ALA G 66 -37.55 -8.40 -16.16
N ALA G 67 -36.96 -8.32 -14.96
CA ALA G 67 -36.45 -7.06 -14.45
C ALA G 67 -35.11 -7.28 -13.75
N VAL G 68 -34.10 -6.47 -14.12
CA VAL G 68 -32.78 -6.52 -13.49
C VAL G 68 -32.42 -5.12 -13.02
N THR G 69 -32.07 -4.98 -11.74
CA THR G 69 -31.55 -3.72 -11.25
C THR G 69 -30.09 -3.62 -11.65
N LEU G 70 -29.79 -2.69 -12.55
CA LEU G 70 -28.49 -2.60 -13.20
C LEU G 70 -27.44 -2.08 -12.23
N ASP G 71 -27.74 -0.93 -11.59
CA ASP G 71 -26.81 -0.23 -10.73
C ASP G 71 -27.54 0.81 -9.88
N SER G 72 -26.88 1.21 -8.79
CA SER G 72 -27.33 2.28 -7.90
C SER G 72 -26.34 3.43 -7.96
N PHE G 73 -26.87 4.64 -8.15
CA PHE G 73 -26.07 5.85 -8.12
C PHE G 73 -26.42 6.63 -6.85
N THR G 74 -25.39 7.13 -6.16
CA THR G 74 -25.56 7.86 -4.91
C THR G 74 -25.24 9.35 -5.11
N GLY G 75 -26.08 10.21 -4.51
CA GLY G 75 -25.89 11.65 -4.56
C GLY G 75 -26.14 12.22 -5.95
N GLU G 76 -25.58 13.40 -6.22
CA GLU G 76 -25.79 14.10 -7.49
C GLU G 76 -24.60 13.87 -8.42
N GLY G 77 -24.86 13.68 -9.72
CA GLY G 77 -23.80 13.61 -10.71
C GLY G 77 -24.26 13.12 -12.07
N ILE G 78 -23.29 12.67 -12.88
CA ILE G 78 -23.56 12.08 -14.17
C ILE G 78 -22.89 10.72 -14.35
N SER G 79 -23.70 9.73 -14.71
CA SER G 79 -23.21 8.46 -15.23
C SER G 79 -22.99 8.62 -16.73
N GLN G 80 -21.78 9.05 -17.08
CA GLN G 80 -21.40 9.21 -18.48
C GLN G 80 -20.84 7.91 -19.06
N GLY G 81 -21.00 7.69 -20.37
CA GLY G 81 -20.33 6.64 -21.14
C GLY G 81 -21.04 5.28 -21.08
N ASN G 82 -22.33 5.28 -20.76
CA ASN G 82 -23.16 4.09 -20.81
C ASN G 82 -23.47 3.64 -22.23
N GLN G 83 -23.92 2.39 -22.34
CA GLN G 83 -24.59 1.89 -23.52
C GLN G 83 -25.77 1.01 -23.06
N ILE G 84 -26.65 1.53 -22.21
CA ILE G 84 -27.82 0.72 -21.88
C ILE G 84 -28.82 0.83 -23.03
N GLU G 85 -29.30 -0.32 -23.52
CA GLU G 85 -30.05 -0.33 -24.77
C GLU G 85 -31.45 -0.87 -24.56
N ALA G 86 -32.40 -0.30 -25.30
CA ALA G 86 -33.79 -0.72 -25.22
C ALA G 86 -34.46 -0.55 -26.58
N SER G 87 -35.42 -1.44 -26.90
CA SER G 87 -36.22 -1.28 -28.11
C SER G 87 -37.70 -1.52 -27.82
N ASP G 88 -38.55 -0.94 -28.67
CA ASP G 88 -39.97 -1.18 -28.62
C ASP G 88 -40.30 -2.63 -28.98
N ASN G 89 -39.74 -3.15 -30.08
CA ASN G 89 -40.15 -4.46 -30.54
C ASN G 89 -39.75 -5.56 -29.56
N THR G 90 -38.61 -5.41 -28.88
CA THR G 90 -38.21 -6.33 -27.83
C THR G 90 -38.77 -5.92 -26.46
N ASN G 91 -39.66 -4.92 -26.45
CA ASN G 91 -40.43 -4.49 -25.28
C ASN G 91 -39.55 -4.21 -24.06
N THR G 92 -38.43 -3.52 -24.30
CA THR G 92 -37.45 -3.24 -23.24
C THR G 92 -37.63 -1.81 -22.77
N TYR G 93 -37.66 -1.61 -21.45
CA TYR G 93 -37.82 -0.31 -20.82
C TYR G 93 -36.66 -0.10 -19.84
N ILE G 94 -36.23 1.16 -19.68
CA ILE G 94 -35.29 1.51 -18.63
C ILE G 94 -36.04 2.36 -17.60
N ARG G 95 -36.02 1.93 -16.33
CA ARG G 95 -36.64 2.70 -15.27
C ARG G 95 -35.54 3.27 -14.37
N ILE G 96 -35.57 4.59 -14.18
CA ILE G 96 -34.67 5.23 -13.22
C ILE G 96 -35.53 5.65 -12.04
N THR G 97 -35.29 5.03 -10.88
CA THR G 97 -36.14 5.18 -9.71
C THR G 97 -35.40 6.03 -8.69
N ASN G 98 -36.08 7.07 -8.18
CA ASN G 98 -35.55 7.91 -7.12
C ASN G 98 -35.42 7.08 -5.84
N THR G 99 -34.32 7.31 -5.09
CA THR G 99 -34.09 6.66 -3.80
C THR G 99 -33.56 7.67 -2.77
N SER G 100 -33.65 8.99 -3.08
CA SER G 100 -32.97 10.07 -2.38
C SER G 100 -33.58 10.43 -1.03
N GLY G 101 -34.86 10.08 -0.80
CA GLY G 101 -35.57 10.57 0.36
C GLY G 101 -36.20 11.95 0.15
N GLY G 102 -36.22 12.42 -1.11
CA GLY G 102 -36.76 13.73 -1.49
C GLY G 102 -36.80 13.89 -3.01
N ALA G 103 -37.40 14.99 -3.50
CA ALA G 103 -37.65 15.17 -4.93
C ALA G 103 -36.37 15.48 -5.70
N ILE G 104 -36.20 14.87 -6.89
CA ILE G 104 -35.00 15.05 -7.70
C ILE G 104 -35.32 15.27 -9.18
N ASP G 105 -34.34 15.83 -9.89
CA ASP G 105 -34.38 15.97 -11.33
C ASP G 105 -33.57 14.86 -11.98
N ILE G 106 -34.13 14.18 -13.00
CA ILE G 106 -33.44 13.14 -13.74
C ILE G 106 -33.42 13.52 -15.21
N ILE G 107 -32.22 13.51 -15.82
CA ILE G 107 -32.10 13.71 -17.25
C ILE G 107 -31.28 12.56 -17.84
N ALA G 108 -31.86 11.80 -18.77
CA ALA G 108 -31.15 10.73 -19.45
C ALA G 108 -30.99 11.11 -20.92
N THR G 109 -29.74 11.02 -21.44
CA THR G 109 -29.50 11.33 -22.85
C THR G 109 -28.77 10.19 -23.53
N GLY G 110 -28.92 10.12 -24.84
CA GLY G 110 -28.30 9.08 -25.63
C GLY G 110 -28.66 9.24 -27.09
N ARG G 111 -28.73 8.10 -27.77
CA ARG G 111 -28.88 8.10 -29.21
C ARG G 111 -29.96 7.09 -29.60
N GLU G 112 -30.71 7.43 -30.65
CA GLU G 112 -31.59 6.46 -31.28
C GLU G 112 -30.79 5.49 -32.14
N VAL G 113 -31.21 4.23 -32.10
CA VAL G 113 -30.59 3.15 -32.83
C VAL G 113 -31.68 2.54 -33.72
N SER G 114 -31.29 2.00 -34.88
CA SER G 114 -32.26 1.28 -35.69
C SER G 114 -32.66 -0.02 -35.00
N GLN G 115 -33.93 -0.40 -35.14
CA GLN G 115 -34.29 -1.79 -34.90
C GLN G 115 -33.82 -2.66 -36.07
N THR H 2 2.32 -3.49 -24.79
CA THR H 2 0.93 -3.40 -24.26
C THR H 2 0.43 -4.78 -23.86
N GLY H 3 0.65 -5.76 -24.75
CA GLY H 3 0.02 -7.08 -24.69
C GLY H 3 -1.41 -7.05 -25.24
N LEU H 4 -2.07 -8.22 -25.19
CA LEU H 4 -3.47 -8.33 -25.57
C LEU H 4 -4.36 -8.09 -24.35
N ASN H 5 -5.65 -7.88 -24.59
CA ASN H 5 -6.59 -7.53 -23.54
C ASN H 5 -6.65 -8.63 -22.47
N PRO H 6 -6.79 -8.28 -21.17
CA PRO H 6 -6.95 -9.28 -20.12
C PRO H 6 -8.14 -10.20 -20.36
N ASP H 7 -8.02 -11.39 -19.79
CA ASP H 7 -9.10 -12.36 -19.69
C ASP H 7 -10.33 -11.72 -19.05
N GLY H 8 -11.49 -11.87 -19.71
CA GLY H 8 -12.75 -11.65 -19.02
C GLY H 8 -13.81 -11.03 -19.93
N LEU H 9 -15.05 -11.12 -19.46
CA LEU H 9 -16.14 -10.38 -20.07
C LEU H 9 -16.31 -9.04 -19.37
N GLY H 10 -17.25 -8.23 -19.88
CA GLY H 10 -17.29 -6.81 -19.60
C GLY H 10 -16.18 -6.07 -20.33
N ARG H 11 -16.12 -4.75 -20.14
CA ARG H 11 -15.09 -3.92 -20.73
C ARG H 11 -13.72 -4.30 -20.17
N THR H 12 -12.85 -4.88 -21.02
CA THR H 12 -11.48 -5.18 -20.64
C THR H 12 -10.56 -4.35 -21.53
N ALA H 13 -9.38 -4.00 -21.00
CA ALA H 13 -8.45 -3.17 -21.73
C ALA H 13 -7.02 -3.43 -21.28
N ALA H 14 -6.11 -3.58 -22.26
CA ALA H 14 -4.68 -3.50 -22.02
C ALA H 14 -4.21 -2.09 -22.38
N PHE H 15 -3.59 -1.42 -21.39
CA PHE H 15 -3.05 -0.10 -21.56
C PHE H 15 -1.54 -0.11 -21.40
N SER H 16 -0.89 0.89 -21.98
CA SER H 16 0.44 1.24 -21.56
C SER H 16 0.33 2.15 -20.33
N ASN H 17 0.14 3.44 -20.56
CA ASN H 17 0.13 4.42 -19.47
C ASN H 17 -1.27 5.00 -19.30
N THR H 18 -1.80 4.93 -18.07
CA THR H 18 -3.06 5.56 -17.74
C THR H 18 -2.88 6.64 -16.68
N SER H 19 -3.73 7.65 -16.79
CA SER H 19 -3.88 8.66 -15.77
C SER H 19 -5.34 8.68 -15.36
N ALA H 20 -5.59 8.85 -14.06
CA ALA H 20 -6.96 8.94 -13.55
C ALA H 20 -6.98 9.93 -12.39
N GLU H 21 -8.15 10.52 -12.15
CA GLU H 21 -8.37 11.24 -10.91
C GLU H 21 -8.69 10.23 -9.82
N SER H 22 -9.70 9.38 -10.04
CA SER H 22 -10.09 8.38 -9.08
C SER H 22 -10.16 6.98 -9.70
N VAL H 23 -9.53 6.02 -9.03
CA VAL H 23 -9.58 4.60 -9.44
C VAL H 23 -10.28 3.81 -8.33
N SER H 24 -11.33 3.06 -8.69
CA SER H 24 -11.88 2.03 -7.82
C SER H 24 -11.52 0.66 -8.39
N ALA H 25 -10.96 -0.21 -7.55
CA ALA H 25 -10.65 -1.57 -7.95
C ALA H 25 -11.06 -2.53 -6.83
N VAL H 26 -11.54 -3.72 -7.20
CA VAL H 26 -11.70 -4.75 -6.19
C VAL H 26 -10.32 -5.34 -5.91
N ASP H 27 -9.71 -5.95 -6.92
CA ASP H 27 -8.33 -6.42 -6.83
C ASP H 27 -7.41 -5.44 -7.55
N ALA H 28 -6.30 -5.06 -6.91
CA ALA H 28 -5.21 -4.41 -7.65
C ALA H 28 -3.90 -5.17 -7.43
N THR H 29 -3.33 -5.68 -8.52
CA THR H 29 -2.01 -6.28 -8.51
C THR H 29 -1.03 -5.26 -9.06
N ILE H 30 -0.11 -4.80 -8.20
CA ILE H 30 0.83 -3.76 -8.58
C ILE H 30 2.24 -4.32 -8.34
N ASP H 31 3.06 -4.35 -9.39
CA ASP H 31 4.42 -4.89 -9.32
C ASP H 31 5.37 -3.96 -8.59
N ARG H 32 5.14 -2.64 -8.70
CA ARG H 32 5.94 -1.64 -7.99
C ARG H 32 5.06 -0.44 -7.63
N LEU H 33 4.92 -0.21 -6.31
CA LEU H 33 3.97 0.75 -5.80
C LEU H 33 4.66 2.04 -5.38
N TYR H 34 4.13 3.16 -5.91
CA TYR H 34 4.56 4.50 -5.54
C TYR H 34 3.37 5.19 -4.87
N ALA H 35 3.16 4.87 -3.60
CA ALA H 35 1.97 5.30 -2.88
C ALA H 35 2.30 5.53 -1.40
N GLN H 36 3.25 6.42 -1.12
CA GLN H 36 3.67 6.67 0.25
C GLN H 36 2.55 7.31 1.09
N ASP H 37 1.67 8.07 0.44
CA ASP H 37 0.60 8.81 1.10
C ASP H 37 -0.67 7.95 1.24
N ARG H 38 -0.73 7.20 2.34
CA ARG H 38 -1.92 6.44 2.71
C ARG H 38 -2.95 7.36 3.35
N ILE H 39 -4.21 7.17 2.96
CA ILE H 39 -5.31 7.76 3.72
C ILE H 39 -5.84 6.72 4.69
N GLU H 40 -6.26 5.58 4.14
CA GLU H 40 -6.66 4.46 4.97
C GLU H 40 -5.43 3.70 5.45
N ILE H 41 -5.36 3.47 6.75
CA ILE H 41 -4.27 2.70 7.33
C ILE H 41 -4.72 1.25 7.52
N PRO H 42 -3.85 0.27 7.28
CA PRO H 42 -4.21 -1.13 7.49
C PRO H 42 -4.47 -1.48 8.95
N THR H 43 -3.80 -0.80 9.90
CA THR H 43 -3.85 -1.10 11.34
C THR H 43 -5.15 -0.66 12.02
N ASP H 44 -5.88 -1.60 12.66
CA ASP H 44 -6.95 -1.25 13.57
C ASP H 44 -6.43 -1.29 15.01
N SER H 45 -6.22 -0.12 15.61
CA SER H 45 -5.65 -0.04 16.94
C SER H 45 -6.68 -0.20 18.07
N ARG H 46 -7.98 -0.20 17.77
CA ARG H 46 -9.05 -0.06 18.78
C ARG H 46 -8.97 -1.07 19.91
N GLN H 47 -8.62 -2.33 19.60
CA GLN H 47 -8.65 -3.41 20.58
C GLN H 47 -7.29 -4.09 20.78
N LEU H 48 -6.21 -3.55 20.19
CA LEU H 48 -4.88 -4.17 20.31
C LEU H 48 -4.37 -4.13 21.74
N PHE H 49 -4.55 -3.00 22.41
CA PHE H 49 -3.95 -2.78 23.72
C PHE H 49 -4.88 -3.12 24.87
N SER H 50 -6.15 -3.40 24.59
CA SER H 50 -7.20 -3.65 25.57
C SER H 50 -6.88 -4.79 26.54
N THR H 51 -6.08 -5.76 26.09
CA THR H 51 -5.74 -6.93 26.91
C THR H 51 -4.29 -6.94 27.37
N ARG H 52 -3.58 -5.81 27.28
CA ARG H 52 -2.22 -5.71 27.81
C ARG H 52 -2.25 -5.67 29.33
N GLY H 53 -1.15 -6.11 29.95
CA GLY H 53 -1.09 -6.32 31.38
C GLY H 53 -1.97 -7.47 31.84
N THR H 54 -2.24 -7.53 33.15
CA THR H 54 -2.98 -8.62 33.76
C THR H 54 -4.23 -8.05 34.43
N VAL H 55 -5.31 -8.84 34.44
CA VAL H 55 -6.52 -8.44 35.15
C VAL H 55 -6.28 -8.58 36.65
N LEU H 56 -6.48 -7.47 37.36
CA LEU H 56 -6.52 -7.46 38.80
C LEU H 56 -7.95 -7.81 39.24
N ARG H 57 -8.91 -6.89 39.02
CA ARG H 57 -10.30 -7.12 39.43
C ARG H 57 -11.17 -7.37 38.21
N ASN H 58 -11.85 -8.54 38.19
CA ASN H 58 -12.69 -8.96 37.09
C ASN H 58 -14.18 -8.68 37.29
N PHE H 59 -14.57 -8.37 38.53
CA PHE H 59 -15.96 -8.15 38.97
C PHE H 59 -16.90 -9.36 38.72
N GLU H 60 -16.33 -10.56 38.53
CA GLU H 60 -17.13 -11.76 38.30
C GLU H 60 -17.73 -12.31 39.60
N ASP H 61 -17.28 -11.80 40.76
CA ASP H 61 -17.86 -12.08 42.06
C ASP H 61 -17.79 -10.81 42.90
N LEU H 62 -18.95 -10.19 43.16
CA LEU H 62 -18.97 -8.91 43.88
C LEU H 62 -18.93 -9.07 45.39
N SER H 63 -18.78 -10.30 45.92
CA SER H 63 -18.74 -10.58 47.36
C SER H 63 -17.54 -9.92 48.04
N GLY H 64 -16.41 -9.82 47.33
CA GLY H 64 -15.18 -9.24 47.84
C GLY H 64 -15.23 -7.71 47.94
N TRP H 65 -16.27 -7.07 47.39
CA TRP H 65 -16.44 -5.63 47.36
C TRP H 65 -17.47 -5.16 48.38
N THR H 66 -17.12 -4.12 49.14
CA THR H 66 -18.01 -3.46 50.08
C THR H 66 -18.40 -2.08 49.52
N ALA H 67 -19.70 -1.80 49.43
CA ALA H 67 -20.15 -0.45 49.10
C ALA H 67 -20.11 0.42 50.35
N ASN H 68 -19.11 1.30 50.43
CA ASN H 68 -18.91 2.20 51.55
C ASN H 68 -19.93 3.35 51.50
N ILE H 69 -20.09 3.95 50.31
CA ILE H 69 -21.18 4.86 49.98
C ILE H 69 -21.63 4.58 48.55
N GLY H 70 -22.89 4.95 48.24
CA GLY H 70 -23.52 4.48 47.02
C GLY H 70 -23.86 2.99 47.11
N SER H 71 -24.06 2.36 45.94
CA SER H 71 -24.52 0.98 45.86
C SER H 71 -23.90 0.27 44.66
N LEU H 72 -23.77 -1.06 44.80
CA LEU H 72 -23.08 -1.91 43.86
C LEU H 72 -23.96 -3.11 43.53
N SER H 73 -24.13 -3.39 42.24
CA SER H 73 -24.86 -4.57 41.80
C SER H 73 -24.22 -5.19 40.56
N ALA H 74 -24.51 -6.47 40.33
CA ALA H 74 -24.04 -7.16 39.14
C ALA H 74 -24.82 -6.70 37.91
N GLU H 75 -24.08 -6.40 36.85
CA GLU H 75 -24.64 -6.22 35.53
C GLU H 75 -24.26 -7.46 34.72
N THR H 76 -25.29 -8.21 34.26
CA THR H 76 -25.11 -9.50 33.63
C THR H 76 -25.53 -9.50 32.15
N SER H 77 -26.16 -8.41 31.67
CA SER H 77 -26.49 -8.31 30.24
C SER H 77 -25.59 -7.30 29.53
N ASP H 78 -25.25 -6.19 30.21
CA ASP H 78 -24.36 -5.19 29.63
C ASP H 78 -22.92 -5.38 30.11
N VAL H 79 -22.28 -6.41 29.57
CA VAL H 79 -21.02 -6.90 30.12
C VAL H 79 -19.89 -6.54 29.17
N TYR H 80 -18.82 -5.96 29.73
CA TYR H 80 -17.61 -5.75 28.96
C TYR H 80 -16.90 -7.08 28.74
N VAL H 81 -16.54 -7.75 29.85
CA VAL H 81 -15.63 -8.89 29.85
C VAL H 81 -16.14 -9.90 30.87
N GLY H 82 -16.23 -11.17 30.46
CA GLY H 82 -16.60 -12.27 31.33
C GLY H 82 -18.11 -12.45 31.43
N SER H 83 -18.57 -12.99 32.56
CA SER H 83 -19.98 -13.25 32.83
C SER H 83 -20.70 -11.98 33.31
N GLN H 84 -19.97 -11.06 33.95
CA GLN H 84 -20.56 -9.85 34.49
C GLN H 84 -19.58 -8.68 34.64
N SER H 85 -20.20 -7.53 34.86
CA SER H 85 -19.59 -6.24 35.13
C SER H 85 -20.29 -5.64 36.34
N ALA H 86 -19.78 -4.54 36.89
CA ALA H 86 -20.33 -3.94 38.11
C ALA H 86 -21.09 -2.65 37.75
N ARG H 87 -22.33 -2.53 38.22
CA ARG H 87 -23.07 -1.28 38.18
C ARG H 87 -22.85 -0.51 39.47
N LEU H 88 -22.31 0.71 39.33
CA LEU H 88 -22.10 1.64 40.41
C LEU H 88 -23.22 2.68 40.36
N THR H 89 -24.04 2.70 41.41
CA THR H 89 -25.23 3.54 41.43
C THR H 89 -25.25 4.37 42.70
N ALA H 90 -25.61 5.66 42.59
CA ALA H 90 -25.75 6.53 43.74
C ALA H 90 -26.84 7.56 43.50
N SER H 91 -27.53 7.96 44.59
CA SER H 91 -28.44 9.10 44.61
C SER H 91 -27.95 10.10 45.65
N SER H 92 -27.78 11.37 45.22
CA SER H 92 -27.34 12.49 46.05
C SER H 92 -26.12 12.16 46.91
N SER H 93 -25.16 11.42 46.34
CA SER H 93 -23.98 10.92 47.04
C SER H 93 -22.91 10.48 46.04
N ALA H 94 -21.69 10.27 46.53
CA ALA H 94 -20.66 9.59 45.75
C ALA H 94 -20.86 8.07 45.85
N VAL H 95 -20.23 7.33 44.92
CA VAL H 95 -20.06 5.90 45.13
C VAL H 95 -18.60 5.63 45.50
N ASP H 96 -18.38 4.74 46.49
CA ASP H 96 -17.08 4.30 46.96
C ASP H 96 -17.25 2.82 47.26
N ILE H 97 -16.57 1.98 46.47
CA ILE H 97 -16.59 0.53 46.64
C ILE H 97 -15.18 0.07 46.97
N ARG H 98 -15.05 -0.88 47.90
CA ARG H 98 -13.75 -1.27 48.45
C ARG H 98 -13.51 -2.77 48.38
N TYR H 99 -12.33 -3.14 47.93
CA TYR H 99 -11.87 -4.52 47.89
C TYR H 99 -10.66 -4.66 48.81
N SER H 100 -10.78 -5.46 49.88
CA SER H 100 -9.64 -5.77 50.73
C SER H 100 -8.89 -6.99 50.16
N PHE H 101 -7.59 -6.82 49.98
CA PHE H 101 -6.75 -7.91 49.51
C PHE H 101 -6.51 -8.90 50.65
N GLY H 102 -6.48 -10.20 50.31
CA GLY H 102 -6.19 -11.26 51.27
C GLY H 102 -4.78 -11.15 51.87
N THR H 103 -3.86 -10.52 51.14
CA THR H 103 -2.48 -10.31 51.55
C THR H 103 -2.02 -8.95 51.01
N ALA H 104 -1.01 -8.34 51.65
CA ALA H 104 -0.47 -7.06 51.23
C ALA H 104 0.07 -7.12 49.79
N GLN H 105 -0.39 -6.21 48.94
CA GLN H 105 0.04 -6.10 47.56
C GLN H 105 1.17 -5.09 47.40
N ASP H 106 2.09 -5.38 46.47
CA ASP H 106 3.12 -4.45 46.05
C ASP H 106 2.77 -3.95 44.65
N PHE H 107 2.48 -2.64 44.56
CA PHE H 107 2.14 -2.01 43.29
C PHE H 107 3.22 -1.00 42.85
N THR H 108 4.49 -1.19 43.28
CA THR H 108 5.60 -0.40 42.76
C THR H 108 5.64 -0.46 41.23
N GLY H 109 5.63 0.71 40.59
CA GLY H 109 5.71 0.83 39.15
C GLY H 109 4.56 0.13 38.39
N LYS H 110 3.41 -0.06 39.03
CA LYS H 110 2.23 -0.59 38.37
C LYS H 110 1.28 0.55 38.01
N GLY H 111 0.81 0.54 36.76
CA GLY H 111 -0.19 1.47 36.27
C GLY H 111 -1.56 0.83 36.17
N PHE H 112 -2.61 1.62 36.40
CA PHE H 112 -3.97 1.12 36.54
C PHE H 112 -4.85 1.55 35.37
N SER H 113 -5.73 0.63 34.97
CA SER H 113 -6.63 0.85 33.86
C SER H 113 -7.96 0.17 34.19
N MET H 114 -9.09 0.69 33.68
CA MET H 114 -10.38 0.09 33.96
C MET H 114 -11.32 0.29 32.77
N ALA H 115 -12.23 -0.67 32.55
CA ALA H 115 -13.29 -0.53 31.58
C ALA H 115 -14.45 0.24 32.21
N LEU H 116 -15.04 1.15 31.42
CA LEU H 116 -16.02 2.09 31.92
C LEU H 116 -17.13 2.28 30.88
N LYS H 117 -18.39 2.36 31.33
CA LYS H 117 -19.48 2.92 30.55
C LYS H 117 -20.35 3.85 31.40
N ARG H 118 -20.62 5.06 30.91
CA ARG H 118 -21.49 6.01 31.58
C ARG H 118 -22.93 5.76 31.10
N ILE H 119 -23.82 5.39 32.03
CA ILE H 119 -25.24 5.31 31.68
C ILE H 119 -25.86 6.68 31.96
N ASP H 120 -25.72 7.13 33.21
CA ASP H 120 -26.28 8.40 33.65
C ASP H 120 -25.39 9.04 34.71
N VAL H 121 -25.04 10.31 34.54
CA VAL H 121 -24.55 11.13 35.64
C VAL H 121 -25.29 12.46 35.53
N SER H 122 -25.79 12.99 36.65
CA SER H 122 -26.46 14.28 36.65
C SER H 122 -26.37 14.98 38.01
N GLY H 123 -26.55 16.30 37.99
CA GLY H 123 -26.37 17.14 39.16
C GLY H 123 -25.60 18.39 38.76
N SER H 124 -24.51 18.69 39.49
CA SER H 124 -23.59 19.77 39.15
C SER H 124 -23.01 19.61 37.75
N SER H 125 -22.83 18.35 37.32
CA SER H 125 -22.23 18.00 36.05
C SER H 125 -22.84 16.70 35.52
N ASP H 126 -22.78 16.52 34.20
CA ASP H 126 -23.13 15.26 33.56
C ASP H 126 -21.94 14.29 33.49
N SER H 127 -20.88 14.59 34.25
CA SER H 127 -19.63 13.85 34.25
C SER H 127 -19.06 13.76 35.66
N THR H 128 -18.16 12.80 35.89
CA THR H 128 -17.46 12.69 37.16
C THR H 128 -16.02 12.26 36.94
N PRO H 129 -15.07 12.72 37.79
CA PRO H 129 -13.84 11.96 38.00
C PRO H 129 -14.21 10.60 38.58
N ILE H 130 -13.61 9.56 38.01
CA ILE H 130 -13.61 8.25 38.60
C ILE H 130 -12.18 7.92 39.04
N LYS H 131 -12.06 7.43 40.27
CA LYS H 131 -10.80 7.32 40.98
C LYS H 131 -10.58 5.85 41.34
N ILE H 132 -9.40 5.32 41.00
CA ILE H 132 -8.88 4.09 41.59
C ILE H 132 -7.91 4.51 42.69
N ARG H 133 -8.10 3.95 43.86
CA ARG H 133 -7.54 4.54 45.07
C ARG H 133 -7.00 3.40 45.92
N LEU H 134 -5.67 3.37 46.12
CA LEU H 134 -5.00 2.32 46.84
C LEU H 134 -4.80 2.77 48.28
N VAL H 135 -5.07 1.87 49.23
CA VAL H 135 -4.98 2.16 50.65
C VAL H 135 -3.95 1.22 51.28
N ASP H 136 -2.99 1.80 52.01
CA ASP H 136 -1.97 1.02 52.71
C ASP H 136 -2.41 0.60 54.12
N GLY H 137 -1.53 -0.09 54.86
CA GLY H 137 -1.80 -0.49 56.23
C GLY H 137 -2.08 0.66 57.20
N ASN H 138 -1.53 1.84 56.93
CA ASN H 138 -1.70 3.03 57.77
C ASN H 138 -2.87 3.91 57.33
N THR H 139 -3.68 3.43 56.37
CA THR H 139 -4.82 4.15 55.78
C THR H 139 -4.40 5.40 55.02
N ASN H 140 -3.19 5.38 54.45
CA ASN H 140 -2.80 6.39 53.47
C ASN H 140 -3.36 6.00 52.11
N TYR H 141 -3.81 7.01 51.34
CA TYR H 141 -4.32 6.79 50.00
C TYR H 141 -3.33 7.25 48.92
N ARG H 142 -3.22 6.45 47.86
CA ARG H 142 -2.74 6.94 46.57
C ARG H 142 -3.91 6.90 45.59
N THR H 143 -4.20 8.05 44.96
CA THR H 143 -5.32 8.16 44.04
C THR H 143 -4.82 8.28 42.61
N PHE H 144 -5.38 7.44 41.73
CA PHE H 144 -5.27 7.61 40.30
C PHE H 144 -6.67 7.88 39.76
N SER H 145 -6.79 8.70 38.72
CA SER H 145 -8.11 9.06 38.24
C SER H 145 -8.16 9.25 36.72
N ALA H 146 -9.41 9.21 36.25
CA ALA H 146 -9.79 9.34 34.85
C ALA H 146 -11.20 9.95 34.84
N ARG H 147 -11.73 10.26 33.65
CA ARG H 147 -13.02 10.96 33.59
C ARG H 147 -14.10 10.12 32.92
N CYS H 148 -15.24 10.09 33.59
CA CYS H 148 -16.46 9.49 33.10
C CYS H 148 -17.34 10.60 32.50
N ARG H 149 -17.17 10.87 31.19
CA ARG H 149 -17.82 11.97 30.50
C ARG H 149 -18.84 11.43 29.50
N PRO H 150 -19.89 12.21 29.11
CA PRO H 150 -20.68 11.89 27.93
C PRO H 150 -19.82 11.88 26.67
N GLY H 151 -20.29 11.16 25.65
CA GLY H 151 -19.55 10.99 24.40
C GLY H 151 -18.55 9.84 24.55
N GLY H 152 -17.39 10.13 25.11
CA GLY H 152 -16.37 9.10 25.32
C GLY H 152 -16.80 7.97 26.26
N GLY H 153 -17.77 8.24 27.15
CA GLY H 153 -18.31 7.23 28.06
C GLY H 153 -19.61 6.58 27.57
N ASP H 154 -20.13 6.92 26.39
CA ASP H 154 -21.42 6.43 25.90
C ASP H 154 -21.42 4.92 25.62
N GLU H 155 -20.23 4.35 25.39
CA GLU H 155 -20.04 2.93 25.11
C GLU H 155 -18.84 2.45 25.94
N TRP H 156 -18.71 1.13 26.07
CA TRP H 156 -17.62 0.55 26.84
C TRP H 156 -16.26 0.95 26.24
N GLY H 157 -15.41 1.54 27.09
CA GLY H 157 -14.07 1.91 26.69
C GLY H 157 -13.13 1.91 27.91
N ARG H 158 -11.84 1.74 27.65
CA ARG H 158 -10.88 1.66 28.74
C ARG H 158 -10.27 3.03 29.02
N ARG H 159 -10.18 3.37 30.31
CA ARG H 159 -9.44 4.52 30.78
C ARG H 159 -8.15 4.05 31.42
N ASP H 160 -7.05 4.75 31.12
CA ASP H 160 -5.75 4.52 31.72
C ASP H 160 -5.50 5.64 32.72
N PHE H 161 -5.36 5.28 33.99
CA PHE H 161 -5.57 6.22 35.09
C PHE H 161 -4.29 6.99 35.40
N GLY H 162 -4.42 8.32 35.42
CA GLY H 162 -3.30 9.16 35.76
C GLY H 162 -3.17 9.32 37.26
N PHE H 163 -1.94 9.42 37.75
CA PHE H 163 -1.72 9.79 39.15
C PHE H 163 -2.41 11.12 39.46
N GLU H 164 -3.08 11.19 40.63
CA GLU H 164 -3.74 12.41 41.08
C GLU H 164 -3.11 12.93 42.38
N SER H 165 -3.09 12.09 43.42
CA SER H 165 -2.68 12.53 44.74
C SER H 165 -2.18 11.37 45.58
N GLU H 166 -1.41 11.72 46.62
CA GLU H 166 -0.89 10.75 47.55
C GLU H 166 -0.87 11.35 48.95
N ASP H 167 -1.26 10.55 49.94
CA ASP H 167 -1.07 10.89 51.34
C ASP H 167 0.40 10.67 51.73
N THR H 168 0.95 11.57 52.55
CA THR H 168 2.35 11.48 52.96
C THR H 168 2.62 10.16 53.67
N GLY H 169 3.68 9.46 53.24
CA GLY H 169 4.10 8.22 53.86
C GLY H 169 3.37 6.98 53.33
N PHE H 170 2.58 7.12 52.26
CA PHE H 170 1.95 5.99 51.59
C PHE H 170 2.98 4.92 51.19
N ASP H 171 2.72 3.67 51.60
CA ASP H 171 3.59 2.55 51.25
C ASP H 171 2.97 1.69 50.15
N VAL H 172 3.45 1.89 48.93
CA VAL H 172 2.98 1.16 47.75
C VAL H 172 3.39 -0.32 47.79
N THR H 173 4.27 -0.73 48.72
CA THR H 173 4.63 -2.13 48.91
C THR H 173 3.69 -2.85 49.88
N ASN H 174 2.81 -2.10 50.55
CA ASN H 174 1.95 -2.59 51.63
C ASN H 174 0.48 -2.20 51.39
N VAL H 175 -0.01 -2.43 50.16
CA VAL H 175 -1.39 -2.08 49.84
C VAL H 175 -2.34 -3.16 50.35
N GLN H 176 -3.28 -2.73 51.18
CA GLN H 176 -4.23 -3.60 51.88
C GLN H 176 -5.61 -3.57 51.22
N THR H 177 -5.99 -2.44 50.64
CA THR H 177 -7.33 -2.25 50.09
C THR H 177 -7.23 -1.44 48.79
N MET H 178 -8.14 -1.73 47.88
CA MET H 178 -8.33 -1.00 46.64
C MET H 178 -9.73 -0.40 46.64
N THR H 179 -9.88 0.82 46.13
CA THR H 179 -11.15 1.53 46.19
C THR H 179 -11.46 2.11 44.82
N VAL H 180 -12.71 1.96 44.37
CA VAL H 180 -13.18 2.67 43.19
C VAL H 180 -14.19 3.70 43.67
N THR H 181 -13.97 4.98 43.34
CA THR H 181 -14.83 6.03 43.86
C THR H 181 -15.04 7.17 42.85
N THR H 182 -16.14 7.91 43.04
CA THR H 182 -16.51 9.05 42.21
C THR H 182 -16.68 10.29 43.08
N ASN H 183 -16.86 11.46 42.46
CA ASN H 183 -17.36 12.63 43.15
C ASN H 183 -18.86 12.46 43.45
N SER H 184 -19.39 13.27 44.37
CA SER H 184 -20.81 13.28 44.70
C SER H 184 -21.64 13.89 43.57
N ARG H 185 -22.75 13.23 43.20
CA ARG H 185 -23.69 13.75 42.21
C ARG H 185 -25.12 13.36 42.61
N SER H 186 -26.11 14.07 42.03
CA SER H 186 -27.52 13.80 42.31
C SER H 186 -27.93 12.40 41.80
N SER H 187 -27.41 12.00 40.62
CA SER H 187 -27.59 10.67 40.08
C SER H 187 -26.25 10.18 39.52
N ILE H 188 -25.90 8.93 39.83
CA ILE H 188 -24.80 8.21 39.21
C ILE H 188 -25.32 6.84 38.81
N ASP H 189 -25.02 6.45 37.57
CA ASP H 189 -25.18 5.11 37.05
C ASP H 189 -24.05 4.85 36.06
N ILE H 190 -22.99 4.19 36.52
CA ILE H 190 -21.85 3.90 35.66
C ILE H 190 -21.48 2.41 35.82
N LEU H 191 -21.10 1.80 34.69
CA LEU H 191 -20.69 0.41 34.68
C LEU H 191 -19.17 0.35 34.65
N VAL H 192 -18.60 -0.57 35.44
CA VAL H 192 -17.17 -0.84 35.42
C VAL H 192 -16.91 -2.35 35.28
N ASP H 193 -15.77 -2.69 34.69
CA ASP H 193 -15.31 -4.06 34.57
C ASP H 193 -13.79 -4.00 34.50
N ASP H 194 -13.14 -5.14 34.69
CA ASP H 194 -11.80 -5.37 34.17
C ASP H 194 -10.75 -4.32 34.57
N ILE H 195 -10.47 -4.17 35.88
CA ILE H 195 -9.31 -3.40 36.30
C ILE H 195 -8.04 -4.15 35.93
N ARG H 196 -7.15 -3.47 35.21
CA ARG H 196 -5.89 -4.05 34.73
C ARG H 196 -4.69 -3.33 35.31
N VAL H 197 -3.65 -4.12 35.54
CA VAL H 197 -2.34 -3.69 36.00
C VAL H 197 -1.35 -3.87 34.86
N VAL H 198 -0.61 -2.80 34.55
CA VAL H 198 0.46 -2.79 33.55
C VAL H 198 1.78 -2.39 34.20
N ASP H 199 2.90 -2.87 33.66
CA ASP H 199 4.22 -2.42 34.07
C ASP H 199 4.48 -1.00 33.54
N SER H 200 4.75 -0.07 34.46
CA SER H 200 5.07 1.32 34.17
C SER H 200 6.31 1.74 34.98
N SER H 201 7.29 0.84 35.09
CA SER H 201 8.51 1.06 35.86
C SER H 201 9.55 1.89 35.11
N GLY H 202 9.41 2.02 33.78
CA GLY H 202 10.32 2.84 32.99
C GLY H 202 10.27 4.32 33.38
N THR H 203 11.21 5.12 32.86
CA THR H 203 11.28 6.54 33.17
C THR H 203 10.00 7.29 32.81
N GLY H 204 9.72 8.40 33.52
CA GLY H 204 8.59 9.26 33.19
C GLY H 204 8.75 9.92 31.82
N GLN H 205 7.64 10.25 31.17
CA GLN H 205 7.69 10.80 29.82
C GLN H 205 6.77 12.01 29.68
N VAL H 206 7.12 12.95 28.80
CA VAL H 206 6.27 14.10 28.50
C VAL H 206 6.04 14.22 27.00
N ILE H 207 4.79 14.42 26.61
CA ILE H 207 4.38 14.76 25.25
C ILE H 207 3.80 16.17 25.29
N VAL H 208 4.26 17.06 24.40
CA VAL H 208 3.68 18.40 24.29
C VAL H 208 3.02 18.53 22.92
N THR H 209 1.73 18.94 22.91
CA THR H 209 1.05 19.28 21.67
C THR H 209 0.52 20.72 21.71
N ILE H 210 0.53 21.36 20.53
CA ILE H 210 -0.02 22.69 20.35
C ILE H 210 -1.12 22.60 19.30
N ASP H 211 -2.31 23.12 19.63
CA ASP H 211 -3.47 22.98 18.78
C ASP H 211 -3.70 24.23 17.91
N ASP H 212 -4.28 24.00 16.73
CA ASP H 212 -5.02 25.01 15.98
C ASP H 212 -4.15 26.07 15.29
N VAL H 213 -2.84 25.80 15.13
CA VAL H 213 -1.89 26.44 14.20
C VAL H 213 -1.86 27.97 14.25
N HIS H 214 -1.92 28.51 15.48
CA HIS H 214 -1.77 29.93 15.71
C HIS H 214 -0.34 30.43 15.46
N THR H 215 -0.18 31.73 15.17
CA THR H 215 1.11 32.34 14.89
C THR H 215 2.10 32.15 16.05
N GLY H 216 1.61 32.10 17.29
CA GLY H 216 2.43 31.89 18.48
C GLY H 216 3.19 30.57 18.51
N ASP H 217 2.90 29.64 17.59
CA ASP H 217 3.63 28.38 17.49
C ASP H 217 5.12 28.60 17.15
N LYS H 218 5.44 29.72 16.50
CA LYS H 218 6.83 30.08 16.20
C LYS H 218 7.63 30.36 17.47
N THR H 219 7.08 31.15 18.40
CA THR H 219 7.74 31.41 19.68
C THR H 219 7.80 30.16 20.54
N ALA H 220 6.76 29.32 20.50
CA ALA H 220 6.75 28.02 21.14
C ALA H 220 7.90 27.13 20.65
N ALA H 221 8.10 27.05 19.34
CA ALA H 221 9.17 26.26 18.75
C ALA H 221 10.55 26.71 19.25
N GLU H 222 10.78 28.02 19.38
CA GLU H 222 12.00 28.52 19.97
C GLU H 222 12.13 28.10 21.44
N VAL H 223 11.10 28.33 22.26
CA VAL H 223 11.12 28.09 23.70
C VAL H 223 11.32 26.62 24.03
N PHE H 224 10.53 25.72 23.46
CA PHE H 224 10.68 24.29 23.70
C PHE H 224 11.93 23.74 23.02
N GLY H 225 12.35 24.37 21.93
CA GLY H 225 13.64 24.17 21.30
C GLY H 225 14.80 24.41 22.26
N ARG H 226 14.73 25.40 23.17
CA ARG H 226 15.80 25.67 24.12
C ARG H 226 16.10 24.49 25.05
N TYR H 227 15.30 23.41 25.05
CA TYR H 227 15.52 22.24 25.87
C TYR H 227 15.32 20.95 25.07
N GLY H 228 15.23 21.06 23.75
CA GLY H 228 15.02 19.95 22.83
C GLY H 228 13.76 19.14 23.09
N ILE H 229 12.69 19.81 23.58
CA ILE H 229 11.42 19.16 23.87
C ILE H 229 10.61 19.06 22.59
N PRO H 230 10.26 17.85 22.11
CA PRO H 230 9.39 17.69 20.94
C PRO H 230 7.98 18.27 21.09
N ILE H 231 7.59 19.05 20.07
CA ILE H 231 6.27 19.64 19.93
C ILE H 231 5.53 18.93 18.81
N GLY H 232 4.31 18.47 19.09
CA GLY H 232 3.36 18.11 18.05
C GLY H 232 2.42 19.26 17.73
N LEU H 233 2.35 19.67 16.46
CA LEU H 233 1.34 20.60 16.00
C LEU H 233 0.11 19.81 15.56
N ALA H 234 -0.99 19.94 16.32
CA ALA H 234 -2.28 19.41 15.90
C ALA H 234 -2.84 20.37 14.86
N ALA H 235 -2.65 20.00 13.59
CA ALA H 235 -2.76 20.93 12.47
C ALA H 235 -4.09 20.79 11.73
N ASN H 236 -4.73 21.93 11.50
CA ASN H 236 -5.84 22.04 10.56
C ASN H 236 -5.32 22.77 9.32
N ALA H 237 -5.24 22.06 8.19
CA ALA H 237 -4.58 22.63 7.02
C ALA H 237 -5.36 23.80 6.41
N LYS H 238 -6.68 23.89 6.61
CA LYS H 238 -7.47 25.02 6.10
C LYS H 238 -7.09 26.33 6.78
N PHE H 239 -6.72 26.27 8.06
CA PHE H 239 -6.39 27.43 8.87
C PHE H 239 -5.12 28.13 8.38
N LEU H 240 -4.22 27.42 7.68
CA LEU H 240 -2.99 28.02 7.18
C LEU H 240 -3.31 29.12 6.18
N ASP H 241 -2.64 30.28 6.33
CA ASP H 241 -2.85 31.48 5.51
C ASP H 241 -4.22 32.15 5.66
N GLN H 242 -5.09 31.76 6.62
CA GLN H 242 -6.41 32.37 6.71
C GLN H 242 -6.35 33.82 7.20
N SER H 243 -5.46 34.08 8.16
CA SER H 243 -5.40 35.35 8.87
C SER H 243 -4.02 35.50 9.51
N SER H 244 -3.67 36.71 9.95
CA SER H 244 -2.39 37.00 10.58
C SER H 244 -2.18 36.23 11.90
N SER H 245 -3.28 35.81 12.53
CA SER H 245 -3.31 35.03 13.76
C SER H 245 -2.96 33.55 13.55
N LYS H 246 -2.87 33.10 12.30
CA LYS H 246 -2.55 31.73 11.91
C LYS H 246 -1.22 31.68 11.17
N LEU H 247 -0.53 30.54 11.27
CA LEU H 247 0.69 30.31 10.50
C LEU H 247 0.43 30.43 8.99
N THR H 248 1.40 30.96 8.24
CA THR H 248 1.38 30.77 6.80
C THR H 248 1.77 29.35 6.45
N THR H 249 1.49 28.93 5.21
CA THR H 249 1.92 27.63 4.72
C THR H 249 3.44 27.48 4.79
N GLN H 250 4.18 28.52 4.40
CA GLN H 250 5.64 28.48 4.45
C GLN H 250 6.15 28.44 5.89
N GLU H 251 5.56 29.21 6.80
CA GLU H 251 5.91 29.18 8.22
C GLU H 251 5.69 27.78 8.81
N PHE H 252 4.56 27.15 8.48
CA PHE H 252 4.25 25.81 8.95
C PHE H 252 5.29 24.79 8.45
N LYS H 253 5.59 24.81 7.15
CA LYS H 253 6.62 23.95 6.57
C LYS H 253 8.00 24.20 7.18
N ASP H 254 8.35 25.46 7.46
CA ASP H 254 9.57 25.84 8.16
C ASP H 254 9.60 25.30 9.58
N LEU H 255 8.49 25.37 10.32
CA LEU H 255 8.40 24.77 11.65
C LEU H 255 8.60 23.25 11.58
N LEU H 256 7.94 22.54 10.66
CA LEU H 256 8.09 21.10 10.52
C LEU H 256 9.51 20.68 10.10
N ALA H 257 10.26 21.56 9.45
CA ALA H 257 11.66 21.30 9.11
C ALA H 257 12.58 21.34 10.34
N LYS H 258 12.11 21.84 11.49
CA LYS H 258 12.87 21.84 12.73
C LYS H 258 12.84 20.44 13.34
N PRO H 259 13.97 19.94 13.90
CA PRO H 259 14.09 18.54 14.30
C PRO H 259 13.16 18.11 15.44
N HIS H 260 12.60 19.07 16.18
CA HIS H 260 11.78 18.79 17.35
C HIS H 260 10.30 19.12 17.12
N VAL H 261 9.93 19.67 15.96
CA VAL H 261 8.53 19.96 15.67
C VAL H 261 8.01 18.95 14.65
N TYR H 262 6.86 18.36 14.95
CA TYR H 262 6.18 17.41 14.07
C TYR H 262 4.71 17.78 13.99
N ALA H 263 3.97 17.24 13.01
CA ALA H 263 2.55 17.52 12.90
C ALA H 263 1.72 16.24 13.05
N VAL H 264 0.53 16.42 13.61
CA VAL H 264 -0.49 15.38 13.71
C VAL H 264 -1.79 15.97 13.16
N ASN H 265 -2.70 15.11 12.72
CA ASN H 265 -3.93 15.58 12.11
C ASN H 265 -4.89 16.13 13.16
N HIS H 266 -5.58 17.23 12.83
CA HIS H 266 -6.63 17.78 13.67
C HIS H 266 -7.89 18.07 12.82
N GLY H 267 -7.94 17.49 11.61
CA GLY H 267 -9.03 17.68 10.65
C GLY H 267 -8.81 18.94 9.83
N TYR H 268 -9.17 18.94 8.55
CA TYR H 268 -8.89 20.05 7.65
C TYR H 268 -9.37 21.40 8.19
N ASN H 269 -10.63 21.41 8.68
CA ASN H 269 -11.36 22.59 9.09
C ASN H 269 -11.91 22.44 10.51
N HIS H 270 -11.29 21.61 11.35
CA HIS H 270 -11.62 21.49 12.77
C HIS H 270 -13.08 21.09 13.01
N TYR H 271 -13.57 20.07 12.32
CA TYR H 271 -14.94 19.59 12.55
C TYR H 271 -14.97 18.66 13.76
N ASP H 272 -15.66 19.08 14.82
CA ASP H 272 -15.78 18.33 16.06
C ASP H 272 -17.03 17.45 16.10
N TYR H 273 -16.92 16.35 16.84
CA TYR H 273 -18.03 15.43 17.09
C TYR H 273 -19.22 16.11 17.77
N GLY H 274 -20.44 15.81 17.31
CA GLY H 274 -21.64 16.42 17.88
C GLY H 274 -22.06 17.71 17.18
N SER H 275 -21.08 18.47 16.65
CA SER H 275 -21.35 19.68 15.88
C SER H 275 -21.60 19.39 14.39
N TYR H 276 -21.06 18.27 13.89
CA TYR H 276 -21.16 17.84 12.50
C TYR H 276 -21.51 16.34 12.45
N SER H 277 -22.00 15.86 11.31
CA SER H 277 -22.24 14.43 11.13
C SER H 277 -20.92 13.65 11.08
N ILE H 278 -20.98 12.34 11.33
CA ILE H 278 -19.81 11.47 11.22
C ILE H 278 -19.22 11.51 9.80
N ASP H 279 -20.07 11.64 8.77
CA ASP H 279 -19.64 11.69 7.38
C ASP H 279 -18.85 12.98 7.08
N GLU H 280 -19.32 14.12 7.60
CA GLU H 280 -18.62 15.38 7.46
C GLU H 280 -17.28 15.37 8.19
N ILE H 281 -17.25 14.78 9.40
CA ILE H 281 -16.03 14.65 10.16
C ILE H 281 -15.06 13.71 9.45
N GLU H 282 -15.56 12.61 8.87
CA GLU H 282 -14.74 11.70 8.09
C GLU H 282 -14.08 12.41 6.90
N ASP H 283 -14.83 13.24 6.18
CA ASP H 283 -14.29 14.06 5.11
C ASP H 283 -13.23 15.04 5.63
N ASP H 284 -13.47 15.67 6.79
CA ASP H 284 -12.53 16.58 7.43
C ASP H 284 -11.22 15.88 7.80
N VAL H 285 -11.33 14.67 8.34
CA VAL H 285 -10.23 13.81 8.72
C VAL H 285 -9.41 13.42 7.50
N ILE H 286 -10.09 12.94 6.44
CA ILE H 286 -9.47 12.50 5.19
C ILE H 286 -8.75 13.67 4.52
N ARG H 287 -9.43 14.82 4.42
CA ARG H 287 -8.84 15.99 3.79
C ARG H 287 -7.68 16.53 4.62
N GLY H 288 -7.82 16.57 5.94
CA GLY H 288 -6.73 16.94 6.83
C GLY H 288 -5.49 16.08 6.57
N LYS H 289 -5.70 14.77 6.48
CA LYS H 289 -4.64 13.80 6.22
C LYS H 289 -3.95 14.10 4.89
N TYR H 290 -4.70 14.20 3.78
CA TYR H 290 -4.07 14.38 2.48
C TYR H 290 -3.42 15.75 2.28
N GLU H 291 -4.03 16.81 2.82
CA GLU H 291 -3.45 18.15 2.76
C GLU H 291 -2.15 18.24 3.56
N LEU H 292 -2.10 17.61 4.76
CA LEU H 292 -0.87 17.54 5.54
C LEU H 292 0.20 16.67 4.85
N GLN H 293 -0.21 15.61 4.15
CA GLN H 293 0.69 14.79 3.36
C GLN H 293 1.31 15.57 2.20
N ASP H 294 0.53 16.45 1.54
CA ASP H 294 1.05 17.37 0.54
C ASP H 294 2.05 18.38 1.13
N LEU H 295 1.85 18.78 2.39
CA LEU H 295 2.79 19.63 3.11
C LEU H 295 4.02 18.87 3.64
N GLY H 296 4.08 17.54 3.42
CA GLY H 296 5.26 16.73 3.71
C GLY H 296 5.19 15.98 5.04
N VAL H 297 4.04 15.98 5.73
CA VAL H 297 3.85 15.19 6.93
C VAL H 297 3.67 13.73 6.54
N ARG H 298 4.59 12.86 6.99
CA ARG H 298 4.61 11.47 6.55
C ARG H 298 4.26 10.49 7.67
N GLU H 299 4.30 9.20 7.33
CA GLU H 299 3.48 8.14 7.91
C GLU H 299 3.36 8.12 9.44
N PRO H 300 4.44 7.89 10.23
CA PRO H 300 4.26 7.65 11.66
C PRO H 300 3.59 8.86 12.31
N ASN H 301 3.95 10.07 11.90
CA ASN H 301 3.38 11.32 12.37
C ASN H 301 1.90 11.43 11.99
N ILE H 302 1.56 11.23 10.71
CA ILE H 302 0.21 11.45 10.21
C ILE H 302 -0.76 10.30 10.54
N ASN H 303 -0.28 9.29 11.25
CA ASN H 303 -1.13 8.27 11.86
C ASN H 303 -1.73 8.71 13.19
N HIS H 304 -1.36 9.89 13.70
CA HIS H 304 -1.94 10.47 14.92
C HIS H 304 -2.97 11.53 14.59
N TYR H 305 -4.05 11.52 15.39
CA TYR H 305 -5.07 12.55 15.35
C TYR H 305 -5.28 13.11 16.74
N VAL H 306 -5.78 14.34 16.81
CA VAL H 306 -6.18 14.95 18.07
C VAL H 306 -7.61 15.42 17.86
N TYR H 307 -8.51 15.10 18.79
CA TYR H 307 -9.92 15.41 18.59
C TYR H 307 -10.15 16.93 18.59
N PRO H 308 -10.80 17.50 17.54
CA PRO H 308 -11.24 18.89 17.56
C PRO H 308 -12.13 19.18 18.76
N SER H 309 -11.79 20.23 19.51
CA SER H 309 -12.46 20.61 20.74
C SER H 309 -12.51 19.50 21.80
N GLY H 310 -11.71 18.43 21.65
CA GLY H 310 -11.74 17.28 22.53
C GLY H 310 -12.98 16.39 22.43
N ASN H 311 -13.88 16.63 21.48
CA ASN H 311 -15.14 15.90 21.38
C ASN H 311 -14.96 14.56 20.66
N TYR H 312 -15.50 13.48 21.25
CA TYR H 312 -15.46 12.16 20.65
C TYR H 312 -16.53 11.23 21.23
N ALA H 313 -16.75 10.11 20.54
CA ALA H 313 -17.51 8.96 21.02
C ALA H 313 -17.01 7.71 20.31
N GLN H 314 -17.54 6.53 20.65
CA GLN H 314 -17.14 5.30 19.97
C GLN H 314 -17.44 5.37 18.47
N GLU H 315 -18.51 6.05 18.07
CA GLU H 315 -18.85 6.31 16.67
C GLU H 315 -17.69 6.96 15.90
N SER H 316 -17.12 8.02 16.48
CA SER H 316 -16.03 8.74 15.86
C SER H 316 -14.74 7.91 15.91
N ILE H 317 -14.48 7.19 17.01
CA ILE H 317 -13.34 6.30 17.13
C ILE H 317 -13.36 5.24 16.04
N ASP H 318 -14.53 4.63 15.80
CA ASP H 318 -14.71 3.62 14.78
C ASP H 318 -14.36 4.16 13.39
N MET H 319 -14.86 5.36 13.07
CA MET H 319 -14.54 6.02 11.81
C MET H 319 -13.04 6.36 11.72
N LEU H 320 -12.49 7.01 12.76
CA LEU H 320 -11.10 7.45 12.84
C LEU H 320 -10.12 6.30 12.75
N SER H 321 -10.48 5.11 13.26
CA SER H 321 -9.64 3.93 13.26
C SER H 321 -9.27 3.45 11.85
N ASN H 322 -10.01 3.88 10.82
CA ASN H 322 -9.64 3.59 9.44
C ASN H 322 -8.46 4.43 8.97
N TYR H 323 -8.20 5.57 9.63
CA TYR H 323 -7.30 6.62 9.17
C TYR H 323 -6.13 6.86 10.14
N HIS H 324 -6.36 6.65 11.44
CA HIS H 324 -5.45 6.98 12.53
C HIS H 324 -5.36 5.83 13.52
N VAL H 325 -4.24 5.77 14.27
CA VAL H 325 -4.01 4.73 15.26
C VAL H 325 -4.29 5.20 16.69
N MET H 326 -4.29 6.52 16.91
CA MET H 326 -4.33 7.04 18.27
C MET H 326 -4.96 8.43 18.24
N SER H 327 -5.70 8.76 19.31
CA SER H 327 -6.25 10.10 19.48
C SER H 327 -6.38 10.50 20.94
N TRP H 328 -6.44 11.82 21.12
CA TRP H 328 -6.34 12.46 22.42
C TRP H 328 -7.45 13.48 22.59
N GLY H 329 -8.07 13.45 23.77
CA GLY H 329 -9.06 14.44 24.21
C GLY H 329 -8.45 15.52 25.10
N THR H 330 -9.32 16.29 25.76
CA THR H 330 -8.89 17.47 26.53
C THR H 330 -9.35 17.39 27.97
N GLY H 331 -8.52 17.92 28.87
CA GLY H 331 -8.82 18.08 30.29
C GLY H 331 -8.03 19.24 30.87
N ALA H 332 -8.35 19.61 32.12
CA ALA H 332 -7.82 20.81 32.74
C ALA H 332 -7.09 20.52 34.06
N GLU H 333 -6.99 19.25 34.49
CA GLU H 333 -6.35 18.89 35.75
C GLU H 333 -5.19 17.93 35.51
N SER H 334 -4.26 17.92 36.47
CA SER H 334 -2.99 17.22 36.37
C SER H 334 -3.14 15.75 35.96
N PHE H 335 -4.10 15.04 36.57
CA PHE H 335 -4.32 13.63 36.27
C PHE H 335 -4.82 13.38 34.83
N ASP H 336 -5.44 14.39 34.19
CA ASP H 336 -5.83 14.30 32.79
C ASP H 336 -4.65 14.12 31.86
N ALA H 337 -3.50 14.75 32.17
CA ALA H 337 -2.29 14.54 31.37
C ALA H 337 -1.79 13.10 31.46
N LEU H 338 -2.08 12.43 32.58
CA LEU H 338 -1.26 11.34 33.03
C LEU H 338 -1.85 10.00 32.63
N THR H 339 -0.99 9.14 32.07
CA THR H 339 -1.29 7.74 31.85
C THR H 339 -0.09 6.92 32.28
N PRO H 340 -0.25 5.62 32.58
CA PRO H 340 0.89 4.71 32.62
C PRO H 340 1.61 4.75 31.27
N ASN H 341 2.87 4.32 31.27
CA ASN H 341 3.69 4.27 30.06
C ASN H 341 3.16 3.24 29.05
N GLN H 342 2.47 2.22 29.54
CA GLN H 342 1.71 1.29 28.72
C GLN H 342 0.24 1.67 28.75
N LEU H 343 -0.33 1.96 27.57
CA LEU H 343 -1.75 2.18 27.41
C LEU H 343 -2.49 0.85 27.31
N THR H 344 -3.79 0.92 27.59
CA THR H 344 -4.72 -0.11 27.16
C THR H 344 -5.75 0.44 26.16
N SER H 345 -5.97 1.76 26.11
CA SER H 345 -6.70 2.38 25.01
C SER H 345 -5.84 3.47 24.36
N PRO H 346 -5.63 3.47 23.03
CA PRO H 346 -5.02 4.60 22.35
C PRO H 346 -6.02 5.67 21.94
N TRP H 347 -7.28 5.58 22.39
CA TRP H 347 -8.38 6.43 21.92
C TRP H 347 -9.04 7.27 23.01
N HIS H 348 -8.98 6.85 24.28
CA HIS H 348 -9.78 7.48 25.33
C HIS H 348 -8.98 8.42 26.26
N ASN H 349 -7.70 8.65 25.98
CA ASN H 349 -6.85 9.40 26.89
C ASN H 349 -6.91 10.90 26.65
N LEU H 350 -6.73 11.67 27.72
CA LEU H 350 -6.82 13.12 27.69
C LEU H 350 -5.43 13.78 27.72
N ARG H 351 -5.44 15.10 27.54
CA ARG H 351 -4.26 15.96 27.62
C ARG H 351 -4.61 17.09 28.58
N CYS H 352 -3.62 17.62 29.31
CA CYS H 352 -3.89 18.71 30.23
C CYS H 352 -3.54 20.07 29.59
N SER H 353 -4.52 20.98 29.60
CA SER H 353 -4.36 22.34 29.10
C SER H 353 -3.50 23.19 30.05
N PHE H 354 -2.59 24.00 29.49
CA PHE H 354 -2.05 25.14 30.23
C PHE H 354 -2.43 26.50 29.64
N ASP H 355 -3.55 26.56 28.90
CA ASP H 355 -4.14 27.78 28.39
C ASP H 355 -4.61 28.71 29.52
N SER H 356 -5.01 28.12 30.67
CA SER H 356 -5.61 28.84 31.78
C SER H 356 -4.75 28.75 33.05
N GLY H 357 -3.43 28.78 32.87
CA GLY H 357 -2.46 28.71 33.95
C GLY H 357 -1.64 27.43 33.88
N THR H 358 -0.35 27.51 34.23
CA THR H 358 0.58 26.41 33.98
C THR H 358 0.60 25.38 35.13
N ALA H 359 -0.03 25.69 36.27
CA ALA H 359 0.11 24.95 37.52
C ALA H 359 -0.22 23.45 37.39
N GLU H 360 -1.34 23.11 36.74
CA GLU H 360 -1.78 21.72 36.60
C GLU H 360 -0.84 20.93 35.69
N ALA H 361 -0.38 21.56 34.60
CA ALA H 361 0.53 20.95 33.65
C ALA H 361 1.91 20.75 34.27
N GLU H 362 2.41 21.74 35.02
CA GLU H 362 3.68 21.61 35.72
C GLU H 362 3.60 20.53 36.80
N GLN H 363 2.48 20.49 37.55
CA GLN H 363 2.19 19.43 38.50
C GLN H 363 2.24 18.06 37.83
N ALA H 364 1.62 17.93 36.65
CA ALA H 364 1.61 16.69 35.89
C ALA H 364 3.02 16.24 35.48
N VAL H 365 3.87 17.17 35.05
CA VAL H 365 5.23 16.88 34.65
C VAL H 365 6.05 16.37 35.85
N ASN H 366 5.93 17.04 37.00
CA ASN H 366 6.57 16.61 38.23
C ASN H 366 6.06 15.23 38.68
N ASP H 367 4.76 14.98 38.54
CA ASP H 367 4.15 13.70 38.90
C ASP H 367 4.54 12.58 37.94
N ALA H 368 4.66 12.86 36.63
CA ALA H 368 5.16 11.92 35.65
C ALA H 368 6.58 11.45 36.00
N ALA H 369 7.44 12.39 36.43
CA ALA H 369 8.80 12.10 36.87
C ALA H 369 8.78 11.21 38.12
N THR H 370 7.97 11.59 39.10
CA THR H 370 7.97 10.98 40.43
C THR H 370 7.35 9.57 40.37
N TYR H 371 6.22 9.42 39.68
CA TYR H 371 5.40 8.21 39.71
C TYR H 371 5.50 7.38 38.42
N ASN H 372 6.47 7.68 37.57
CA ASN H 372 6.82 6.90 36.38
C ASN H 372 5.64 6.75 35.43
N GLN H 373 5.14 7.89 34.95
CA GLN H 373 3.98 7.97 34.08
C GLN H 373 4.30 8.86 32.88
N THR H 374 3.41 8.85 31.90
CA THR H 374 3.52 9.71 30.74
C THR H 374 2.51 10.84 30.90
N ALA H 375 2.98 12.09 30.85
CA ALA H 375 2.12 13.27 30.87
C ALA H 375 2.00 13.83 29.46
N HIS H 376 0.77 13.98 28.97
CA HIS H 376 0.51 14.70 27.74
C HIS H 376 -0.10 16.06 28.11
N ILE H 377 0.62 17.13 27.78
CA ILE H 377 0.21 18.49 28.06
C ILE H 377 0.03 19.25 26.74
N TYR H 378 -0.87 20.23 26.74
CA TYR H 378 -1.20 20.92 25.52
C TYR H 378 -1.57 22.38 25.78
N PHE H 379 -1.55 23.15 24.69
CA PHE H 379 -2.01 24.53 24.72
C PHE H 379 -2.37 25.01 23.33
N HIS H 380 -3.06 26.15 23.27
CA HIS H 380 -3.10 26.97 22.08
C HIS H 380 -2.17 28.15 22.36
N SER H 381 -1.28 28.42 21.41
CA SER H 381 -0.22 29.40 21.62
C SER H 381 -0.73 30.85 21.69
N ASP H 382 -1.98 31.12 21.27
CA ASP H 382 -2.61 32.42 21.48
C ASP H 382 -3.04 32.66 22.93
N ASN H 383 -3.29 31.59 23.69
CA ASN H 383 -3.71 31.67 25.09
C ASN H 383 -2.54 31.78 26.07
N VAL H 384 -1.32 31.42 25.63
CA VAL H 384 -0.17 31.25 26.52
C VAL H 384 0.89 32.32 26.21
N THR H 385 1.37 33.01 27.23
CA THR H 385 2.45 33.99 27.10
C THR H 385 3.82 33.28 27.04
N GLN H 386 4.84 33.97 26.51
CA GLN H 386 6.15 33.36 26.35
C GLN H 386 6.75 32.92 27.69
N SER H 387 6.60 33.73 28.74
CA SER H 387 7.08 33.40 30.07
C SER H 387 6.38 32.17 30.68
N GLU H 388 5.12 31.91 30.32
CA GLU H 388 4.41 30.68 30.70
C GLU H 388 4.98 29.46 29.96
N MET H 389 5.22 29.57 28.65
CA MET H 389 5.85 28.49 27.88
C MET H 389 7.22 28.17 28.47
N GLU H 390 7.99 29.21 28.82
CA GLU H 390 9.31 29.07 29.42
C GLU H 390 9.24 28.38 30.78
N SER H 391 8.25 28.73 31.62
CA SER H 391 8.00 28.07 32.90
C SER H 391 7.78 26.57 32.73
N VAL H 392 6.91 26.18 31.79
CA VAL H 392 6.62 24.80 31.47
C VAL H 392 7.85 24.08 30.91
N ALA H 393 8.54 24.69 29.95
CA ALA H 393 9.72 24.12 29.31
C ALA H 393 10.87 23.90 30.32
N GLN H 394 11.10 24.87 31.21
CA GLN H 394 12.06 24.73 32.30
C GLN H 394 11.67 23.63 33.30
N THR H 395 10.36 23.51 33.58
CA THR H 395 9.83 22.43 34.41
C THR H 395 10.12 21.06 33.80
N ILE H 396 9.92 20.90 32.49
CA ILE H 396 10.21 19.67 31.76
C ILE H 396 11.71 19.37 31.73
N ASN H 397 12.55 20.39 31.56
CA ASN H 397 13.99 20.22 31.55
C ASN H 397 14.54 19.77 32.90
N SER H 398 14.03 20.36 34.00
CA SER H 398 14.52 20.10 35.34
C SER H 398 13.97 18.80 35.95
N ALA H 399 12.81 18.33 35.49
CA ALA H 399 12.22 17.06 35.93
C ALA H 399 12.92 15.83 35.34
N ASP H 400 12.84 14.69 36.05
CA ASP H 400 13.35 13.42 35.56
C ASP H 400 12.37 12.76 34.57
N VAL H 401 12.16 13.43 33.43
CA VAL H 401 11.32 12.92 32.36
C VAL H 401 12.11 12.89 31.06
N THR H 402 11.75 11.95 30.17
CA THR H 402 12.16 12.02 28.78
C THR H 402 11.05 12.72 28.01
N PRO H 403 11.31 13.88 27.37
CA PRO H 403 10.32 14.44 26.44
C PRO H 403 10.34 13.64 25.13
N ILE H 404 9.16 13.23 24.65
CA ILE H 404 9.02 12.29 23.53
C ILE H 404 8.00 12.79 22.50
N THR H 405 8.06 12.20 21.31
CA THR H 405 7.03 12.39 20.29
C THR H 405 5.87 11.42 20.52
N LEU H 406 4.71 11.72 19.92
CA LEU H 406 3.59 10.78 19.87
C LEU H 406 3.95 9.51 19.12
N MET H 407 4.79 9.64 18.08
CA MET H 407 5.25 8.50 17.30
C MET H 407 6.02 7.53 18.20
N ASP H 408 6.97 8.04 19.00
CA ASP H 408 7.73 7.26 19.96
C ASP H 408 6.77 6.58 20.94
N PHE H 409 5.84 7.35 21.50
CA PHE H 409 4.90 6.81 22.48
C PHE H 409 4.05 5.66 21.93
N TYR H 410 3.55 5.77 20.70
CA TYR H 410 2.77 4.70 20.10
C TYR H 410 3.64 3.49 19.73
N ASN H 411 4.87 3.71 19.26
CA ASN H 411 5.80 2.63 18.96
C ASN H 411 6.27 1.85 20.20
N GLN H 412 6.14 2.44 21.40
CA GLN H 412 6.42 1.76 22.66
C GLN H 412 5.33 0.76 23.07
N GLN H 413 4.09 0.89 22.56
CA GLN H 413 2.94 0.09 22.98
C GLN H 413 2.98 -1.33 22.37
N THR I 2 -19.80 -5.72 -14.53
CA THR I 2 -19.07 -4.46 -14.86
C THR I 2 -19.64 -3.30 -14.04
N GLY I 3 -20.98 -3.20 -13.99
CA GLY I 3 -21.68 -2.01 -13.53
C GLY I 3 -21.75 -0.92 -14.62
N LEU I 4 -22.40 0.19 -14.27
CA LEU I 4 -22.42 1.37 -15.14
C LEU I 4 -21.25 2.29 -14.82
N ASN I 5 -20.98 3.24 -15.71
CA ASN I 5 -19.82 4.11 -15.60
C ASN I 5 -19.87 4.91 -14.29
N PRO I 6 -18.72 5.15 -13.63
CA PRO I 6 -18.69 5.99 -12.43
C PRO I 6 -19.24 7.39 -12.66
N ASP I 7 -19.67 8.00 -11.56
CA ASP I 7 -20.04 9.40 -11.50
C ASP I 7 -18.90 10.28 -12.03
N GLY I 8 -19.20 11.17 -12.98
CA GLY I 8 -18.33 12.30 -13.24
C GLY I 8 -18.25 12.68 -14.72
N LEU I 9 -17.70 13.87 -14.94
CA LEU I 9 -17.35 14.28 -16.29
C LEU I 9 -15.89 13.93 -16.58
N GLY I 10 -15.46 14.24 -17.82
CA GLY I 10 -14.26 13.65 -18.39
C GLY I 10 -14.50 12.19 -18.75
N ARG I 11 -13.46 11.54 -19.27
CA ARG I 11 -13.51 10.14 -19.65
C ARG I 11 -13.71 9.28 -18.41
N THR I 12 -14.89 8.65 -18.28
CA THR I 12 -15.19 7.73 -17.19
C THR I 12 -15.41 6.34 -17.79
N ALA I 13 -15.01 5.31 -17.03
CA ALA I 13 -15.10 3.95 -17.55
C ALA I 13 -15.28 2.93 -16.42
N ALA I 14 -16.27 2.04 -16.58
CA ALA I 14 -16.38 0.84 -15.78
C ALA I 14 -15.76 -0.33 -16.53
N PHE I 15 -14.80 -0.99 -15.89
CA PHE I 15 -14.09 -2.12 -16.46
C PHE I 15 -14.33 -3.37 -15.63
N SER I 16 -14.14 -4.52 -16.28
CA SER I 16 -13.88 -5.74 -15.55
C SER I 16 -12.39 -5.77 -15.20
N ASN I 17 -11.57 -6.24 -16.15
CA ASN I 17 -10.16 -6.45 -15.90
C ASN I 17 -9.34 -5.49 -16.77
N THR I 18 -8.44 -4.73 -16.13
CA THR I 18 -7.51 -3.88 -16.86
C THR I 18 -6.07 -4.31 -16.58
N SER I 19 -5.25 -4.12 -17.60
CA SER I 19 -3.81 -4.27 -17.48
C SER I 19 -3.19 -2.96 -17.93
N ALA I 20 -2.13 -2.53 -17.23
CA ALA I 20 -1.42 -1.32 -17.58
C ALA I 20 0.06 -1.51 -17.28
N GLU I 21 0.90 -0.75 -17.99
CA GLU I 21 2.31 -0.65 -17.60
C GLU I 21 2.41 0.34 -16.45
N SER I 22 1.87 1.56 -16.64
CA SER I 22 1.94 2.60 -15.62
C SER I 22 0.55 3.19 -15.35
N VAL I 23 0.18 3.26 -14.06
CA VAL I 23 -1.06 3.89 -13.62
C VAL I 23 -0.73 5.10 -12.76
N SER I 24 -1.27 6.26 -13.11
CA SER I 24 -1.29 7.42 -12.24
C SER I 24 -2.71 7.65 -11.74
N ALA I 25 -2.86 7.78 -10.42
CA ALA I 25 -4.14 8.13 -9.83
C ALA I 25 -3.94 9.22 -8.78
N VAL I 26 -4.89 10.13 -8.68
CA VAL I 26 -4.93 11.01 -7.52
C VAL I 26 -5.35 10.20 -6.30
N ASP I 27 -6.51 9.54 -6.39
CA ASP I 27 -6.92 8.60 -5.35
C ASP I 27 -7.25 7.22 -5.91
N ALA I 28 -6.85 6.19 -5.17
CA ALA I 28 -7.18 4.82 -5.54
C ALA I 28 -7.82 4.11 -4.35
N THR I 29 -9.07 3.66 -4.53
CA THR I 29 -9.77 2.83 -3.56
C THR I 29 -9.66 1.38 -4.03
N ILE I 30 -8.94 0.58 -3.25
CA ILE I 30 -8.67 -0.80 -3.62
C ILE I 30 -9.19 -1.69 -2.49
N ASP I 31 -10.12 -2.60 -2.81
CA ASP I 31 -10.74 -3.48 -1.82
C ASP I 31 -9.79 -4.58 -1.35
N ARG I 32 -8.89 -5.03 -2.23
CA ARG I 32 -7.88 -6.03 -1.89
C ARG I 32 -6.61 -5.80 -2.69
N LEU I 33 -5.53 -5.47 -1.96
CA LEU I 33 -4.30 -5.00 -2.55
C LEU I 33 -3.25 -6.11 -2.61
N TYR I 34 -2.72 -6.33 -3.82
CA TYR I 34 -1.62 -7.24 -4.08
C TYR I 34 -0.43 -6.40 -4.53
N ALA I 35 0.26 -5.79 -3.56
CA ALA I 35 1.32 -4.84 -3.84
C ALA I 35 2.41 -4.91 -2.78
N GLN I 36 3.00 -6.10 -2.60
CA GLN I 36 4.03 -6.30 -1.59
C GLN I 36 5.29 -5.48 -1.88
N ASP I 37 5.57 -5.24 -3.17
CA ASP I 37 6.76 -4.56 -3.63
C ASP I 37 6.56 -3.04 -3.68
N ARG I 38 6.89 -2.38 -2.57
CA ARG I 38 6.82 -0.94 -2.48
C ARG I 38 8.13 -0.33 -2.96
N ILE I 39 8.02 0.76 -3.73
CA ILE I 39 9.19 1.57 -4.03
C ILE I 39 9.22 2.72 -3.03
N GLU I 40 8.10 3.44 -2.99
CA GLU I 40 7.97 4.65 -2.20
C GLU I 40 7.39 4.24 -0.86
N ILE I 41 8.16 4.43 0.21
CA ILE I 41 7.78 3.97 1.54
C ILE I 41 7.04 5.08 2.29
N PRO I 42 6.00 4.75 3.07
CA PRO I 42 5.24 5.78 3.79
C PRO I 42 6.06 6.49 4.88
N THR I 43 7.03 5.79 5.50
CA THR I 43 7.80 6.29 6.66
C THR I 43 8.86 7.33 6.28
N ASP I 44 8.80 8.53 6.90
CA ASP I 44 9.90 9.48 6.83
C ASP I 44 10.75 9.42 8.10
N SER I 45 11.91 8.76 8.01
CA SER I 45 12.74 8.51 9.19
C SER I 45 13.64 9.70 9.57
N ARG I 46 13.73 10.74 8.72
CA ARG I 46 14.74 11.80 8.82
C ARG I 46 14.79 12.47 10.19
N GLN I 47 13.62 12.72 10.80
CA GLN I 47 13.53 13.48 12.04
C GLN I 47 12.87 12.69 13.18
N LEU I 48 12.61 11.39 12.99
CA LEU I 48 11.99 10.54 14.00
C LEU I 48 12.86 10.44 15.25
N PHE I 49 14.16 10.23 15.05
CA PHE I 49 15.07 9.86 16.13
C PHE I 49 15.81 11.06 16.70
N SER I 50 15.65 12.25 16.10
CA SER I 50 16.39 13.47 16.42
C SER I 50 16.19 13.93 17.86
N THR I 51 15.03 13.63 18.45
CA THR I 51 14.68 14.08 19.79
C THR I 51 14.72 12.96 20.82
N ARG I 52 15.36 11.81 20.50
CA ARG I 52 15.50 10.74 21.48
C ARG I 52 16.53 11.09 22.54
N GLY I 53 16.36 10.48 23.71
CA GLY I 53 17.16 10.82 24.88
C GLY I 53 16.85 12.23 25.38
N THR I 54 17.80 12.79 26.16
CA THR I 54 17.62 14.09 26.79
C THR I 54 18.75 15.01 26.34
N VAL I 55 18.46 16.31 26.24
CA VAL I 55 19.50 17.29 25.95
C VAL I 55 20.38 17.46 27.19
N LEU I 56 21.67 17.20 27.00
CA LEU I 56 22.67 17.51 28.00
C LEU I 56 23.10 18.97 27.79
N ARG I 57 23.87 19.24 26.73
CA ARG I 57 24.39 20.57 26.46
C ARG I 57 23.57 21.26 25.38
N ASN I 58 23.21 22.48 25.70
CA ASN I 58 22.10 23.20 25.11
C ASN I 58 22.58 24.33 24.19
N PHE I 59 23.73 24.92 24.55
CA PHE I 59 24.37 26.07 23.91
C PHE I 59 23.53 27.35 23.91
N GLU I 60 22.44 27.41 24.68
CA GLU I 60 21.62 28.60 24.82
C GLU I 60 22.26 29.65 25.74
N ASP I 61 23.31 29.26 26.47
CA ASP I 61 24.13 30.16 27.27
C ASP I 61 25.58 29.67 27.21
N LEU I 62 26.45 30.43 26.51
CA LEU I 62 27.82 29.99 26.31
C LEU I 62 28.75 30.36 27.49
N SER I 63 28.20 30.90 28.60
CA SER I 63 28.97 31.30 29.78
C SER I 63 29.63 30.09 30.47
N GLY I 64 28.94 28.93 30.44
CA GLY I 64 29.42 27.71 31.06
C GLY I 64 30.59 27.05 30.33
N TRP I 65 30.87 27.51 29.11
CA TRP I 65 31.91 26.99 28.24
C TRP I 65 33.16 27.87 28.24
N THR I 66 34.34 27.24 28.38
CA THR I 66 35.64 27.90 28.26
C THR I 66 36.28 27.46 26.95
N ALA I 67 36.70 28.41 26.11
CA ALA I 67 37.51 28.09 24.94
C ALA I 67 38.97 27.92 25.36
N ASN I 68 39.42 26.67 25.42
CA ASN I 68 40.77 26.31 25.82
C ASN I 68 41.76 26.63 24.69
N ILE I 69 41.41 26.19 23.46
CA ILE I 69 42.07 26.61 22.23
C ILE I 69 41.01 26.83 21.15
N GLY I 70 41.33 27.65 20.15
CA GLY I 70 40.32 28.16 19.24
C GLY I 70 39.38 29.16 19.94
N SER I 71 38.20 29.36 19.35
CA SER I 71 37.26 30.38 19.78
C SER I 71 35.81 29.91 19.63
N LEU I 72 34.96 30.48 20.49
CA LEU I 72 33.58 30.08 20.62
C LEU I 72 32.70 31.33 20.59
N SER I 73 31.65 31.32 19.76
CA SER I 73 30.71 32.43 19.69
C SER I 73 29.29 31.93 19.46
N ALA I 74 28.32 32.76 19.85
CA ALA I 74 26.91 32.43 19.65
C ALA I 74 26.54 32.59 18.18
N GLU I 75 25.84 31.60 17.65
CA GLU I 75 25.17 31.71 16.37
C GLU I 75 23.67 31.79 16.64
N THR I 76 23.06 32.94 16.32
CA THR I 76 21.65 33.22 16.58
C THR I 76 20.82 33.23 15.29
N SER I 77 21.46 33.25 14.12
CA SER I 77 20.82 33.26 12.81
C SER I 77 20.71 31.86 12.22
N ASP I 78 21.74 31.03 12.40
CA ASP I 78 21.81 29.69 11.86
C ASP I 78 21.70 28.66 12.98
N VAL I 79 20.48 28.44 13.45
CA VAL I 79 20.25 27.73 14.69
C VAL I 79 19.63 26.38 14.38
N TYR I 80 20.19 25.33 14.98
CA TYR I 80 19.56 24.02 14.93
C TYR I 80 18.32 24.01 15.84
N VAL I 81 18.54 24.26 17.13
CA VAL I 81 17.54 24.04 18.16
C VAL I 81 17.64 25.17 19.18
N GLY I 82 16.50 25.81 19.48
CA GLY I 82 16.43 26.84 20.51
C GLY I 82 16.64 28.24 19.95
N SER I 83 17.13 29.14 20.80
CA SER I 83 17.45 30.51 20.43
C SER I 83 18.81 30.62 19.75
N GLN I 84 19.74 29.69 20.05
CA GLN I 84 21.08 29.73 19.50
C GLN I 84 21.79 28.38 19.45
N SER I 85 22.86 28.39 18.66
CA SER I 85 23.82 27.32 18.49
C SER I 85 25.23 27.92 18.68
N ALA I 86 26.27 27.09 18.67
CA ALA I 86 27.63 27.53 18.94
C ALA I 86 28.46 27.46 17.66
N ARG I 87 29.15 28.55 17.32
CA ARG I 87 30.18 28.55 16.29
C ARG I 87 31.54 28.27 16.91
N LEU I 88 32.17 27.19 16.44
CA LEU I 88 33.53 26.82 16.81
C LEU I 88 34.46 27.26 15.69
N THR I 89 35.40 28.15 16.02
CA THR I 89 36.25 28.77 15.01
C THR I 89 37.71 28.67 15.46
N ALA I 90 38.60 28.32 14.53
CA ALA I 90 40.02 28.30 14.80
C ALA I 90 40.82 28.67 13.54
N SER I 91 41.98 29.32 13.76
CA SER I 91 42.99 29.54 12.74
C SER I 91 44.28 28.84 13.16
N SER I 92 44.82 27.98 12.29
CA SER I 92 46.06 27.24 12.49
C SER I 92 46.15 26.57 13.86
N SER I 93 45.03 26.00 14.32
CA SER I 93 44.91 25.40 15.65
C SER I 93 43.69 24.48 15.69
N ALA I 94 43.61 23.63 16.73
CA ALA I 94 42.37 22.93 17.03
C ALA I 94 41.43 23.85 17.82
N VAL I 95 40.14 23.50 17.84
CA VAL I 95 39.24 24.10 18.81
C VAL I 95 38.96 23.08 19.92
N ASP I 96 38.97 23.55 21.17
CA ASP I 96 38.70 22.76 22.36
C ASP I 96 37.91 23.67 23.29
N ILE I 97 36.64 23.31 23.52
CA ILE I 97 35.75 24.06 24.39
C ILE I 97 35.36 23.14 25.55
N ARG I 98 35.29 23.68 26.77
CA ARG I 98 35.12 22.86 27.98
C ARG I 98 33.97 23.37 28.84
N TYR I 99 33.12 22.45 29.26
CA TYR I 99 32.04 22.71 30.18
C TYR I 99 32.29 21.96 31.49
N SER I 100 32.45 22.68 32.60
CA SER I 100 32.58 22.04 33.90
C SER I 100 31.20 21.85 34.53
N PHE I 101 30.92 20.63 34.96
CA PHE I 101 29.66 20.33 35.62
C PHE I 101 29.70 20.84 37.05
N GLY I 102 28.56 21.37 37.53
CA GLY I 102 28.41 21.83 38.90
C GLY I 102 28.59 20.72 39.94
N THR I 103 28.34 19.48 39.53
CA THR I 103 28.45 18.28 40.35
C THR I 103 28.90 17.11 39.48
N ALA I 104 29.52 16.09 40.09
CA ALA I 104 30.00 14.91 39.37
C ALA I 104 28.85 14.20 38.64
N GLN I 105 29.06 13.96 37.34
CA GLN I 105 28.09 13.25 36.51
C GLN I 105 28.45 11.76 36.40
N ASP I 106 27.41 10.93 36.37
CA ASP I 106 27.55 9.51 36.07
C ASP I 106 27.02 9.27 34.66
N PHE I 107 27.93 8.87 33.77
CA PHE I 107 27.59 8.57 32.38
C PHE I 107 27.75 7.08 32.06
N THR I 108 27.64 6.19 33.06
CA THR I 108 27.59 4.75 32.81
C THR I 108 26.49 4.42 31.81
N GLY I 109 26.86 3.73 30.72
CA GLY I 109 25.92 3.29 29.71
C GLY I 109 25.19 4.42 28.98
N LYS I 110 25.76 5.64 28.97
CA LYS I 110 25.19 6.75 28.22
C LYS I 110 25.94 6.93 26.90
N GLY I 111 25.18 7.07 25.81
CA GLY I 111 25.73 7.35 24.50
C GLY I 111 25.52 8.81 24.11
N PHE I 112 26.47 9.37 23.35
CA PHE I 112 26.53 10.79 23.08
C PHE I 112 26.23 11.10 21.61
N SER I 113 25.52 12.19 21.40
CA SER I 113 25.11 12.61 20.07
C SER I 113 25.15 14.14 20.02
N MET I 114 25.43 14.73 18.85
CA MET I 114 25.47 16.18 18.75
C MET I 114 25.00 16.63 17.36
N ALA I 115 24.39 17.81 17.29
CA ALA I 115 24.04 18.43 16.02
C ALA I 115 25.26 19.19 15.48
N LEU I 116 25.46 19.08 14.17
CA LEU I 116 26.68 19.57 13.54
C LEU I 116 26.36 20.20 12.18
N LYS I 117 27.01 21.32 11.84
CA LYS I 117 27.11 21.80 10.47
C LYS I 117 28.54 22.27 10.18
N ARG I 118 29.13 21.80 9.07
CA ARG I 118 30.44 22.24 8.60
C ARG I 118 30.25 23.47 7.72
N ILE I 119 30.81 24.61 8.12
CA ILE I 119 30.83 25.78 7.26
C ILE I 119 32.11 25.72 6.42
N ASP I 120 33.25 25.64 7.11
CA ASP I 120 34.56 25.63 6.47
C ASP I 120 35.53 24.83 7.31
N VAL I 121 36.23 23.87 6.69
CA VAL I 121 37.43 23.30 7.27
C VAL I 121 38.45 23.27 6.13
N SER I 122 39.69 23.69 6.39
CA SER I 122 40.74 23.65 5.38
C SER I 122 42.14 23.52 5.99
N GLY I 123 43.08 23.04 5.17
CA GLY I 123 44.43 22.74 5.61
C GLY I 123 44.85 21.38 5.09
N SER I 124 45.32 20.51 5.99
CA SER I 124 45.67 19.12 5.68
C SER I 124 44.49 18.35 5.09
N SER I 125 43.27 18.72 5.50
CA SER I 125 42.03 18.12 5.05
C SER I 125 40.90 19.14 5.08
N ASP I 126 39.86 18.90 4.28
CA ASP I 126 38.62 19.65 4.33
C ASP I 126 37.64 19.09 5.37
N SER I 127 38.13 18.21 6.25
CA SER I 127 37.33 17.49 7.22
C SER I 127 38.10 17.34 8.53
N THR I 128 37.38 17.07 9.63
CA THR I 128 38.00 16.83 10.91
C THR I 128 37.22 15.77 11.68
N PRO I 129 37.90 14.92 12.49
CA PRO I 129 37.24 14.31 13.64
C PRO I 129 36.77 15.42 14.58
N ILE I 130 35.51 15.29 15.00
CA ILE I 130 35.00 16.06 16.12
C ILE I 130 34.78 15.10 17.29
N LYS I 131 35.26 15.50 18.46
CA LYS I 131 35.40 14.64 19.62
C LYS I 131 34.58 15.24 20.76
N ILE I 132 33.74 14.41 21.39
CA ILE I 132 33.22 14.69 22.72
C ILE I 132 34.10 13.94 23.70
N ARG I 133 34.75 14.66 24.62
CA ARG I 133 35.52 14.02 25.67
C ARG I 133 34.81 14.23 27.00
N LEU I 134 34.79 13.16 27.80
CA LEU I 134 34.44 13.27 29.20
C LEU I 134 35.75 13.22 29.99
N VAL I 135 35.91 14.14 30.96
CA VAL I 135 37.09 14.15 31.81
C VAL I 135 36.69 14.00 33.28
N ASP I 136 37.34 13.07 33.97
CA ASP I 136 37.02 12.72 35.35
C ASP I 136 37.79 13.59 36.37
N GLY I 137 37.60 13.31 37.67
CA GLY I 137 38.29 14.00 38.74
C GLY I 137 39.83 13.94 38.69
N ASN I 138 40.38 12.89 38.06
CA ASN I 138 41.82 12.68 37.95
C ASN I 138 42.40 13.14 36.60
N THR I 139 41.60 13.86 35.80
CA THR I 139 41.95 14.34 34.46
C THR I 139 42.20 13.18 33.47
N ASN I 140 41.53 12.04 33.68
CA ASN I 140 41.48 10.99 32.66
C ASN I 140 40.41 11.35 31.64
N TYR I 141 40.68 11.10 30.36
CA TYR I 141 39.71 11.34 29.30
C TYR I 141 39.10 10.04 28.78
N ARG I 142 37.79 10.06 28.53
CA ARG I 142 37.16 9.14 27.60
C ARG I 142 36.72 9.95 26.39
N THR I 143 37.14 9.51 25.19
CA THR I 143 36.86 10.23 23.96
C THR I 143 35.86 9.44 23.12
N PHE I 144 34.81 10.13 22.69
CA PHE I 144 33.91 9.65 21.65
C PHE I 144 34.04 10.59 20.47
N SER I 145 33.93 10.07 19.24
CA SER I 145 34.14 10.91 18.08
C SER I 145 33.25 10.53 16.90
N ALA I 146 33.19 11.49 15.98
CA ALA I 146 32.39 11.47 14.76
C ALA I 146 33.09 12.37 13.74
N ARG I 147 32.61 12.41 12.51
CA ARG I 147 33.34 13.14 11.47
C ARG I 147 32.54 14.31 10.92
N CYS I 148 33.23 15.44 10.88
CA CYS I 148 32.76 16.64 10.25
C CYS I 148 33.33 16.73 8.83
N ARG I 149 32.55 16.27 7.83
CA ARG I 149 33.01 16.11 6.44
C ARG I 149 32.20 17.01 5.51
N PRO I 150 32.75 17.42 4.34
CA PRO I 150 31.92 18.00 3.28
C PRO I 150 30.85 17.02 2.80
N GLY I 151 29.76 17.56 2.23
CA GLY I 151 28.64 16.75 1.80
C GLY I 151 27.72 16.44 2.98
N GLY I 152 28.10 15.44 3.78
CA GLY I 152 27.30 15.03 4.93
C GLY I 152 27.19 16.12 6.01
N GLY I 153 28.16 17.04 6.07
CA GLY I 153 28.14 18.14 7.01
C GLY I 153 27.64 19.47 6.45
N ASP I 154 27.21 19.52 5.17
CA ASP I 154 26.84 20.76 4.50
C ASP I 154 25.59 21.42 5.10
N GLU I 155 24.76 20.63 5.78
CA GLU I 155 23.55 21.10 6.45
C GLU I 155 23.50 20.51 7.84
N TRP I 156 22.63 21.05 8.70
CA TRP I 156 22.52 20.56 10.07
C TRP I 156 22.11 19.09 10.09
N GLY I 157 22.92 18.27 10.78
CA GLY I 157 22.60 16.86 10.94
C GLY I 157 23.23 16.31 12.22
N ARG I 158 22.61 15.27 12.77
CA ARG I 158 23.10 14.71 14.03
C ARG I 158 24.12 13.61 13.79
N ARG I 159 25.20 13.63 14.58
CA ARG I 159 26.16 12.54 14.64
C ARG I 159 25.99 11.82 15.95
N ASP I 160 26.03 10.49 15.90
CA ASP I 160 25.99 9.63 17.08
C ASP I 160 27.40 9.09 17.30
N PHE I 161 28.01 9.47 18.42
CA PHE I 161 29.46 9.43 18.59
C PHE I 161 29.92 8.05 19.00
N GLY I 162 30.88 7.51 18.24
CA GLY I 162 31.45 6.22 18.57
C GLY I 162 32.56 6.37 19.61
N PHE I 163 32.70 5.37 20.48
CA PHE I 163 33.85 5.33 21.36
C PHE I 163 35.15 5.34 20.55
N GLU I 164 36.14 6.13 21.00
CA GLU I 164 37.45 6.19 20.35
C GLU I 164 38.56 5.69 21.28
N SER I 165 38.68 6.33 22.46
CA SER I 165 39.81 6.05 23.34
C SER I 165 39.44 6.35 24.79
N GLU I 166 40.22 5.75 25.69
CA GLU I 166 40.06 5.96 27.11
C GLU I 166 41.44 5.97 27.78
N ASP I 167 41.64 6.91 28.69
CA ASP I 167 42.78 6.89 29.60
C ASP I 167 42.57 5.84 30.68
N THR I 168 43.64 5.11 31.03
CA THR I 168 43.54 4.03 32.01
C THR I 168 43.06 4.58 33.35
N GLY I 169 42.04 3.93 33.93
CA GLY I 169 41.51 4.30 35.23
C GLY I 169 40.48 5.44 35.18
N PHE I 170 40.00 5.80 33.99
CA PHE I 170 38.90 6.73 33.82
C PHE I 170 37.65 6.28 34.60
N ASP I 171 37.11 7.17 35.43
CA ASP I 171 35.89 6.89 36.19
C ASP I 171 34.68 7.58 35.58
N VAL I 172 33.88 6.81 34.85
CA VAL I 172 32.67 7.30 34.20
C VAL I 172 31.57 7.69 35.21
N THR I 173 31.73 7.32 36.48
CA THR I 173 30.79 7.73 37.54
C THR I 173 31.14 9.10 38.13
N ASN I 174 32.32 9.63 37.78
CA ASN I 174 32.89 10.84 38.38
C ASN I 174 33.33 11.83 37.30
N VAL I 175 32.46 12.09 36.32
CA VAL I 175 32.80 13.03 35.25
C VAL I 175 32.59 14.47 35.74
N GLN I 176 33.67 15.27 35.64
CA GLN I 176 33.74 16.63 36.16
C GLN I 176 33.62 17.67 35.06
N THR I 177 34.05 17.34 33.84
CA THR I 177 34.07 18.28 32.72
C THR I 177 33.78 17.51 31.44
N MET I 178 33.16 18.18 30.47
CA MET I 178 33.11 17.64 29.13
C MET I 178 33.71 18.63 28.14
N THR I 179 34.30 18.09 27.09
CA THR I 179 35.04 18.86 26.11
C THR I 179 34.47 18.56 24.72
N VAL I 180 34.30 19.59 23.89
CA VAL I 180 34.14 19.38 22.46
C VAL I 180 35.42 19.84 21.78
N THR I 181 36.04 18.97 20.98
CA THR I 181 37.32 19.31 20.39
C THR I 181 37.49 18.73 18.99
N THR I 182 38.37 19.33 18.18
CA THR I 182 38.68 18.91 16.83
C THR I 182 40.18 18.61 16.70
N ASN I 183 40.60 18.09 15.55
CA ASN I 183 42.01 18.11 15.17
C ASN I 183 42.42 19.53 14.77
N SER I 184 43.73 19.79 14.72
CA SER I 184 44.28 21.07 14.27
C SER I 184 44.10 21.24 12.76
N ARG I 185 43.62 22.40 12.30
CA ARG I 185 43.52 22.74 10.88
C ARG I 185 43.82 24.23 10.69
N SER I 186 44.18 24.61 9.45
CA SER I 186 44.49 25.99 9.11
C SER I 186 43.26 26.88 9.27
N SER I 187 42.07 26.38 8.91
CA SER I 187 40.80 27.05 9.15
C SER I 187 39.79 26.02 9.67
N ILE I 188 39.05 26.40 10.72
CA ILE I 188 37.88 25.68 11.20
C ILE I 188 36.77 26.69 11.40
N ASP I 189 35.58 26.34 10.89
CA ASP I 189 34.32 27.01 11.15
C ASP I 189 33.23 25.95 11.11
N ILE I 190 32.81 25.50 12.29
CA ILE I 190 31.79 24.47 12.41
C ILE I 190 30.78 24.91 13.47
N LEU I 191 29.49 24.65 13.18
CA LEU I 191 28.41 24.96 14.11
C LEU I 191 28.02 23.69 14.84
N VAL I 192 27.79 23.83 16.16
CA VAL I 192 27.29 22.75 17.00
C VAL I 192 26.08 23.22 17.81
N ASP I 193 25.19 22.28 18.14
CA ASP I 193 24.06 22.51 19.02
C ASP I 193 23.72 21.17 19.67
N ASP I 194 22.91 21.21 20.72
CA ASP I 194 22.10 20.06 21.11
C ASP I 194 22.89 18.75 21.33
N ILE I 195 23.80 18.72 22.31
CA ILE I 195 24.38 17.45 22.73
C ILE I 195 23.32 16.65 23.48
N ARG I 196 23.11 15.41 23.04
CA ARG I 196 22.09 14.53 23.63
C ARG I 196 22.73 13.28 24.23
N VAL I 197 22.11 12.85 25.33
CA VAL I 197 22.43 11.63 26.04
C VAL I 197 21.31 10.63 25.79
N VAL I 198 21.68 9.42 25.37
CA VAL I 198 20.76 8.29 25.16
C VAL I 198 21.20 7.11 26.02
N ASP I 199 20.24 6.26 26.43
CA ASP I 199 20.55 5.01 27.10
C ASP I 199 21.13 4.00 26.10
N SER I 200 22.35 3.53 26.39
CA SER I 200 23.05 2.52 25.61
C SER I 200 23.62 1.46 26.55
N SER I 201 22.85 1.08 27.58
CA SER I 201 23.25 0.12 28.60
C SER I 201 23.11 -1.34 28.16
N GLY I 202 22.44 -1.58 27.02
CA GLY I 202 22.25 -2.92 26.48
C GLY I 202 23.57 -3.59 26.09
N THR I 203 23.49 -4.85 25.64
CA THR I 203 24.66 -5.55 25.13
C THR I 203 25.26 -4.83 23.91
N GLY I 204 26.57 -5.01 23.67
CA GLY I 204 27.20 -4.51 22.45
C GLY I 204 26.67 -5.26 21.22
N GLN I 205 26.70 -4.61 20.05
CA GLN I 205 26.17 -5.22 18.84
C GLN I 205 27.13 -5.04 17.66
N VAL I 206 27.09 -5.98 16.70
CA VAL I 206 27.87 -5.86 15.47
C VAL I 206 26.98 -6.05 14.25
N ILE I 207 27.15 -5.17 13.25
CA ILE I 207 26.55 -5.28 11.93
C ILE I 207 27.69 -5.46 10.94
N VAL I 208 27.61 -6.48 10.06
CA VAL I 208 28.59 -6.67 9.00
C VAL I 208 27.90 -6.45 7.65
N THR I 209 28.46 -5.56 6.82
CA THR I 209 28.01 -5.41 5.44
C THR I 209 29.15 -5.66 4.45
N ILE I 210 28.78 -6.24 3.30
CA ILE I 210 29.71 -6.44 2.20
C ILE I 210 29.17 -5.68 0.99
N ASP I 211 30.02 -4.86 0.37
CA ASP I 211 29.59 -4.00 -0.72
C ASP I 211 29.91 -4.60 -2.09
N ASP I 212 29.07 -4.24 -3.08
CA ASP I 212 29.43 -4.27 -4.50
C ASP I 212 29.49 -5.67 -5.12
N VAL I 213 28.91 -6.68 -4.47
CA VAL I 213 28.54 -8.01 -5.00
C VAL I 213 29.64 -8.75 -5.75
N HIS I 214 30.85 -8.69 -5.20
CA HIS I 214 31.99 -9.44 -5.73
C HIS I 214 31.85 -10.94 -5.46
N THR I 215 32.52 -11.76 -6.29
CA THR I 215 32.48 -13.23 -6.19
C THR I 215 32.90 -13.73 -4.80
N GLY I 216 33.83 -13.01 -4.14
CA GLY I 216 34.32 -13.36 -2.81
C GLY I 216 33.24 -13.35 -1.72
N ASP I 217 32.03 -12.86 -2.01
CA ASP I 217 30.92 -12.91 -1.07
C ASP I 217 30.51 -14.35 -0.74
N LYS I 218 30.79 -15.31 -1.63
CA LYS I 218 30.54 -16.73 -1.37
C LYS I 218 31.43 -17.26 -0.24
N THR I 219 32.74 -16.95 -0.28
CA THR I 219 33.64 -17.36 0.80
C THR I 219 33.32 -16.62 2.10
N ALA I 220 32.94 -15.34 2.00
CA ALA I 220 32.48 -14.56 3.14
C ALA I 220 31.27 -15.21 3.83
N ALA I 221 30.27 -15.63 3.05
CA ALA I 221 29.08 -16.29 3.59
C ALA I 221 29.45 -17.57 4.34
N GLU I 222 30.41 -18.36 3.84
CA GLU I 222 30.87 -19.52 4.59
C GLU I 222 31.56 -19.10 5.90
N VAL I 223 32.51 -18.16 5.85
CA VAL I 223 33.32 -17.75 7.00
C VAL I 223 32.46 -17.15 8.12
N PHE I 224 31.61 -16.17 7.79
CA PHE I 224 30.75 -15.56 8.80
C PHE I 224 29.61 -16.50 9.22
N GLY I 225 29.21 -17.39 8.31
CA GLY I 225 28.36 -18.53 8.61
C GLY I 225 28.94 -19.41 9.73
N ARG I 226 30.26 -19.63 9.78
CA ARG I 226 30.86 -20.47 10.82
C ARG I 226 30.60 -19.95 12.24
N TYR I 227 30.03 -18.76 12.43
CA TYR I 227 29.72 -18.22 13.76
C TYR I 227 28.33 -17.60 13.79
N GLY I 228 27.53 -17.86 12.75
CA GLY I 228 26.17 -17.36 12.58
C GLY I 228 26.06 -15.84 12.59
N ILE I 229 27.08 -15.15 12.06
CA ILE I 229 27.12 -13.69 12.00
C ILE I 229 26.35 -13.23 10.76
N PRO I 230 25.26 -12.44 10.89
CA PRO I 230 24.57 -11.89 9.74
C PRO I 230 25.39 -10.94 8.86
N ILE I 231 25.33 -11.19 7.55
CA ILE I 231 25.94 -10.38 6.50
C ILE I 231 24.84 -9.65 5.74
N GLY I 232 24.97 -8.33 5.62
CA GLY I 232 24.21 -7.57 4.65
C GLY I 232 25.00 -7.38 3.35
N LEU I 233 24.45 -7.83 2.23
CA LEU I 233 25.00 -7.52 0.92
C LEU I 233 24.40 -6.19 0.44
N ALA I 234 25.25 -5.15 0.38
CA ALA I 234 24.88 -3.90 -0.24
C ALA I 234 24.97 -4.11 -1.75
N ALA I 235 23.80 -4.39 -2.34
CA ALA I 235 23.72 -5.01 -3.66
C ALA I 235 23.42 -3.97 -4.74
N ASN I 236 24.20 -4.05 -5.83
CA ASN I 236 23.88 -3.35 -7.07
C ASN I 236 23.42 -4.40 -8.09
N ALA I 237 22.14 -4.37 -8.46
CA ALA I 237 21.60 -5.45 -9.28
C ALA I 237 22.16 -5.48 -10.71
N LYS I 238 22.68 -4.35 -11.23
CA LYS I 238 23.29 -4.34 -12.56
C LYS I 238 24.57 -5.15 -12.61
N PHE I 239 25.32 -5.17 -11.51
CA PHE I 239 26.62 -5.82 -11.42
C PHE I 239 26.51 -7.35 -11.54
N LEU I 240 25.36 -7.93 -11.20
CA LEU I 240 25.16 -9.36 -11.28
C LEU I 240 25.31 -9.85 -12.72
N ASP I 241 26.07 -10.94 -12.90
CA ASP I 241 26.39 -11.53 -14.20
C ASP I 241 27.26 -10.65 -15.13
N GLN I 242 27.83 -9.52 -14.67
CA GLN I 242 28.61 -8.67 -15.58
C GLN I 242 29.93 -9.33 -15.98
N SER I 243 30.58 -10.00 -15.02
CA SER I 243 31.93 -10.53 -15.16
C SER I 243 32.15 -11.61 -14.11
N SER I 244 33.23 -12.40 -14.26
CA SER I 244 33.58 -13.48 -13.34
C SER I 244 33.89 -12.98 -11.92
N SER I 245 34.27 -11.70 -11.80
CA SER I 245 34.57 -11.04 -10.54
C SER I 245 33.32 -10.66 -9.73
N LYS I 246 32.13 -10.79 -10.33
CA LYS I 246 30.84 -10.49 -9.72
C LYS I 246 30.00 -11.76 -9.56
N LEU I 247 29.12 -11.78 -8.57
CA LEU I 247 28.17 -12.88 -8.41
C LEU I 247 27.28 -13.03 -9.64
N THR I 248 26.93 -14.27 -9.98
CA THR I 248 25.83 -14.48 -10.91
C THR I 248 24.50 -14.21 -10.21
N THR I 249 23.43 -14.03 -10.99
CA THR I 249 22.10 -13.87 -10.43
C THR I 249 21.70 -15.08 -9.57
N GLN I 250 22.00 -16.29 -10.04
CA GLN I 250 21.69 -17.50 -9.30
C GLN I 250 22.51 -17.60 -8.01
N GLU I 251 23.81 -17.28 -8.07
CA GLU I 251 24.67 -17.26 -6.90
C GLU I 251 24.16 -16.28 -5.84
N PHE I 252 23.74 -15.08 -6.27
CA PHE I 252 23.19 -14.08 -5.39
C PHE I 252 21.91 -14.57 -4.71
N LYS I 253 20.97 -15.12 -5.48
CA LYS I 253 19.75 -15.72 -4.96
C LYS I 253 20.04 -16.87 -3.98
N ASP I 254 21.02 -17.71 -4.29
CA ASP I 254 21.50 -18.77 -3.40
C ASP I 254 22.07 -18.21 -2.10
N LEU I 255 22.87 -17.13 -2.16
CA LEU I 255 23.37 -16.47 -0.97
C LEU I 255 22.22 -15.94 -0.12
N LEU I 256 21.26 -15.23 -0.70
CA LEU I 256 20.12 -14.69 0.04
C LEU I 256 19.22 -15.77 0.64
N ALA I 257 19.22 -16.98 0.09
CA ALA I 257 18.51 -18.12 0.65
C ALA I 257 19.17 -18.64 1.95
N LYS I 258 20.41 -18.22 2.26
CA LYS I 258 21.07 -18.60 3.50
C LYS I 258 20.53 -17.77 4.66
N PRO I 259 20.32 -18.35 5.85
CA PRO I 259 19.60 -17.67 6.93
C PRO I 259 20.27 -16.42 7.50
N HIS I 260 21.57 -16.26 7.24
CA HIS I 260 22.36 -15.17 7.80
C HIS I 260 22.75 -14.12 6.74
N VAL I 261 22.42 -14.34 5.46
CA VAL I 261 22.74 -13.37 4.43
C VAL I 261 21.46 -12.65 4.00
N TYR I 262 21.51 -11.33 3.97
CA TYR I 262 20.38 -10.50 3.56
C TYR I 262 20.90 -9.44 2.61
N ALA I 263 20.02 -8.87 1.77
CA ALA I 263 20.43 -7.80 0.88
C ALA I 263 19.83 -6.46 1.33
N VAL I 264 20.59 -5.39 1.06
CA VAL I 264 20.15 -4.01 1.20
C VAL I 264 20.49 -3.29 -0.11
N ASN I 265 19.81 -2.19 -0.40
CA ASN I 265 19.99 -1.52 -1.66
C ASN I 265 21.30 -0.72 -1.67
N HIS I 266 21.99 -0.72 -2.82
CA HIS I 266 23.17 0.10 -3.04
C HIS I 266 23.07 0.83 -4.38
N GLY I 267 21.85 0.88 -4.96
CA GLY I 267 21.57 1.49 -6.26
C GLY I 267 21.84 0.51 -7.39
N TYR I 268 21.06 0.57 -8.47
CA TYR I 268 21.16 -0.41 -9.55
C TYR I 268 22.58 -0.52 -10.12
N ASN I 269 23.19 0.65 -10.39
CA ASN I 269 24.45 0.79 -11.09
C ASN I 269 25.44 1.65 -10.28
N HIS I 270 25.28 1.70 -8.94
CA HIS I 270 26.23 2.34 -8.03
C HIS I 270 26.44 3.82 -8.35
N TYR I 271 25.36 4.58 -8.55
CA TYR I 271 25.49 6.02 -8.78
C TYR I 271 25.65 6.75 -7.44
N ASP I 272 26.83 7.36 -7.24
CA ASP I 272 27.15 8.09 -6.03
C ASP I 272 26.84 9.59 -6.13
N TYR I 273 26.60 10.20 -4.96
CA TYR I 273 26.36 11.63 -4.84
C TYR I 273 27.56 12.46 -5.33
N GLY I 274 27.29 13.54 -6.07
CA GLY I 274 28.36 14.41 -6.56
C GLY I 274 28.89 13.99 -7.93
N SER I 275 28.86 12.68 -8.23
CA SER I 275 29.23 12.14 -9.54
C SER I 275 28.08 12.18 -10.54
N TYR I 276 26.83 12.16 -10.04
CA TYR I 276 25.61 12.14 -10.84
C TYR I 276 24.60 13.15 -10.25
N SER I 277 23.60 13.54 -11.04
CA SER I 277 22.53 14.40 -10.52
C SER I 277 21.66 13.64 -9.51
N ILE I 278 20.95 14.36 -8.65
CA ILE I 278 20.00 13.77 -7.71
C ILE I 278 18.93 12.95 -8.44
N ASP I 279 18.52 13.39 -9.64
CA ASP I 279 17.53 12.70 -10.45
C ASP I 279 18.03 11.35 -10.96
N GLU I 280 19.30 11.29 -11.40
CA GLU I 280 19.92 10.06 -11.85
C GLU I 280 20.11 9.09 -10.68
N ILE I 281 20.53 9.61 -9.52
CA ILE I 281 20.68 8.80 -8.32
C ILE I 281 19.31 8.28 -7.86
N GLU I 282 18.27 9.11 -7.93
CA GLU I 282 16.91 8.69 -7.61
C GLU I 282 16.46 7.53 -8.49
N ASP I 283 16.71 7.62 -9.80
CA ASP I 283 16.43 6.53 -10.73
C ASP I 283 17.23 5.27 -10.38
N ASP I 284 18.50 5.43 -10.01
CA ASP I 284 19.37 4.32 -9.61
C ASP I 284 18.85 3.61 -8.35
N VAL I 285 18.41 4.41 -7.38
CA VAL I 285 17.83 3.97 -6.13
C VAL I 285 16.53 3.20 -6.38
N ILE I 286 15.63 3.78 -7.18
CA ILE I 286 14.34 3.18 -7.54
C ILE I 286 14.55 1.87 -8.29
N ARG I 287 15.44 1.86 -9.28
CA ARG I 287 15.70 0.68 -10.06
C ARG I 287 16.38 -0.40 -9.23
N GLY I 288 17.34 -0.01 -8.38
CA GLY I 288 17.96 -0.93 -7.43
C GLY I 288 16.91 -1.63 -6.57
N LYS I 289 15.97 -0.84 -6.03
CA LYS I 289 14.89 -1.34 -5.19
C LYS I 289 14.03 -2.36 -5.96
N TYR I 290 13.50 -2.02 -7.14
CA TYR I 290 12.61 -2.93 -7.83
C TYR I 290 13.30 -4.18 -8.40
N GLU I 291 14.54 -4.05 -8.86
CA GLU I 291 15.32 -5.18 -9.34
C GLU I 291 15.64 -6.15 -8.21
N LEU I 292 16.00 -5.65 -7.02
CA LEU I 292 16.22 -6.49 -5.85
C LEU I 292 14.92 -7.13 -5.35
N GLN I 293 13.79 -6.43 -5.47
CA GLN I 293 12.49 -6.98 -5.15
C GLN I 293 12.09 -8.13 -6.08
N ASP I 294 12.43 -8.03 -7.37
CA ASP I 294 12.27 -9.14 -8.31
C ASP I 294 13.17 -10.33 -7.97
N LEU I 295 14.34 -10.08 -7.39
CA LEU I 295 15.23 -11.12 -6.87
C LEU I 295 14.79 -11.67 -5.51
N GLY I 296 13.66 -11.19 -4.96
CA GLY I 296 13.04 -11.73 -3.77
C GLY I 296 13.39 -10.99 -2.47
N VAL I 297 14.12 -9.87 -2.56
CA VAL I 297 14.46 -9.08 -1.39
C VAL I 297 13.21 -8.28 -0.95
N ARG I 298 12.74 -8.54 0.27
CA ARG I 298 11.47 -7.99 0.72
C ARG I 298 11.63 -6.98 1.85
N GLU I 299 10.49 -6.48 2.35
CA GLU I 299 10.33 -5.14 2.92
C GLU I 299 11.38 -4.70 3.93
N PRO I 300 11.52 -5.32 5.13
CA PRO I 300 12.38 -4.72 6.16
C PRO I 300 13.81 -4.61 5.64
N ASN I 301 14.27 -5.60 4.88
CA ASN I 301 15.60 -5.63 4.27
C ASN I 301 15.76 -4.51 3.23
N ILE I 302 14.81 -4.40 2.28
CA ILE I 302 14.91 -3.48 1.16
C ILE I 302 14.56 -2.03 1.54
N ASN I 303 14.22 -1.79 2.81
CA ASN I 303 14.10 -0.45 3.36
C ASN I 303 15.45 0.14 3.79
N HIS I 304 16.54 -0.62 3.68
CA HIS I 304 17.90 -0.14 3.96
C HIS I 304 18.65 0.17 2.68
N TYR I 305 19.40 1.27 2.74
CA TYR I 305 20.32 1.64 1.67
C TYR I 305 21.71 1.85 2.24
N VAL I 306 22.73 1.70 1.40
CA VAL I 306 24.10 2.01 1.76
C VAL I 306 24.59 2.96 0.67
N TYR I 307 25.20 4.07 1.07
CA TYR I 307 25.61 5.09 0.10
C TYR I 307 26.71 4.55 -0.82
N PRO I 308 26.55 4.60 -2.15
CA PRO I 308 27.64 4.31 -3.09
C PRO I 308 28.84 5.20 -2.82
N SER I 309 30.01 4.56 -2.69
CA SER I 309 31.27 5.22 -2.35
C SER I 309 31.22 6.05 -1.06
N GLY I 310 30.20 5.85 -0.21
CA GLY I 310 29.99 6.62 1.01
C GLY I 310 29.57 8.08 0.80
N ASN I 311 29.29 8.51 -0.43
CA ASN I 311 29.00 9.91 -0.72
C ASN I 311 27.53 10.24 -0.43
N TYR I 312 27.30 11.35 0.30
CA TYR I 312 25.95 11.82 0.59
C TYR I 312 25.94 13.30 0.97
N ALA I 313 24.73 13.87 0.97
CA ALA I 313 24.43 15.17 1.56
C ALA I 313 22.97 15.19 1.99
N GLN I 314 22.50 16.28 2.59
CA GLN I 314 21.09 16.39 2.96
C GLN I 314 20.18 16.29 1.73
N GLU I 315 20.63 16.78 0.57
CA GLU I 315 19.94 16.64 -0.71
C GLU I 315 19.61 15.18 -1.03
N SER I 316 20.62 14.30 -0.91
CA SER I 316 20.43 12.88 -1.19
C SER I 316 19.61 12.21 -0.10
N ILE I 317 19.80 12.58 1.17
CA ILE I 317 19.00 12.07 2.28
C ILE I 317 17.52 12.36 2.06
N ASP I 318 17.19 13.58 1.64
CA ASP I 318 15.82 13.99 1.36
C ASP I 318 15.18 13.12 0.28
N MET I 319 15.90 12.89 -0.83
CA MET I 319 15.44 12.02 -1.90
C MET I 319 15.31 10.56 -1.42
N LEU I 320 16.34 10.02 -0.77
CA LEU I 320 16.39 8.66 -0.27
C LEU I 320 15.31 8.37 0.76
N SER I 321 14.90 9.37 1.55
CA SER I 321 13.89 9.21 2.59
C SER I 321 12.52 8.82 2.03
N ASN I 322 12.29 9.00 0.73
CA ASN I 322 11.06 8.53 0.09
C ASN I 322 11.08 7.02 -0.12
N TYR I 323 12.27 6.40 -0.12
CA TYR I 323 12.50 5.03 -0.59
C TYR I 323 13.06 4.13 0.51
N HIS I 324 13.85 4.70 1.45
CA HIS I 324 14.60 3.99 2.47
C HIS I 324 14.43 4.68 3.83
N VAL I 325 14.65 3.92 4.92
CA VAL I 325 14.55 4.43 6.27
C VAL I 325 15.92 4.76 6.88
N MET I 326 16.99 4.19 6.33
CA MET I 326 18.29 4.26 6.97
C MET I 326 19.39 4.13 5.91
N SER I 327 20.51 4.84 6.12
CA SER I 327 21.68 4.71 5.27
C SER I 327 22.97 4.95 6.02
N TRP I 328 24.03 4.42 5.42
CA TRP I 328 25.33 4.33 6.05
C TRP I 328 26.42 4.83 5.11
N GLY I 329 27.33 5.63 5.67
CA GLY I 329 28.53 6.11 4.99
C GLY I 329 29.76 5.25 5.31
N THR I 330 30.94 5.76 4.96
CA THR I 330 32.18 5.00 5.07
C THR I 330 33.23 5.77 5.89
N GLY I 331 34.03 5.02 6.64
CA GLY I 331 35.19 5.50 7.35
C GLY I 331 36.20 4.38 7.53
N ALA I 332 37.39 4.74 8.06
CA ALA I 332 38.50 3.81 8.13
C ALA I 332 39.03 3.60 9.56
N GLU I 333 38.46 4.30 10.55
CA GLU I 333 38.90 4.17 11.93
C GLU I 333 37.82 3.58 12.82
N SER I 334 38.25 3.05 13.95
CA SER I 334 37.45 2.25 14.86
C SER I 334 36.17 2.99 15.29
N PHE I 335 36.28 4.27 15.62
CA PHE I 335 35.13 5.06 16.05
C PHE I 335 34.11 5.29 14.92
N ASP I 336 34.50 5.18 13.66
CA ASP I 336 33.58 5.24 12.54
C ASP I 336 32.56 4.11 12.55
N ALA I 337 32.96 2.91 12.99
CA ALA I 337 32.03 1.81 13.13
C ALA I 337 30.97 2.09 14.19
N LEU I 338 31.33 2.90 15.20
CA LEU I 338 30.69 2.82 16.49
C LEU I 338 29.60 3.87 16.64
N THR I 339 28.44 3.42 17.10
CA THR I 339 27.37 4.31 17.53
C THR I 339 26.83 3.77 18.85
N PRO I 340 26.17 4.61 19.67
CA PRO I 340 25.29 4.11 20.71
C PRO I 340 24.23 3.19 20.10
N ASN I 341 23.64 2.33 20.93
CA ASN I 341 22.61 1.40 20.50
C ASN I 341 21.32 2.11 20.09
N GLN I 342 21.08 3.30 20.65
CA GLN I 342 20.02 4.20 20.20
C GLN I 342 20.65 5.29 19.33
N LEU I 343 20.26 5.33 18.06
CA LEU I 343 20.65 6.40 17.16
C LEU I 343 19.79 7.64 17.40
N THR I 344 20.31 8.79 16.94
CA THR I 344 19.48 9.97 16.75
C THR I 344 19.42 10.38 15.27
N SER I 345 20.36 9.91 14.44
CA SER I 345 20.20 9.98 12.99
C SER I 345 20.34 8.60 12.35
N PRO I 346 19.35 8.12 11.56
CA PRO I 346 19.53 6.91 10.76
C PRO I 346 20.22 7.16 9.43
N TRP I 347 20.78 8.37 9.20
CA TRP I 347 21.28 8.81 7.91
C TRP I 347 22.75 9.22 7.91
N HIS I 348 23.30 9.67 9.05
CA HIS I 348 24.63 10.29 9.07
C HIS I 348 25.73 9.37 9.62
N ASN I 349 25.39 8.12 9.96
CA ASN I 349 26.32 7.22 10.62
C ASN I 349 27.19 6.45 9.64
N LEU I 350 28.43 6.18 10.06
CA LEU I 350 29.44 5.56 9.20
C LEU I 350 29.63 4.07 9.52
N ARG I 351 30.44 3.41 8.67
CA ARG I 351 30.87 2.03 8.82
C ARG I 351 32.38 2.02 8.75
N CYS I 352 33.04 1.05 9.40
CA CYS I 352 34.49 0.95 9.34
C CYS I 352 34.92 -0.12 8.34
N SER I 353 35.80 0.26 7.40
CA SER I 353 36.37 -0.65 6.42
C SER I 353 37.41 -1.58 7.05
N PHE I 354 37.40 -2.87 6.66
CA PHE I 354 38.57 -3.72 6.83
C PHE I 354 39.19 -4.19 5.52
N ASP I 355 38.96 -3.45 4.43
CA ASP I 355 39.62 -3.65 3.14
C ASP I 355 41.14 -3.47 3.22
N SER I 356 41.62 -2.60 4.13
CA SER I 356 43.02 -2.20 4.21
C SER I 356 43.66 -2.61 5.55
N GLY I 357 43.22 -3.75 6.10
CA GLY I 357 43.71 -4.26 7.36
C GLY I 357 42.60 -4.36 8.39
N THR I 358 42.61 -5.43 9.20
CA THR I 358 41.46 -5.73 10.06
C THR I 358 41.52 -5.02 11.41
N ALA I 359 42.65 -4.37 11.75
CA ALA I 359 42.95 -3.85 13.08
C ALA I 359 41.89 -2.89 13.61
N GLU I 360 41.46 -1.89 12.83
CA GLU I 360 40.50 -0.89 13.27
C GLU I 360 39.11 -1.49 13.50
N ALA I 361 38.72 -2.42 12.61
CA ALA I 361 37.45 -3.12 12.70
C ALA I 361 37.42 -4.08 13.90
N GLU I 362 38.51 -4.81 14.12
CA GLU I 362 38.61 -5.70 15.28
C GLU I 362 38.61 -4.89 16.57
N GLN I 363 39.36 -3.77 16.61
CA GLN I 363 39.33 -2.80 17.70
C GLN I 363 37.91 -2.32 17.97
N ALA I 364 37.14 -1.99 16.92
CA ALA I 364 35.76 -1.55 17.04
C ALA I 364 34.87 -2.62 17.67
N VAL I 365 35.04 -3.88 17.29
CA VAL I 365 34.25 -5.00 17.81
C VAL I 365 34.54 -5.18 19.30
N ASN I 366 35.81 -5.16 19.70
CA ASN I 366 36.22 -5.22 21.09
C ASN I 366 35.67 -4.04 21.90
N ASP I 367 35.68 -2.84 21.30
CA ASP I 367 35.17 -1.63 21.93
C ASP I 367 33.65 -1.63 22.05
N ALA I 368 32.93 -2.14 21.05
CA ALA I 368 31.47 -2.34 21.10
C ALA I 368 31.08 -3.23 22.27
N ALA I 369 31.83 -4.32 22.49
CA ALA I 369 31.62 -5.23 23.60
C ALA I 369 31.86 -4.52 24.93
N THR I 370 32.99 -3.82 25.04
CA THR I 370 33.45 -3.21 26.28
C THR I 370 32.56 -2.03 26.70
N TYR I 371 32.21 -1.16 25.74
CA TYR I 371 31.57 0.12 26.00
C TYR I 371 30.08 0.16 25.60
N ASN I 372 29.49 -1.00 25.31
CA ASN I 372 28.05 -1.17 25.05
C ASN I 372 27.58 -0.29 23.90
N GLN I 373 28.17 -0.53 22.73
CA GLN I 373 27.89 0.23 21.52
C GLN I 373 27.63 -0.74 20.36
N THR I 374 27.15 -0.20 19.25
CA THR I 374 26.95 -0.96 18.03
C THR I 374 28.07 -0.61 17.07
N ALA I 375 28.81 -1.62 16.59
CA ALA I 375 29.83 -1.45 15.57
C ALA I 375 29.29 -1.91 14.22
N HIS I 376 29.33 -1.04 13.21
CA HIS I 376 29.05 -1.43 11.84
C HIS I 376 30.38 -1.49 11.08
N ILE I 377 30.75 -2.70 10.64
CA ILE I 377 31.98 -2.92 9.91
C ILE I 377 31.64 -3.43 8.51
N TYR I 378 32.52 -3.13 7.55
CA TYR I 378 32.24 -3.45 6.17
C TYR I 378 33.52 -3.78 5.40
N PHE I 379 33.32 -4.43 4.25
CA PHE I 379 34.40 -4.69 3.33
C PHE I 379 33.90 -4.93 1.91
N HIS I 380 34.83 -4.88 0.96
CA HIS I 380 34.62 -5.50 -0.34
C HIS I 380 35.39 -6.82 -0.32
N SER I 381 34.73 -7.90 -0.71
CA SER I 381 35.30 -9.23 -0.57
C SER I 381 36.47 -9.50 -1.51
N ASP I 382 36.69 -8.66 -2.54
CA ASP I 382 37.88 -8.75 -3.38
C ASP I 382 39.12 -8.18 -2.68
N ASN I 383 38.95 -7.22 -1.76
CA ASN I 383 40.04 -6.60 -1.03
C ASN I 383 40.53 -7.43 0.16
N VAL I 384 39.70 -8.35 0.67
CA VAL I 384 39.94 -9.06 1.92
C VAL I 384 40.24 -10.53 1.65
N THR I 385 41.30 -11.07 2.31
CA THR I 385 41.61 -12.49 2.19
C THR I 385 40.71 -13.34 3.08
N GLN I 386 40.61 -14.65 2.82
CA GLN I 386 39.81 -15.52 3.67
C GLN I 386 40.30 -15.54 5.13
N SER I 387 41.63 -15.55 5.32
CA SER I 387 42.21 -15.53 6.66
C SER I 387 41.94 -14.22 7.41
N GLU I 388 41.81 -13.09 6.69
CA GLU I 388 41.36 -11.82 7.28
C GLU I 388 39.89 -11.88 7.70
N MET I 389 39.00 -12.41 6.83
CA MET I 389 37.60 -12.60 7.19
C MET I 389 37.48 -13.49 8.42
N GLU I 390 38.28 -14.56 8.49
CA GLU I 390 38.31 -15.47 9.62
C GLU I 390 38.76 -14.77 10.89
N SER I 391 39.80 -13.92 10.83
CA SER I 391 40.25 -13.12 11.95
C SER I 391 39.13 -12.25 12.53
N VAL I 392 38.41 -11.53 11.65
CA VAL I 392 37.28 -10.69 12.03
C VAL I 392 36.13 -11.52 12.60
N ALA I 393 35.75 -12.61 11.93
CA ALA I 393 34.66 -13.48 12.35
C ALA I 393 34.94 -14.13 13.72
N GLN I 394 36.19 -14.58 13.95
CA GLN I 394 36.61 -15.08 15.25
C GLN I 394 36.61 -13.97 16.32
N THR I 395 37.00 -12.75 15.95
CA THR I 395 36.93 -11.60 16.85
C THR I 395 35.49 -11.32 17.30
N ILE I 396 34.53 -11.36 16.37
CA ILE I 396 33.12 -11.18 16.66
C ILE I 396 32.57 -12.31 17.53
N ASN I 397 32.97 -13.56 17.26
CA ASN I 397 32.52 -14.71 18.01
C ASN I 397 33.01 -14.68 19.47
N SER I 398 34.28 -14.28 19.68
CA SER I 398 34.90 -14.27 21.00
C SER I 398 34.50 -13.08 21.86
N ALA I 399 34.09 -11.95 21.24
CA ALA I 399 33.66 -10.75 21.94
C ALA I 399 32.24 -10.86 22.53
N ASP I 400 31.94 -10.10 23.59
CA ASP I 400 30.60 -10.00 24.15
C ASP I 400 29.69 -9.07 23.32
N VAL I 401 29.45 -9.48 22.07
CA VAL I 401 28.54 -8.76 21.18
C VAL I 401 27.46 -9.70 20.67
N THR I 402 26.29 -9.14 20.40
CA THR I 402 25.30 -9.83 19.58
C THR I 402 25.52 -9.38 18.14
N PRO I 403 25.84 -10.29 17.20
CA PRO I 403 25.81 -9.92 15.78
C PRO I 403 24.37 -9.84 15.29
N ILE I 404 24.02 -8.75 14.58
CA ILE I 404 22.64 -8.43 14.24
C ILE I 404 22.51 -8.01 12.77
N THR I 405 21.27 -8.06 12.27
CA THR I 405 20.94 -7.49 10.97
C THR I 405 20.66 -5.99 11.09
N LEU I 406 20.72 -5.28 9.96
CA LEU I 406 20.28 -3.89 9.88
C LEU I 406 18.79 -3.76 10.21
N MET I 407 17.98 -4.76 9.80
CA MET I 407 16.56 -4.80 10.10
C MET I 407 16.32 -4.81 11.61
N ASP I 408 17.03 -5.68 12.34
CA ASP I 408 16.98 -5.75 13.79
C ASP I 408 17.36 -4.39 14.38
N PHE I 409 18.49 -3.83 13.92
CA PHE I 409 18.99 -2.57 14.45
C PHE I 409 18.00 -1.41 14.27
N TYR I 410 17.36 -1.29 13.11
CA TYR I 410 16.38 -0.26 12.87
C TYR I 410 15.08 -0.49 13.66
N ASN I 411 14.65 -1.74 13.81
CA ASN I 411 13.49 -2.08 14.63
C ASN I 411 13.71 -1.84 16.13
N GLN I 412 14.95 -1.73 16.58
CA GLN I 412 15.28 -1.36 17.96
C GLN I 412 15.12 0.14 18.25
N GLN I 413 15.15 1.01 17.21
CA GLN I 413 15.20 2.47 17.37
C GLN I 413 13.88 3.08 17.85
ZN ZN J . -8.83 -25.93 11.59
MG MG K . 27.35 -25.27 10.73
MG MG L . -25.98 -21.96 -38.91
MG MG M . -23.32 -22.22 -44.22
MG MG N . -38.12 -11.11 -11.99
MG MG O . -1.37 -13.80 -49.70
MG MG P . -0.10 -9.03 -54.06
MG MG Q . -14.80 -29.30 -25.80
MG MG R . 5.72 13.03 -49.72
MG MG S . 2.88 17.70 -51.75
MG MG T . 12.05 -14.96 -36.74
MG MG U . -11.77 32.01 -38.71
MG MG V . -17.71 33.07 -39.66
MG MG W . 15.80 17.38 -34.49
MG MG X . -36.15 24.11 -28.03
MG MG Y . -40.81 20.31 -30.56
MG MG Z . -7.54 35.10 -20.77
MG MG AA . -43.17 -3.06 -28.10
MG MG BA . -43.38 -6.93 -32.53
MG MG CA . -34.78 21.01 -9.60
ZN ZN DA . -8.31 22.50 17.58
MG MG EA . -16.36 -8.80 34.05
ZN ZN FA . 29.52 0.09 -3.62
MG MG GA . 20.62 25.56 20.65
#